data_8J2Q
# 
_entry.id   8J2Q 
# 
_audit_conform.dict_name       mmcif_pdbx.dic 
_audit_conform.dict_version    5.395 
_audit_conform.dict_location   http://mmcif.pdb.org/dictionaries/ascii/mmcif_pdbx.dic 
# 
loop_
_database_2.database_id 
_database_2.database_code 
_database_2.pdbx_database_accession 
_database_2.pdbx_DOI 
PDB   8J2Q         pdb_00008j2q 10.2210/pdb8j2q/pdb 
WWPDB D_1300037060 ?            ?                   
# 
loop_
_pdbx_audit_revision_history.ordinal 
_pdbx_audit_revision_history.data_content_type 
_pdbx_audit_revision_history.major_revision 
_pdbx_audit_revision_history.minor_revision 
_pdbx_audit_revision_history.revision_date 
1 'Structure model' 1 0 2024-04-17 
2 'Structure model' 1 1 2024-07-03 
# 
_pdbx_audit_revision_details.ordinal             1 
_pdbx_audit_revision_details.revision_ordinal    1 
_pdbx_audit_revision_details.data_content_type   'Structure model' 
_pdbx_audit_revision_details.provider            repository 
_pdbx_audit_revision_details.type                'Initial release' 
_pdbx_audit_revision_details.description         ? 
_pdbx_audit_revision_details.details             ? 
# 
_pdbx_audit_revision_group.ordinal             1 
_pdbx_audit_revision_group.revision_ordinal    2 
_pdbx_audit_revision_group.data_content_type   'Structure model' 
_pdbx_audit_revision_group.group               'Database references' 
# 
loop_
_pdbx_audit_revision_category.ordinal 
_pdbx_audit_revision_category.revision_ordinal 
_pdbx_audit_revision_category.data_content_type 
_pdbx_audit_revision_category.category 
1 2 'Structure model' citation        
2 2 'Structure model' citation_author 
# 
loop_
_pdbx_audit_revision_item.ordinal 
_pdbx_audit_revision_item.revision_ordinal 
_pdbx_audit_revision_item.data_content_type 
_pdbx_audit_revision_item.item 
1  2 'Structure model' '_citation.country'                 
2  2 'Structure model' '_citation.journal_abbrev'          
3  2 'Structure model' '_citation.journal_id_ASTM'         
4  2 'Structure model' '_citation.journal_id_CSD'          
5  2 'Structure model' '_citation.journal_id_ISSN'         
6  2 'Structure model' '_citation.journal_volume'          
7  2 'Structure model' '_citation.page_first'              
8  2 'Structure model' '_citation.page_last'               
9  2 'Structure model' '_citation.pdbx_database_id_DOI'    
10 2 'Structure model' '_citation.pdbx_database_id_PubMed' 
11 2 'Structure model' '_citation.title'                   
12 2 'Structure model' '_citation.year'                    
# 
_pdbx_database_status.status_code                     REL 
_pdbx_database_status.status_code_sf                  REL 
_pdbx_database_status.status_code_mr                  ? 
_pdbx_database_status.entry_id                        8J2Q 
_pdbx_database_status.recvd_initial_deposition_date   2023-04-15 
_pdbx_database_status.SG_entry                        N 
_pdbx_database_status.deposit_site                    PDBJ 
_pdbx_database_status.process_site                    PDBJ 
_pdbx_database_status.status_code_cs                  ? 
_pdbx_database_status.status_code_nmr_data            ? 
_pdbx_database_status.methods_development_category    ? 
_pdbx_database_status.pdb_format_compatible           Y 
# 
_pdbx_contact_author.id                 2 
_pdbx_contact_author.email              tueno@bio.titech.ac.jp 
_pdbx_contact_author.name_first         Takafumi 
_pdbx_contact_author.name_last          Ueno 
_pdbx_contact_author.name_mi            ? 
_pdbx_contact_author.role               'principal investigator/group leader' 
_pdbx_contact_author.identifier_ORCID   0000-0001-9219-0726 
# 
loop_
_audit_author.name 
_audit_author.pdbx_ordinal 
_audit_author.identifier_ORCID 
'Kojima, M.' 1 0000-0002-9853-323X 
'Ueno, T.'   2 0000-0001-9219-0726 
'Abe, S.'    3 0000-0002-9403-4089 
'Hirata, K.' 4 ?                   
# 
_citation.abstract                  ? 
_citation.abstract_id_CAS           ? 
_citation.book_id_ISBN              ? 
_citation.book_publisher            ? 
_citation.book_publisher_city       ? 
_citation.book_title                ? 
_citation.coordinate_linkage        ? 
_citation.country                   US 
_citation.database_id_Medline       ? 
_citation.details                   ? 
_citation.id                        primary 
_citation.journal_abbrev            Proc.Natl.Acad.Sci.USA 
_citation.journal_id_ASTM           PNASA6 
_citation.journal_id_CSD            0040 
_citation.journal_id_ISSN           1091-6490 
_citation.journal_full              ? 
_citation.journal_issue             ? 
_citation.journal_volume            121 
_citation.language                  ? 
_citation.page_first                e2322452121 
_citation.page_last                 e2322452121 
_citation.title                     
'High-throughput structure determination of an intrinsically disordered protein using cell-free protein crystallization.' 
_citation.year                      2024 
_citation.database_id_CSD           ? 
_citation.pdbx_database_id_DOI      10.1073/pnas.2322452121 
_citation.pdbx_database_id_PubMed   38861600 
_citation.pdbx_database_id_patent   ? 
_citation.unpublished_flag          ? 
# 
loop_
_citation_author.citation_id 
_citation_author.name 
_citation_author.ordinal 
_citation_author.identifier_ORCID 
primary 'Kojima, M.'    1 0000-0002-9853-323X 
primary 'Abe, S.'       2 ?                   
primary 'Furuta, T.'    3 0000-0003-4568-9043 
primary 'Hirata, K.'    4 ?                   
primary 'Yao, X.'       5 ?                   
primary 'Kobayashi, A.' 6 ?                   
primary 'Kobayashi, R.' 7 ?                   
primary 'Ueno, T.'      8 0000-0001-9219-0726 
# 
loop_
_entity.id 
_entity.type 
_entity.src_method 
_entity.pdbx_description 
_entity.formula_weight 
_entity.pdbx_number_of_molecules 
_entity.pdbx_ec 
_entity.pdbx_mutation 
_entity.pdbx_fragment 
_entity.details 
1 polymer man 'Polyhedrin,Myc proto-oncogene protein' 28329.352 1  ? ? ? ? 
2 water   nat water                                   18.015    41 ? ? ? ? 
# 
_entity_name_com.entity_id   1 
_entity_name_com.name        
'C-polyhedrin,Class E basic helix-loop-helix protein 39,bHLHe39,Proto-oncogene c-Myc,Transcription factor p64' 
# 
_entity_poly.entity_id                      1 
_entity_poly.type                           'polypeptide(L)' 
_entity_poly.nstd_linkage                   no 
_entity_poly.nstd_monomer                   no 
_entity_poly.pdbx_seq_one_letter_code       
;MADVAGTSNRDFRGYILSVQAEEQKNYNNSLNGEVSVWVYAYYSDGSVLVINKNSQYKVGISETFKALKEYREGQHNDSY
DEYEVNQSIYYPNGGDARKFHSNAKPRAIQIIFSPSVNVRTIKMAKGNAVSVPDEYLQRSHPWEATGIKYRKIKRDGEIV
GYSHYFELPHEYNSISLAVSGVHKNPSSYNVGSAHNVMDVFQSCDLALRFCNRYWAELELVNHYISPNAYPYLDINNHSY
GVALSNRQ
;
_entity_poly.pdbx_seq_one_letter_code_can   
;MADVAGTSNRDFRGYILSVQAEEQKNYNNSLNGEVSVWVYAYYSDGSVLVINKNSQYKVGISETFKALKEYREGQHNDSY
DEYEVNQSIYYPNGGDARKFHSNAKPRAIQIIFSPSVNVRTIKMAKGNAVSVPDEYLQRSHPWEATGIKYRKIKRDGEIV
GYSHYFELPHEYNSISLAVSGVHKNPSSYNVGSAHNVMDVFQSCDLALRFCNRYWAELELVNHYISPNAYPYLDINNHSY
GVALSNRQ
;
_entity_poly.pdbx_strand_id                 A 
_entity_poly.pdbx_target_identifier         ? 
# 
_pdbx_entity_nonpoly.entity_id   2 
_pdbx_entity_nonpoly.name        water 
_pdbx_entity_nonpoly.comp_id     HOH 
# 
loop_
_entity_poly_seq.entity_id 
_entity_poly_seq.num 
_entity_poly_seq.mon_id 
_entity_poly_seq.hetero 
1 1   MET n 
1 2   ALA n 
1 3   ASP n 
1 4   VAL n 
1 5   ALA n 
1 6   GLY n 
1 7   THR n 
1 8   SER n 
1 9   ASN n 
1 10  ARG n 
1 11  ASP n 
1 12  PHE n 
1 13  ARG n 
1 14  GLY n 
1 15  TYR n 
1 16  ILE n 
1 17  LEU n 
1 18  SER n 
1 19  VAL n 
1 20  GLN n 
1 21  ALA n 
1 22  GLU n 
1 23  GLU n 
1 24  GLN n 
1 25  LYS n 
1 26  ASN n 
1 27  TYR n 
1 28  ASN n 
1 29  ASN n 
1 30  SER n 
1 31  LEU n 
1 32  ASN n 
1 33  GLY n 
1 34  GLU n 
1 35  VAL n 
1 36  SER n 
1 37  VAL n 
1 38  TRP n 
1 39  VAL n 
1 40  TYR n 
1 41  ALA n 
1 42  TYR n 
1 43  TYR n 
1 44  SER n 
1 45  ASP n 
1 46  GLY n 
1 47  SER n 
1 48  VAL n 
1 49  LEU n 
1 50  VAL n 
1 51  ILE n 
1 52  ASN n 
1 53  LYS n 
1 54  ASN n 
1 55  SER n 
1 56  GLN n 
1 57  TYR n 
1 58  LYS n 
1 59  VAL n 
1 60  GLY n 
1 61  ILE n 
1 62  SER n 
1 63  GLU n 
1 64  THR n 
1 65  PHE n 
1 66  LYS n 
1 67  ALA n 
1 68  LEU n 
1 69  LYS n 
1 70  GLU n 
1 71  TYR n 
1 72  ARG n 
1 73  GLU n 
1 74  GLY n 
1 75  GLN n 
1 76  HIS n 
1 77  ASN n 
1 78  ASP n 
1 79  SER n 
1 80  TYR n 
1 81  ASP n 
1 82  GLU n 
1 83  TYR n 
1 84  GLU n 
1 85  VAL n 
1 86  ASN n 
1 87  GLN n 
1 88  SER n 
1 89  ILE n 
1 90  TYR n 
1 91  TYR n 
1 92  PRO n 
1 93  ASN n 
1 94  GLY n 
1 95  GLY n 
1 96  ASP n 
1 97  ALA n 
1 98  ARG n 
1 99  LYS n 
1 100 PHE n 
1 101 HIS n 
1 102 SER n 
1 103 ASN n 
1 104 ALA n 
1 105 LYS n 
1 106 PRO n 
1 107 ARG n 
1 108 ALA n 
1 109 ILE n 
1 110 GLN n 
1 111 ILE n 
1 112 ILE n 
1 113 PHE n 
1 114 SER n 
1 115 PRO n 
1 116 SER n 
1 117 VAL n 
1 118 ASN n 
1 119 VAL n 
1 120 ARG n 
1 121 THR n 
1 122 ILE n 
1 123 LYS n 
1 124 MET n 
1 125 ALA n 
1 126 LYS n 
1 127 GLY n 
1 128 ASN n 
1 129 ALA n 
1 130 VAL n 
1 131 SER n 
1 132 VAL n 
1 133 PRO n 
1 134 ASP n 
1 135 GLU n 
1 136 TYR n 
1 137 LEU n 
1 138 GLN n 
1 139 ARG n 
1 140 SER n 
1 141 HIS n 
1 142 PRO n 
1 143 TRP n 
1 144 GLU n 
1 145 ALA n 
1 146 THR n 
1 147 GLY n 
1 148 ILE n 
1 149 LYS n 
1 150 TYR n 
1 151 ARG n 
1 152 LYS n 
1 153 ILE n 
1 154 LYS n 
1 155 ARG n 
1 156 ASP n 
1 157 GLY n 
1 158 GLU n 
1 159 ILE n 
1 160 VAL n 
1 161 GLY n 
1 162 TYR n 
1 163 SER n 
1 164 HIS n 
1 165 TYR n 
1 166 PHE n 
1 167 GLU n 
1 168 LEU n 
1 169 PRO n 
1 170 HIS n 
1 171 GLU n 
1 172 TYR n 
1 173 ASN n 
1 174 SER n 
1 175 ILE n 
1 176 SER n 
1 177 LEU n 
1 178 ALA n 
1 179 VAL n 
1 180 SER n 
1 181 GLY n 
1 182 VAL n 
1 183 HIS n 
1 184 LYS n 
1 185 ASN n 
1 186 PRO n 
1 187 SER n 
1 188 SER n 
1 189 TYR n 
1 190 ASN n 
1 191 VAL n 
1 192 GLY n 
1 193 SER n 
1 194 ALA n 
1 195 HIS n 
1 196 ASN n 
1 197 VAL n 
1 198 MET n 
1 199 ASP n 
1 200 VAL n 
1 201 PHE n 
1 202 GLN n 
1 203 SER n 
1 204 CYS n 
1 205 ASP n 
1 206 LEU n 
1 207 ALA n 
1 208 LEU n 
1 209 ARG n 
1 210 PHE n 
1 211 CYS n 
1 212 ASN n 
1 213 ARG n 
1 214 TYR n 
1 215 TRP n 
1 216 ALA n 
1 217 GLU n 
1 218 LEU n 
1 219 GLU n 
1 220 LEU n 
1 221 VAL n 
1 222 ASN n 
1 223 HIS n 
1 224 TYR n 
1 225 ILE n 
1 226 SER n 
1 227 PRO n 
1 228 ASN n 
1 229 ALA n 
1 230 TYR n 
1 231 PRO n 
1 232 TYR n 
1 233 LEU n 
1 234 ASP n 
1 235 ILE n 
1 236 ASN n 
1 237 ASN n 
1 238 HIS n 
1 239 SER n 
1 240 TYR n 
1 241 GLY n 
1 242 VAL n 
1 243 ALA n 
1 244 LEU n 
1 245 SER n 
1 246 ASN n 
1 247 ARG n 
1 248 GLN n 
# 
loop_
_entity_src_gen.entity_id 
_entity_src_gen.pdbx_src_id 
_entity_src_gen.pdbx_alt_source_flag 
_entity_src_gen.pdbx_seq_type 
_entity_src_gen.pdbx_beg_seq_num 
_entity_src_gen.pdbx_end_seq_num 
_entity_src_gen.gene_src_common_name 
_entity_src_gen.gene_src_genus 
_entity_src_gen.pdbx_gene_src_gene 
_entity_src_gen.gene_src_species 
_entity_src_gen.gene_src_strain 
_entity_src_gen.gene_src_tissue 
_entity_src_gen.gene_src_tissue_fraction 
_entity_src_gen.gene_src_details 
_entity_src_gen.pdbx_gene_src_fragment 
_entity_src_gen.pdbx_gene_src_scientific_name 
_entity_src_gen.pdbx_gene_src_ncbi_taxonomy_id 
_entity_src_gen.pdbx_gene_src_variant 
_entity_src_gen.pdbx_gene_src_cell_line 
_entity_src_gen.pdbx_gene_src_atcc 
_entity_src_gen.pdbx_gene_src_organ 
_entity_src_gen.pdbx_gene_src_organelle 
_entity_src_gen.pdbx_gene_src_cell 
_entity_src_gen.pdbx_gene_src_cellular_location 
_entity_src_gen.host_org_common_name 
_entity_src_gen.pdbx_host_org_scientific_name 
_entity_src_gen.pdbx_host_org_ncbi_taxonomy_id 
_entity_src_gen.host_org_genus 
_entity_src_gen.pdbx_host_org_gene 
_entity_src_gen.pdbx_host_org_organ 
_entity_src_gen.host_org_species 
_entity_src_gen.pdbx_host_org_tissue 
_entity_src_gen.pdbx_host_org_tissue_fraction 
_entity_src_gen.pdbx_host_org_strain 
_entity_src_gen.pdbx_host_org_variant 
_entity_src_gen.pdbx_host_org_cell_line 
_entity_src_gen.pdbx_host_org_atcc 
_entity_src_gen.pdbx_host_org_culture_collection 
_entity_src_gen.pdbx_host_org_cell 
_entity_src_gen.pdbx_host_org_organelle 
_entity_src_gen.pdbx_host_org_cellular_location 
_entity_src_gen.pdbx_host_org_vector_type 
_entity_src_gen.pdbx_host_org_vector 
_entity_src_gen.host_org_details 
_entity_src_gen.expression_system_id 
_entity_src_gen.plasmid_name 
_entity_src_gen.plasmid_details 
_entity_src_gen.pdbx_description 
1 1 sample 'Biological sequence' 1  14  BmCPV ? ?              ? ? ? ? 'cell-free synthesis' ? 
'Bombyx mori cytoplasmic polyhedrosis virus' 110829 ? ? ? ? ? ? ? ? 'Triticum aestivum' 4565 ? ? ? ? ? ? ? ? ? ? ? ? ? ? ? ? ? ? ? 
? ? 
1 2 sample 'Biological sequence' 15 25  human ? 'MYC, BHLHE39' ? ? ? ? 'cell-free synthesis' ? 'Homo sapiens' 9606   ? ? ? ? ? ? ? 
? 'Triticum aestivum' 4565 ? ? ? ? ? ? ? ? ? ? ? ? ? ? ? ? ? ? ? ? ? 
1 3 sample 'Biological sequence' 26 248 ?     ? ?              ? ? ? ? 'cell-free synthesis' ? 
'Bombyx mori cytoplasmic polyhedrosis virus' 110829 ? ? ? ? ? ? ? ? 'Triticum aestivum' 4565 ? ? ? ? ? ? ? ? ? ? ? ? ? ? ? ? ? ? ? 
? ? 
# 
loop_
_chem_comp.id 
_chem_comp.type 
_chem_comp.mon_nstd_flag 
_chem_comp.name 
_chem_comp.pdbx_synonyms 
_chem_comp.formula 
_chem_comp.formula_weight 
ALA 'L-peptide linking' y ALANINE         ? 'C3 H7 N O2'     89.093  
ARG 'L-peptide linking' y ARGININE        ? 'C6 H15 N4 O2 1' 175.209 
ASN 'L-peptide linking' y ASPARAGINE      ? 'C4 H8 N2 O3'    132.118 
ASP 'L-peptide linking' y 'ASPARTIC ACID' ? 'C4 H7 N O4'     133.103 
CYS 'L-peptide linking' y CYSTEINE        ? 'C3 H7 N O2 S'   121.158 
GLN 'L-peptide linking' y GLUTAMINE       ? 'C5 H10 N2 O3'   146.144 
GLU 'L-peptide linking' y 'GLUTAMIC ACID' ? 'C5 H9 N O4'     147.129 
GLY 'peptide linking'   y GLYCINE         ? 'C2 H5 N O2'     75.067  
HIS 'L-peptide linking' y HISTIDINE       ? 'C6 H10 N3 O2 1' 156.162 
HOH non-polymer         . WATER           ? 'H2 O'           18.015  
ILE 'L-peptide linking' y ISOLEUCINE      ? 'C6 H13 N O2'    131.173 
LEU 'L-peptide linking' y LEUCINE         ? 'C6 H13 N O2'    131.173 
LYS 'L-peptide linking' y LYSINE          ? 'C6 H15 N2 O2 1' 147.195 
MET 'L-peptide linking' y METHIONINE      ? 'C5 H11 N O2 S'  149.211 
PHE 'L-peptide linking' y PHENYLALANINE   ? 'C9 H11 N O2'    165.189 
PRO 'L-peptide linking' y PROLINE         ? 'C5 H9 N O2'     115.130 
SER 'L-peptide linking' y SERINE          ? 'C3 H7 N O3'     105.093 
THR 'L-peptide linking' y THREONINE       ? 'C4 H9 N O3'     119.119 
TRP 'L-peptide linking' y TRYPTOPHAN      ? 'C11 H12 N2 O2'  204.225 
TYR 'L-peptide linking' y TYROSINE        ? 'C9 H11 N O3'    181.189 
VAL 'L-peptide linking' y VALINE          ? 'C5 H11 N O2'    117.146 
# 
loop_
_pdbx_poly_seq_scheme.asym_id 
_pdbx_poly_seq_scheme.entity_id 
_pdbx_poly_seq_scheme.seq_id 
_pdbx_poly_seq_scheme.mon_id 
_pdbx_poly_seq_scheme.ndb_seq_num 
_pdbx_poly_seq_scheme.pdb_seq_num 
_pdbx_poly_seq_scheme.auth_seq_num 
_pdbx_poly_seq_scheme.pdb_mon_id 
_pdbx_poly_seq_scheme.auth_mon_id 
_pdbx_poly_seq_scheme.pdb_strand_id 
_pdbx_poly_seq_scheme.pdb_ins_code 
_pdbx_poly_seq_scheme.hetero 
A 1 1   MET 1   1   ?   ?   ?   A . n 
A 1 2   ALA 2   2   ?   ?   ?   A . n 
A 1 3   ASP 3   3   ?   ?   ?   A . n 
A 1 4   VAL 4   4   ?   ?   ?   A . n 
A 1 5   ALA 5   5   ?   ?   ?   A . n 
A 1 6   GLY 6   6   ?   ?   ?   A . n 
A 1 7   THR 7   7   ?   ?   ?   A . n 
A 1 8   SER 8   8   ?   ?   ?   A . n 
A 1 9   ASN 9   9   ?   ?   ?   A . n 
A 1 10  ARG 10  10  ?   ?   ?   A . n 
A 1 11  ASP 11  11  11  ASP ASP A . n 
A 1 12  PHE 12  12  12  PHE PHE A . n 
A 1 13  ARG 13  13  13  ARG ARG A . n 
A 1 14  GLY 14  14  14  GLY GLY A . n 
A 1 15  TYR 15  15  15  TYR ALA A . n 
A 1 16  ILE 16  16  16  ILE ILE A . n 
A 1 17  LEU 17  17  17  LEU LEU A . n 
A 1 18  SER 18  18  18  SER SER A . n 
A 1 19  VAL 19  19  19  VAL VAL A . n 
A 1 20  GLN 20  20  20  GLN GLN A . n 
A 1 21  ALA 21  21  21  ALA ALA A . n 
A 1 22  GLU 22  22  22  GLU GLU A . n 
A 1 23  GLU 23  23  23  GLU GLU A . n 
A 1 24  GLN 24  24  24  GLN GLN A . n 
A 1 25  LYS 25  25  25  LYS LYS A . n 
A 1 26  ASN 26  26  26  ASN ASN A . n 
A 1 27  TYR 27  27  27  TYR TYR A . n 
A 1 28  ASN 28  28  28  ASN ASN A . n 
A 1 29  ASN 29  29  29  ASN ASN A . n 
A 1 30  SER 30  30  30  SER SER A . n 
A 1 31  LEU 31  31  31  LEU LEU A . n 
A 1 32  ASN 32  32  32  ASN ASN A . n 
A 1 33  GLY 33  33  33  GLY GLY A . n 
A 1 34  GLU 34  34  34  GLU GLU A . n 
A 1 35  VAL 35  35  35  VAL VAL A . n 
A 1 36  SER 36  36  36  SER SER A . n 
A 1 37  VAL 37  37  37  VAL VAL A . n 
A 1 38  TRP 38  38  38  TRP TRP A . n 
A 1 39  VAL 39  39  39  VAL VAL A . n 
A 1 40  TYR 40  40  40  TYR TYR A . n 
A 1 41  ALA 41  41  41  ALA ALA A . n 
A 1 42  TYR 42  42  42  TYR TYR A . n 
A 1 43  TYR 43  43  43  TYR TYR A . n 
A 1 44  SER 44  44  44  SER SER A . n 
A 1 45  ASP 45  45  45  ASP ASP A . n 
A 1 46  GLY 46  46  46  GLY GLY A . n 
A 1 47  SER 47  47  47  SER SER A . n 
A 1 48  VAL 48  48  48  VAL VAL A . n 
A 1 49  LEU 49  49  49  LEU LEU A . n 
A 1 50  VAL 50  50  50  VAL VAL A . n 
A 1 51  ILE 51  51  51  ILE ILE A . n 
A 1 52  ASN 52  52  52  ASN ASN A . n 
A 1 53  LYS 53  53  53  LYS LYS A . n 
A 1 54  ASN 54  54  54  ASN ASN A . n 
A 1 55  SER 55  55  55  SER SER A . n 
A 1 56  GLN 56  56  56  GLN GLN A . n 
A 1 57  TYR 57  57  57  TYR TYR A . n 
A 1 58  LYS 58  58  58  LYS LYS A . n 
A 1 59  VAL 59  59  59  VAL VAL A . n 
A 1 60  GLY 60  60  60  GLY GLY A . n 
A 1 61  ILE 61  61  61  ILE ILE A . n 
A 1 62  SER 62  62  62  SER SER A . n 
A 1 63  GLU 63  63  63  GLU GLU A . n 
A 1 64  THR 64  64  64  THR THR A . n 
A 1 65  PHE 65  65  65  PHE PHE A . n 
A 1 66  LYS 66  66  66  LYS ALA A . n 
A 1 67  ALA 67  67  67  ALA ALA A . n 
A 1 68  LEU 68  68  68  LEU LEU A . n 
A 1 69  LYS 69  69  69  LYS ALA A . n 
A 1 70  GLU 70  70  ?   ?   ?   A . n 
A 1 71  TYR 71  71  ?   ?   ?   A . n 
A 1 72  ARG 72  72  ?   ?   ?   A . n 
A 1 73  GLU 73  73  ?   ?   ?   A . n 
A 1 74  GLY 74  74  ?   ?   ?   A . n 
A 1 75  GLN 75  75  ?   ?   ?   A . n 
A 1 76  HIS 76  76  ?   ?   ?   A . n 
A 1 77  ASN 77  77  ?   ?   ?   A . n 
A 1 78  ASP 78  78  ?   ?   ?   A . n 
A 1 79  SER 79  79  ?   ?   ?   A . n 
A 1 80  TYR 80  80  ?   ?   ?   A . n 
A 1 81  ASP 81  81  ?   ?   ?   A . n 
A 1 82  GLU 82  82  ?   ?   ?   A . n 
A 1 83  TYR 83  83  ?   ?   ?   A . n 
A 1 84  GLU 84  84  ?   ?   ?   A . n 
A 1 85  VAL 85  85  ?   ?   ?   A . n 
A 1 86  ASN 86  86  ?   ?   ?   A . n 
A 1 87  GLN 87  87  ?   ?   ?   A . n 
A 1 88  SER 88  88  ?   ?   ?   A . n 
A 1 89  ILE 89  89  ?   ?   ?   A . n 
A 1 90  TYR 90  90  ?   ?   ?   A . n 
A 1 91  TYR 91  91  ?   ?   ?   A . n 
A 1 92  PRO 92  92  ?   ?   ?   A . n 
A 1 93  ASN 93  93  ?   ?   ?   A . n 
A 1 94  GLY 94  94  ?   ?   ?   A . n 
A 1 95  GLY 95  95  ?   ?   ?   A . n 
A 1 96  ASP 96  96  ?   ?   ?   A . n 
A 1 97  ALA 97  97  ?   ?   ?   A . n 
A 1 98  ARG 98  98  ?   ?   ?   A . n 
A 1 99  LYS 99  99  ?   ?   ?   A . n 
A 1 100 PHE 100 100 ?   ?   ?   A . n 
A 1 101 HIS 101 101 ?   ?   ?   A . n 
A 1 102 SER 102 102 ?   ?   ?   A . n 
A 1 103 ASN 103 103 103 ASN ALA A . n 
A 1 104 ALA 104 104 104 ALA ALA A . n 
A 1 105 LYS 105 105 105 LYS ALA A . n 
A 1 106 PRO 106 106 106 PRO PRO A . n 
A 1 107 ARG 107 107 107 ARG ALA A . n 
A 1 108 ALA 108 108 108 ALA ALA A . n 
A 1 109 ILE 109 109 109 ILE ILE A . n 
A 1 110 GLN 110 110 110 GLN GLN A . n 
A 1 111 ILE 111 111 111 ILE ILE A . n 
A 1 112 ILE 112 112 112 ILE ILE A . n 
A 1 113 PHE 113 113 113 PHE PHE A . n 
A 1 114 SER 114 114 114 SER SER A . n 
A 1 115 PRO 115 115 115 PRO PRO A . n 
A 1 116 SER 116 116 116 SER SER A . n 
A 1 117 VAL 117 117 117 VAL VAL A . n 
A 1 118 ASN 118 118 118 ASN ASN A . n 
A 1 119 VAL 119 119 119 VAL VAL A . n 
A 1 120 ARG 120 120 120 ARG ARG A . n 
A 1 121 THR 121 121 121 THR THR A . n 
A 1 122 ILE 122 122 122 ILE ILE A . n 
A 1 123 LYS 123 123 123 LYS LYS A . n 
A 1 124 MET 124 124 124 MET MET A . n 
A 1 125 ALA 125 125 125 ALA ALA A . n 
A 1 126 LYS 126 126 126 LYS LYS A . n 
A 1 127 GLY 127 127 127 GLY GLY A . n 
A 1 128 ASN 128 128 ?   ?   ?   A . n 
A 1 129 ALA 129 129 ?   ?   ?   A . n 
A 1 130 VAL 130 130 ?   ?   ?   A . n 
A 1 131 SER 131 131 ?   ?   ?   A . n 
A 1 132 VAL 132 132 ?   ?   ?   A . n 
A 1 133 PRO 133 133 ?   ?   ?   A . n 
A 1 134 ASP 134 134 ?   ?   ?   A . n 
A 1 135 GLU 135 135 135 GLU ALA A . n 
A 1 136 TYR 136 136 136 TYR TYR A . n 
A 1 137 LEU 137 137 137 LEU LEU A . n 
A 1 138 GLN 138 138 138 GLN GLN A . n 
A 1 139 ARG 139 139 139 ARG ARG A . n 
A 1 140 SER 140 140 140 SER ALA A . n 
A 1 141 HIS 141 141 141 HIS ALA A . n 
A 1 142 PRO 142 142 142 PRO PRO A . n 
A 1 143 TRP 143 143 143 TRP TRP A . n 
A 1 144 GLU 144 144 144 GLU GLU A . n 
A 1 145 ALA 145 145 145 ALA ALA A . n 
A 1 146 THR 146 146 146 THR THR A . n 
A 1 147 GLY 147 147 147 GLY GLY A . n 
A 1 148 ILE 148 148 148 ILE ILE A . n 
A 1 149 LYS 149 149 149 LYS LYS A . n 
A 1 150 TYR 150 150 150 TYR TYR A . n 
A 1 151 ARG 151 151 151 ARG ARG A . n 
A 1 152 LYS 152 152 152 LYS LYS A . n 
A 1 153 ILE 153 153 153 ILE ILE A . n 
A 1 154 LYS 154 154 154 LYS LYS A . n 
A 1 155 ARG 155 155 155 ARG ARG A . n 
A 1 156 ASP 156 156 156 ASP ASP A . n 
A 1 157 GLY 157 157 157 GLY GLY A . n 
A 1 158 GLU 158 158 158 GLU GLU A . n 
A 1 159 ILE 159 159 159 ILE ILE A . n 
A 1 160 VAL 160 160 160 VAL VAL A . n 
A 1 161 GLY 161 161 161 GLY GLY A . n 
A 1 162 TYR 162 162 162 TYR TYR A . n 
A 1 163 SER 163 163 163 SER SER A . n 
A 1 164 HIS 164 164 164 HIS HIS A . n 
A 1 165 TYR 165 165 165 TYR TYR A . n 
A 1 166 PHE 166 166 166 PHE PHE A . n 
A 1 167 GLU 167 167 167 GLU GLU A . n 
A 1 168 LEU 168 168 168 LEU LEU A . n 
A 1 169 PRO 169 169 169 PRO PRO A . n 
A 1 170 HIS 170 170 170 HIS ALA A . n 
A 1 171 GLU 171 171 171 GLU ALA A . n 
A 1 172 TYR 172 172 172 TYR ALA A . n 
A 1 173 ASN 173 173 173 ASN ALA A . n 
A 1 174 SER 174 174 174 SER SER A . n 
A 1 175 ILE 175 175 175 ILE ILE A . n 
A 1 176 SER 176 176 176 SER SER A . n 
A 1 177 LEU 177 177 177 LEU LEU A . n 
A 1 178 ALA 178 178 178 ALA ALA A . n 
A 1 179 VAL 179 179 179 VAL VAL A . n 
A 1 180 SER 180 180 180 SER SER A . n 
A 1 181 GLY 181 181 181 GLY GLY A . n 
A 1 182 VAL 182 182 182 VAL VAL A . n 
A 1 183 HIS 183 183 183 HIS HIS A . n 
A 1 184 LYS 184 184 184 LYS LYS A . n 
A 1 185 ASN 185 185 185 ASN ASN A . n 
A 1 186 PRO 186 186 186 PRO PRO A . n 
A 1 187 SER 187 187 187 SER SER A . n 
A 1 188 SER 188 188 188 SER SER A . n 
A 1 189 TYR 189 189 189 TYR TYR A . n 
A 1 190 ASN 190 190 190 ASN ASN A . n 
A 1 191 VAL 191 191 191 VAL VAL A . n 
A 1 192 GLY 192 192 ?   ?   ?   A . n 
A 1 193 SER 193 193 ?   ?   ?   A . n 
A 1 194 ALA 194 194 ?   ?   ?   A . n 
A 1 195 HIS 195 195 195 HIS HIS A . n 
A 1 196 ASN 196 196 196 ASN ASN A . n 
A 1 197 VAL 197 197 197 VAL VAL A . n 
A 1 198 MET 198 198 198 MET MET A . n 
A 1 199 ASP 199 199 199 ASP ASP A . n 
A 1 200 VAL 200 200 200 VAL VAL A . n 
A 1 201 PHE 201 201 201 PHE PHE A . n 
A 1 202 GLN 202 202 202 GLN GLN A . n 
A 1 203 SER 203 203 203 SER SER A . n 
A 1 204 CYS 204 204 204 CYS CYS A . n 
A 1 205 ASP 205 205 205 ASP ASP A . n 
A 1 206 LEU 206 206 206 LEU LEU A . n 
A 1 207 ALA 207 207 207 ALA ALA A . n 
A 1 208 LEU 208 208 208 LEU LEU A . n 
A 1 209 ARG 209 209 209 ARG ARG A . n 
A 1 210 PHE 210 210 210 PHE PHE A . n 
A 1 211 CYS 211 211 211 CYS CYS A . n 
A 1 212 ASN 212 212 212 ASN ASN A . n 
A 1 213 ARG 213 213 213 ARG ARG A . n 
A 1 214 TYR 214 214 214 TYR TYR A . n 
A 1 215 TRP 215 215 215 TRP ALA A . n 
A 1 216 ALA 216 216 216 ALA ALA A . n 
A 1 217 GLU 217 217 217 GLU GLU A . n 
A 1 218 LEU 218 218 218 LEU LEU A . n 
A 1 219 GLU 219 219 219 GLU GLU A . n 
A 1 220 LEU 220 220 220 LEU LEU A . n 
A 1 221 VAL 221 221 221 VAL VAL A . n 
A 1 222 ASN 222 222 222 ASN ASN A . n 
A 1 223 HIS 223 223 223 HIS HIS A . n 
A 1 224 TYR 224 224 224 TYR TYR A . n 
A 1 225 ILE 225 225 225 ILE ILE A . n 
A 1 226 SER 226 226 226 SER SER A . n 
A 1 227 PRO 227 227 227 PRO PRO A . n 
A 1 228 ASN 228 228 228 ASN ASN A . n 
A 1 229 ALA 229 229 229 ALA ALA A . n 
A 1 230 TYR 230 230 230 TYR TYR A . n 
A 1 231 PRO 231 231 231 PRO PRO A . n 
A 1 232 TYR 232 232 232 TYR TYR A . n 
A 1 233 LEU 233 233 233 LEU LEU A . n 
A 1 234 ASP 234 234 234 ASP ASP A . n 
A 1 235 ILE 235 235 235 ILE ILE A . n 
A 1 236 ASN 236 236 236 ASN ASN A . n 
A 1 237 ASN 237 237 237 ASN ASN A . n 
A 1 238 HIS 238 238 238 HIS HIS A . n 
A 1 239 SER 239 239 239 SER SER A . n 
A 1 240 TYR 240 240 240 TYR TYR A . n 
A 1 241 GLY 241 241 241 GLY GLY A . n 
A 1 242 VAL 242 242 242 VAL VAL A . n 
A 1 243 ALA 243 243 243 ALA ALA A . n 
A 1 244 LEU 244 244 244 LEU LEU A . n 
A 1 245 SER 245 245 ?   ?   ?   A . n 
A 1 246 ASN 246 246 ?   ?   ?   A . n 
A 1 247 ARG 247 247 ?   ?   ?   A . n 
A 1 248 GLN 248 248 ?   ?   ?   A . n 
# 
loop_
_pdbx_nonpoly_scheme.asym_id 
_pdbx_nonpoly_scheme.entity_id 
_pdbx_nonpoly_scheme.mon_id 
_pdbx_nonpoly_scheme.ndb_seq_num 
_pdbx_nonpoly_scheme.pdb_seq_num 
_pdbx_nonpoly_scheme.auth_seq_num 
_pdbx_nonpoly_scheme.pdb_mon_id 
_pdbx_nonpoly_scheme.auth_mon_id 
_pdbx_nonpoly_scheme.pdb_strand_id 
_pdbx_nonpoly_scheme.pdb_ins_code 
B 2 HOH 1  301 13 HOH HOH A . 
B 2 HOH 2  302 6  HOH HOH A . 
B 2 HOH 3  303 28 HOH HOH A . 
B 2 HOH 4  304 5  HOH HOH A . 
B 2 HOH 5  305 10 HOH HOH A . 
B 2 HOH 6  306 18 HOH HOH A . 
B 2 HOH 7  307 30 HOH HOH A . 
B 2 HOH 8  308 35 HOH HOH A . 
B 2 HOH 9  309 4  HOH HOH A . 
B 2 HOH 10 310 37 HOH HOH A . 
B 2 HOH 11 311 12 HOH HOH A . 
B 2 HOH 12 312 17 HOH HOH A . 
B 2 HOH 13 313 3  HOH HOH A . 
B 2 HOH 14 314 41 HOH HOH A . 
B 2 HOH 15 315 38 HOH HOH A . 
B 2 HOH 16 316 2  HOH HOH A . 
B 2 HOH 17 317 16 HOH HOH A . 
B 2 HOH 18 318 24 HOH HOH A . 
B 2 HOH 19 319 27 HOH HOH A . 
B 2 HOH 20 320 43 HOH HOH A . 
B 2 HOH 21 321 11 HOH HOH A . 
B 2 HOH 22 322 33 HOH HOH A . 
B 2 HOH 23 323 14 HOH HOH A . 
B 2 HOH 24 324 1  HOH HOH A . 
B 2 HOH 25 325 9  HOH HOH A . 
B 2 HOH 26 326 19 HOH HOH A . 
B 2 HOH 27 327 20 HOH HOH A . 
B 2 HOH 28 328 23 HOH HOH A . 
B 2 HOH 29 329 7  HOH HOH A . 
B 2 HOH 30 330 22 HOH HOH A . 
B 2 HOH 31 331 25 HOH HOH A . 
B 2 HOH 32 332 44 HOH HOH A . 
B 2 HOH 33 333 45 HOH HOH A . 
B 2 HOH 34 334 39 HOH HOH A . 
B 2 HOH 35 335 32 HOH HOH A . 
B 2 HOH 36 336 26 HOH HOH A . 
B 2 HOH 37 337 8  HOH HOH A . 
B 2 HOH 38 338 40 HOH HOH A . 
B 2 HOH 39 339 31 HOH HOH A . 
B 2 HOH 40 340 29 HOH HOH A . 
B 2 HOH 41 341 36 HOH HOH A . 
# 
loop_
_pdbx_unobs_or_zero_occ_atoms.id 
_pdbx_unobs_or_zero_occ_atoms.PDB_model_num 
_pdbx_unobs_or_zero_occ_atoms.polymer_flag 
_pdbx_unobs_or_zero_occ_atoms.occupancy_flag 
_pdbx_unobs_or_zero_occ_atoms.auth_asym_id 
_pdbx_unobs_or_zero_occ_atoms.auth_comp_id 
_pdbx_unobs_or_zero_occ_atoms.auth_seq_id 
_pdbx_unobs_or_zero_occ_atoms.PDB_ins_code 
_pdbx_unobs_or_zero_occ_atoms.auth_atom_id 
_pdbx_unobs_or_zero_occ_atoms.label_alt_id 
_pdbx_unobs_or_zero_occ_atoms.label_asym_id 
_pdbx_unobs_or_zero_occ_atoms.label_comp_id 
_pdbx_unobs_or_zero_occ_atoms.label_seq_id 
_pdbx_unobs_or_zero_occ_atoms.label_atom_id 
1  1 Y 1 A TYR 15  ? CG  ? A TYR 15  CG  
2  1 Y 1 A TYR 15  ? CD1 ? A TYR 15  CD1 
3  1 Y 1 A TYR 15  ? CD2 ? A TYR 15  CD2 
4  1 Y 1 A TYR 15  ? CE1 ? A TYR 15  CE1 
5  1 Y 1 A TYR 15  ? CE2 ? A TYR 15  CE2 
6  1 Y 1 A TYR 15  ? CZ  ? A TYR 15  CZ  
7  1 Y 1 A TYR 15  ? OH  ? A TYR 15  OH  
8  1 Y 1 A LYS 66  ? CG  ? A LYS 66  CG  
9  1 Y 1 A LYS 66  ? CD  ? A LYS 66  CD  
10 1 Y 1 A LYS 66  ? CE  ? A LYS 66  CE  
11 1 Y 1 A LYS 66  ? NZ  ? A LYS 66  NZ  
12 1 Y 1 A LYS 69  ? CG  ? A LYS 69  CG  
13 1 Y 1 A LYS 69  ? CD  ? A LYS 69  CD  
14 1 Y 1 A LYS 69  ? CE  ? A LYS 69  CE  
15 1 Y 1 A LYS 69  ? NZ  ? A LYS 69  NZ  
16 1 Y 1 A ASN 103 ? CG  ? A ASN 103 CG  
17 1 Y 1 A ASN 103 ? OD1 ? A ASN 103 OD1 
18 1 Y 1 A ASN 103 ? ND2 ? A ASN 103 ND2 
19 1 Y 1 A LYS 105 ? CG  ? A LYS 105 CG  
20 1 Y 1 A LYS 105 ? CD  ? A LYS 105 CD  
21 1 Y 1 A LYS 105 ? CE  ? A LYS 105 CE  
22 1 Y 1 A LYS 105 ? NZ  ? A LYS 105 NZ  
23 1 Y 1 A ARG 107 ? CG  ? A ARG 107 CG  
24 1 Y 1 A ARG 107 ? CD  ? A ARG 107 CD  
25 1 Y 1 A ARG 107 ? NE  ? A ARG 107 NE  
26 1 Y 1 A ARG 107 ? CZ  ? A ARG 107 CZ  
27 1 Y 1 A ARG 107 ? NH1 ? A ARG 107 NH1 
28 1 Y 1 A ARG 107 ? NH2 ? A ARG 107 NH2 
29 1 Y 1 A GLU 135 ? CG  ? A GLU 135 CG  
30 1 Y 1 A GLU 135 ? CD  ? A GLU 135 CD  
31 1 Y 1 A GLU 135 ? OE1 ? A GLU 135 OE1 
32 1 Y 1 A GLU 135 ? OE2 ? A GLU 135 OE2 
33 1 Y 1 A SER 140 ? OG  ? A SER 140 OG  
34 1 Y 1 A HIS 141 ? CG  ? A HIS 141 CG  
35 1 Y 1 A HIS 141 ? ND1 ? A HIS 141 ND1 
36 1 Y 1 A HIS 141 ? CD2 ? A HIS 141 CD2 
37 1 Y 1 A HIS 141 ? CE1 ? A HIS 141 CE1 
38 1 Y 1 A HIS 141 ? NE2 ? A HIS 141 NE2 
39 1 Y 1 A HIS 170 ? CG  ? A HIS 170 CG  
40 1 Y 1 A HIS 170 ? ND1 ? A HIS 170 ND1 
41 1 Y 1 A HIS 170 ? CD2 ? A HIS 170 CD2 
42 1 Y 1 A HIS 170 ? CE1 ? A HIS 170 CE1 
43 1 Y 1 A HIS 170 ? NE2 ? A HIS 170 NE2 
44 1 Y 1 A GLU 171 ? CG  ? A GLU 171 CG  
45 1 Y 1 A GLU 171 ? CD  ? A GLU 171 CD  
46 1 Y 1 A GLU 171 ? OE1 ? A GLU 171 OE1 
47 1 Y 1 A GLU 171 ? OE2 ? A GLU 171 OE2 
48 1 Y 1 A TYR 172 ? CG  ? A TYR 172 CG  
49 1 Y 1 A TYR 172 ? CD1 ? A TYR 172 CD1 
50 1 Y 1 A TYR 172 ? CD2 ? A TYR 172 CD2 
51 1 Y 1 A TYR 172 ? CE1 ? A TYR 172 CE1 
52 1 Y 1 A TYR 172 ? CE2 ? A TYR 172 CE2 
53 1 Y 1 A TYR 172 ? CZ  ? A TYR 172 CZ  
54 1 Y 1 A TYR 172 ? OH  ? A TYR 172 OH  
55 1 Y 1 A ASN 173 ? CG  ? A ASN 173 CG  
56 1 Y 1 A ASN 173 ? OD1 ? A ASN 173 OD1 
57 1 Y 1 A ASN 173 ? ND2 ? A ASN 173 ND2 
58 1 Y 1 A TRP 215 ? CG  ? A TRP 215 CG  
59 1 Y 1 A TRP 215 ? CD1 ? A TRP 215 CD1 
60 1 Y 1 A TRP 215 ? CD2 ? A TRP 215 CD2 
61 1 Y 1 A TRP 215 ? NE1 ? A TRP 215 NE1 
62 1 Y 1 A TRP 215 ? CE2 ? A TRP 215 CE2 
63 1 Y 1 A TRP 215 ? CE3 ? A TRP 215 CE3 
64 1 Y 1 A TRP 215 ? CZ2 ? A TRP 215 CZ2 
65 1 Y 1 A TRP 215 ? CZ3 ? A TRP 215 CZ3 
66 1 Y 1 A TRP 215 ? CH2 ? A TRP 215 CH2 
# 
loop_
_software.citation_id 
_software.classification 
_software.compiler_name 
_software.compiler_version 
_software.contact_author 
_software.contact_author_email 
_software.date 
_software.description 
_software.dependencies 
_software.hardware 
_software.language 
_software.location 
_software.mods 
_software.name 
_software.os 
_software.os_version 
_software.type 
_software.version 
_software.pdbx_ordinal 
? refinement       ? ? ? ? ? ? ? ? ? ? ? PHENIX ? ? ? 1.19.2_4158 1 
? 'data scaling'   ? ? ? ? ? ? ? ? ? ? ? XSCALE ? ? ? .           2 
? phasing          ? ? ? ? ? ? ? ? ? ? ? MOLREP ? ? ? .           3 
? 'model building' ? ? ? ? ? ? ? ? ? ? ? Coot   ? ? ? .           4 
? 'data reduction' ? ? ? ? ? ? ? ? ? ? ? XDS    ? ? ? .           5 
# 
_cell.angle_alpha                  90.000 
_cell.angle_alpha_esd              ? 
_cell.angle_beta                   90.000 
_cell.angle_beta_esd               ? 
_cell.angle_gamma                  90.000 
_cell.angle_gamma_esd              ? 
_cell.entry_id                     8J2Q 
_cell.details                      ? 
_cell.formula_units_Z              ? 
_cell.length_a                     105.970 
_cell.length_a_esd                 ? 
_cell.length_b                     105.970 
_cell.length_b_esd                 ? 
_cell.length_c                     105.970 
_cell.length_c_esd                 ? 
_cell.volume                       1190005.046 
_cell.volume_esd                   ? 
_cell.Z_PDB                        24 
_cell.reciprocal_angle_alpha       ? 
_cell.reciprocal_angle_beta        ? 
_cell.reciprocal_angle_gamma       ? 
_cell.reciprocal_angle_alpha_esd   ? 
_cell.reciprocal_angle_beta_esd    ? 
_cell.reciprocal_angle_gamma_esd   ? 
_cell.reciprocal_length_a          ? 
_cell.reciprocal_length_b          ? 
_cell.reciprocal_length_c          ? 
_cell.reciprocal_length_a_esd      ? 
_cell.reciprocal_length_b_esd      ? 
_cell.reciprocal_length_c_esd      ? 
_cell.pdbx_unique_axis             ? 
_cell.pdbx_esd_method              ? 
# 
_symmetry.entry_id                         8J2Q 
_symmetry.cell_setting                     ? 
_symmetry.Int_Tables_number                197 
_symmetry.space_group_name_Hall            'I 2 2 3' 
_symmetry.space_group_name_H-M             'I 2 3' 
_symmetry.pdbx_full_space_group_name_H-M   ? 
# 
_exptl.absorpt_coefficient_mu     ? 
_exptl.absorpt_correction_T_max   ? 
_exptl.absorpt_correction_T_min   ? 
_exptl.absorpt_correction_type    ? 
_exptl.absorpt_process_details    ? 
_exptl.entry_id                   8J2Q 
_exptl.crystals_number            1 
_exptl.details                    ? 
_exptl.method                     'X-RAY DIFFRACTION' 
_exptl.method_details             ? 
# 
_exptl_crystal.colour                       ? 
_exptl_crystal.density_diffrn               ? 
_exptl_crystal.density_Matthews             1.63 
_exptl_crystal.density_method               ? 
_exptl_crystal.density_percent_sol          29.72 
_exptl_crystal.description                  ? 
_exptl_crystal.F_000                        ? 
_exptl_crystal.id                           1 
_exptl_crystal.preparation                  ? 
_exptl_crystal.size_max                     ? 
_exptl_crystal.size_mid                     ? 
_exptl_crystal.size_min                     ? 
_exptl_crystal.size_rad                     ? 
_exptl_crystal.colour_lustre                ? 
_exptl_crystal.colour_modifier              ? 
_exptl_crystal.colour_primary               ? 
_exptl_crystal.density_meas                 ? 
_exptl_crystal.density_meas_esd             ? 
_exptl_crystal.density_meas_gt              ? 
_exptl_crystal.density_meas_lt              ? 
_exptl_crystal.density_meas_temp            ? 
_exptl_crystal.density_meas_temp_esd        ? 
_exptl_crystal.density_meas_temp_gt         ? 
_exptl_crystal.density_meas_temp_lt         ? 
_exptl_crystal.pdbx_crystal_image_url       ? 
_exptl_crystal.pdbx_crystal_image_format    ? 
_exptl_crystal.pdbx_mosaicity               ? 
_exptl_crystal.pdbx_mosaicity_esd           ? 
_exptl_crystal.pdbx_mosaic_method           ? 
_exptl_crystal.pdbx_mosaic_block_size       ? 
_exptl_crystal.pdbx_mosaic_block_size_esd   ? 
# 
_exptl_crystal_grow.apparatus       ? 
_exptl_crystal_grow.atmosphere      ? 
_exptl_crystal_grow.crystal_id      1 
_exptl_crystal_grow.details         ? 
_exptl_crystal_grow.method          'SMALL TUBES' 
_exptl_crystal_grow.method_ref      ? 
_exptl_crystal_grow.pH              ? 
_exptl_crystal_grow.pressure        ? 
_exptl_crystal_grow.pressure_esd    ? 
_exptl_crystal_grow.seeding         ? 
_exptl_crystal_grow.seeding_ref     ? 
_exptl_crystal_grow.temp_details    ? 
_exptl_crystal_grow.temp_esd        ? 
_exptl_crystal_grow.time            ? 
_exptl_crystal_grow.pdbx_details    'cell-free crystallization' 
_exptl_crystal_grow.pdbx_pH_range   ? 
_exptl_crystal_grow.temp            293 
# 
_diffrn.ambient_environment              ? 
_diffrn.ambient_temp                     100 
_diffrn.ambient_temp_details             ? 
_diffrn.ambient_temp_esd                 ? 
_diffrn.crystal_id                       1 
_diffrn.crystal_support                  ? 
_diffrn.crystal_treatment                ? 
_diffrn.details                          ? 
_diffrn.id                               1 
_diffrn.ambient_pressure                 ? 
_diffrn.ambient_pressure_esd             ? 
_diffrn.ambient_pressure_gt              ? 
_diffrn.ambient_pressure_lt              ? 
_diffrn.ambient_temp_gt                  ? 
_diffrn.ambient_temp_lt                  ? 
_diffrn.pdbx_serial_crystal_experiment   N 
# 
_diffrn_detector.details                      ? 
_diffrn_detector.detector                     PIXEL 
_diffrn_detector.diffrn_id                    1 
_diffrn_detector.type                         'DECTRIS PILATUS3 6M' 
_diffrn_detector.area_resol_mean              ? 
_diffrn_detector.dtime                        ? 
_diffrn_detector.pdbx_frames_total            ? 
_diffrn_detector.pdbx_collection_time_total   ? 
_diffrn_detector.pdbx_collection_date         2022-10-13 
_diffrn_detector.pdbx_frequency               ? 
_diffrn_detector.id                           ? 
_diffrn_detector.number_of_axes               ? 
# 
_diffrn_radiation.collimation                      ? 
_diffrn_radiation.diffrn_id                        1 
_diffrn_radiation.filter_edge                      ? 
_diffrn_radiation.inhomogeneity                    ? 
_diffrn_radiation.monochromator                    ? 
_diffrn_radiation.polarisn_norm                    ? 
_diffrn_radiation.polarisn_ratio                   ? 
_diffrn_radiation.probe                            ? 
_diffrn_radiation.type                             ? 
_diffrn_radiation.xray_symbol                      ? 
_diffrn_radiation.wavelength_id                    1 
_diffrn_radiation.pdbx_monochromatic_or_laue_m_l   M 
_diffrn_radiation.pdbx_wavelength_list             ? 
_diffrn_radiation.pdbx_wavelength                  ? 
_diffrn_radiation.pdbx_diffrn_protocol             'SINGLE WAVELENGTH' 
_diffrn_radiation.pdbx_analyzer                    ? 
_diffrn_radiation.pdbx_scattering_type             x-ray 
# 
_diffrn_radiation_wavelength.id           1 
_diffrn_radiation_wavelength.wavelength   1 
_diffrn_radiation_wavelength.wt           1.0 
# 
_diffrn_source.current                     ? 
_diffrn_source.details                     ? 
_diffrn_source.diffrn_id                   1 
_diffrn_source.power                       ? 
_diffrn_source.size                        ? 
_diffrn_source.source                      SYNCHROTRON 
_diffrn_source.target                      ? 
_diffrn_source.type                        'SPRING-8 BEAMLINE BL32XU' 
_diffrn_source.voltage                     ? 
_diffrn_source.take-off_angle              ? 
_diffrn_source.pdbx_wavelength_list        1 
_diffrn_source.pdbx_wavelength             ? 
_diffrn_source.pdbx_synchrotron_beamline   BL32XU 
_diffrn_source.pdbx_synchrotron_site       SPring-8 
# 
_reflns.B_iso_Wilson_estimate                          27.70 
_reflns.entry_id                                       8J2Q 
_reflns.data_reduction_details                         ? 
_reflns.data_reduction_method                          ? 
_reflns.d_resolution_high                              1.84 
_reflns.d_resolution_low                               50 
_reflns.details                                        ? 
_reflns.limit_h_max                                    ? 
_reflns.limit_h_min                                    ? 
_reflns.limit_k_max                                    ? 
_reflns.limit_k_min                                    ? 
_reflns.limit_l_max                                    ? 
_reflns.limit_l_min                                    ? 
_reflns.number_all                                     ? 
_reflns.number_obs                                     17287 
_reflns.observed_criterion                             ? 
_reflns.observed_criterion_F_max                       ? 
_reflns.observed_criterion_F_min                       ? 
_reflns.observed_criterion_I_max                       ? 
_reflns.observed_criterion_I_min                       ? 
_reflns.observed_criterion_sigma_F                     ? 
_reflns.observed_criterion_sigma_I                     ? 
_reflns.percent_possible_obs                           99.6 
_reflns.R_free_details                                 ? 
_reflns.Rmerge_F_all                                   ? 
_reflns.Rmerge_F_obs                                   ? 
_reflns.Friedel_coverage                               ? 
_reflns.number_gt                                      ? 
_reflns.threshold_expression                           ? 
_reflns.pdbx_redundancy                                87.8 
_reflns.pdbx_netI_over_av_sigmaI                       ? 
_reflns.pdbx_netI_over_sigmaI                          11.42 
_reflns.pdbx_res_netI_over_av_sigmaI_2                 ? 
_reflns.pdbx_res_netI_over_sigmaI_2                    ? 
_reflns.pdbx_chi_squared                               ? 
_reflns.pdbx_scaling_rejects                           ? 
_reflns.pdbx_d_res_high_opt                            ? 
_reflns.pdbx_d_res_low_opt                             ? 
_reflns.pdbx_d_res_opt_method                          ? 
_reflns.phase_calculation_details                      ? 
_reflns.pdbx_Rrim_I_all                                ? 
_reflns.pdbx_Rpim_I_all                                ? 
_reflns.pdbx_d_opt                                     ? 
_reflns.pdbx_number_measured_all                       ? 
_reflns.pdbx_diffrn_id                                 1 
_reflns.pdbx_ordinal                                   1 
_reflns.pdbx_CC_half                                   0.996 
_reflns.pdbx_CC_star                                   ? 
_reflns.pdbx_R_split                                   ? 
_reflns.pdbx_Rmerge_I_obs                              ? 
_reflns.pdbx_Rmerge_I_all                              ? 
_reflns.pdbx_Rsym_value                                ? 
_reflns.pdbx_CC_split_method                           ? 
_reflns.pdbx_aniso_diffraction_limit_axis_1_ortho[1]   ? 
_reflns.pdbx_aniso_diffraction_limit_axis_1_ortho[2]   ? 
_reflns.pdbx_aniso_diffraction_limit_axis_1_ortho[3]   ? 
_reflns.pdbx_aniso_diffraction_limit_axis_2_ortho[1]   ? 
_reflns.pdbx_aniso_diffraction_limit_axis_2_ortho[2]   ? 
_reflns.pdbx_aniso_diffraction_limit_axis_2_ortho[3]   ? 
_reflns.pdbx_aniso_diffraction_limit_axis_3_ortho[1]   ? 
_reflns.pdbx_aniso_diffraction_limit_axis_3_ortho[2]   ? 
_reflns.pdbx_aniso_diffraction_limit_axis_3_ortho[3]   ? 
_reflns.pdbx_aniso_diffraction_limit_1                 ? 
_reflns.pdbx_aniso_diffraction_limit_2                 ? 
_reflns.pdbx_aniso_diffraction_limit_3                 ? 
_reflns.pdbx_aniso_B_tensor_eigenvector_1_ortho[1]     ? 
_reflns.pdbx_aniso_B_tensor_eigenvector_1_ortho[2]     ? 
_reflns.pdbx_aniso_B_tensor_eigenvector_1_ortho[3]     ? 
_reflns.pdbx_aniso_B_tensor_eigenvector_2_ortho[1]     ? 
_reflns.pdbx_aniso_B_tensor_eigenvector_2_ortho[2]     ? 
_reflns.pdbx_aniso_B_tensor_eigenvector_2_ortho[3]     ? 
_reflns.pdbx_aniso_B_tensor_eigenvector_3_ortho[1]     ? 
_reflns.pdbx_aniso_B_tensor_eigenvector_3_ortho[2]     ? 
_reflns.pdbx_aniso_B_tensor_eigenvector_3_ortho[3]     ? 
_reflns.pdbx_aniso_B_tensor_eigenvalue_1               ? 
_reflns.pdbx_aniso_B_tensor_eigenvalue_2               ? 
_reflns.pdbx_aniso_B_tensor_eigenvalue_3               ? 
_reflns.pdbx_orthogonalization_convention              ? 
_reflns.pdbx_percent_possible_ellipsoidal              ? 
_reflns.pdbx_percent_possible_spherical                ? 
_reflns.pdbx_percent_possible_ellipsoidal_anomalous    ? 
_reflns.pdbx_percent_possible_spherical_anomalous      ? 
_reflns.pdbx_redundancy_anomalous                      ? 
_reflns.pdbx_CC_half_anomalous                         ? 
_reflns.pdbx_absDiff_over_sigma_anomalous              ? 
_reflns.pdbx_percent_possible_anomalous                ? 
_reflns.pdbx_observed_signal_threshold                 ? 
_reflns.pdbx_signal_type                               ? 
_reflns.pdbx_signal_details                            ? 
_reflns.pdbx_signal_software_id                        ? 
# 
_reflns_shell.d_res_high                                    1.84 
_reflns_shell.d_res_low                                     1.95 
_reflns_shell.meanI_over_sigI_all                           ? 
_reflns_shell.meanI_over_sigI_obs                           ? 
_reflns_shell.number_measured_all                           ? 
_reflns_shell.number_measured_obs                           ? 
_reflns_shell.number_possible                               ? 
_reflns_shell.number_unique_all                             ? 
_reflns_shell.number_unique_obs                             2724 
_reflns_shell.percent_possible_obs                          ? 
_reflns_shell.Rmerge_F_all                                  ? 
_reflns_shell.Rmerge_F_obs                                  ? 
_reflns_shell.meanI_over_sigI_gt                            ? 
_reflns_shell.meanI_over_uI_all                             ? 
_reflns_shell.meanI_over_uI_gt                              ? 
_reflns_shell.number_measured_gt                            ? 
_reflns_shell.number_unique_gt                              ? 
_reflns_shell.percent_possible_gt                           ? 
_reflns_shell.Rmerge_F_gt                                   ? 
_reflns_shell.Rmerge_I_gt                                   ? 
_reflns_shell.pdbx_redundancy                               ? 
_reflns_shell.pdbx_chi_squared                              ? 
_reflns_shell.pdbx_netI_over_sigmaI_all                     ? 
_reflns_shell.pdbx_netI_over_sigmaI_obs                     ? 
_reflns_shell.pdbx_Rrim_I_all                               ? 
_reflns_shell.pdbx_Rpim_I_all                               ? 
_reflns_shell.pdbx_rejects                                  ? 
_reflns_shell.pdbx_ordinal                                  1 
_reflns_shell.pdbx_diffrn_id                                1 
_reflns_shell.pdbx_CC_half                                  0.584 
_reflns_shell.pdbx_CC_star                                  ? 
_reflns_shell.pdbx_R_split                                  ? 
_reflns_shell.percent_possible_all                          ? 
_reflns_shell.Rmerge_I_all                                  ? 
_reflns_shell.Rmerge_I_obs                                  ? 
_reflns_shell.pdbx_Rsym_value                               ? 
_reflns_shell.pdbx_percent_possible_ellipsoidal             ? 
_reflns_shell.pdbx_percent_possible_spherical               ? 
_reflns_shell.pdbx_percent_possible_ellipsoidal_anomalous   ? 
_reflns_shell.pdbx_percent_possible_spherical_anomalous     ? 
_reflns_shell.pdbx_redundancy_anomalous                     ? 
_reflns_shell.pdbx_CC_half_anomalous                        ? 
_reflns_shell.pdbx_absDiff_over_sigma_anomalous             ? 
_reflns_shell.pdbx_percent_possible_anomalous               ? 
# 
_refine.aniso_B[1][1]                            ? 
_refine.aniso_B[1][2]                            ? 
_refine.aniso_B[1][3]                            ? 
_refine.aniso_B[2][2]                            ? 
_refine.aniso_B[2][3]                            ? 
_refine.aniso_B[3][3]                            ? 
_refine.B_iso_max                                ? 
_refine.B_iso_mean                               33.10 
_refine.B_iso_min                                ? 
_refine.correlation_coeff_Fo_to_Fc               ? 
_refine.correlation_coeff_Fo_to_Fc_free          ? 
_refine.details                                  ? 
_refine.diff_density_max                         ? 
_refine.diff_density_max_esd                     ? 
_refine.diff_density_min                         ? 
_refine.diff_density_min_esd                     ? 
_refine.diff_density_rms                         ? 
_refine.diff_density_rms_esd                     ? 
_refine.entry_id                                 8J2Q 
_refine.pdbx_refine_id                           'X-RAY DIFFRACTION' 
_refine.ls_abs_structure_details                 ? 
_refine.ls_abs_structure_Flack                   ? 
_refine.ls_abs_structure_Flack_esd               ? 
_refine.ls_abs_structure_Rogers                  ? 
_refine.ls_abs_structure_Rogers_esd              ? 
_refine.ls_d_res_high                            1.92 
_refine.ls_d_res_low                             37.47 
_refine.ls_extinction_coef                       ? 
_refine.ls_extinction_coef_esd                   ? 
_refine.ls_extinction_expression                 ? 
_refine.ls_extinction_method                     ? 
_refine.ls_goodness_of_fit_all                   ? 
_refine.ls_goodness_of_fit_all_esd               ? 
_refine.ls_goodness_of_fit_obs                   ? 
_refine.ls_goodness_of_fit_obs_esd               ? 
_refine.ls_hydrogen_treatment                    ? 
_refine.ls_matrix_type                           ? 
_refine.ls_number_constraints                    ? 
_refine.ls_number_parameters                     ? 
_refine.ls_number_reflns_all                     ? 
_refine.ls_number_reflns_obs                     15161 
_refine.ls_number_reflns_R_free                  1512 
_refine.ls_number_reflns_R_work                  13649 
_refine.ls_number_restraints                     ? 
_refine.ls_percent_reflns_obs                    99.13 
_refine.ls_percent_reflns_R_free                 9.97 
_refine.ls_R_factor_all                          ? 
_refine.ls_R_factor_obs                          0.2062 
_refine.ls_R_factor_R_free                       0.2452 
_refine.ls_R_factor_R_free_error                 ? 
_refine.ls_R_factor_R_free_error_details         ? 
_refine.ls_R_factor_R_work                       0.2017 
_refine.ls_R_Fsqd_factor_obs                     ? 
_refine.ls_R_I_factor_obs                        ? 
_refine.ls_redundancy_reflns_all                 ? 
_refine.ls_redundancy_reflns_obs                 ? 
_refine.ls_restrained_S_all                      ? 
_refine.ls_restrained_S_obs                      ? 
_refine.ls_shift_over_esd_max                    ? 
_refine.ls_shift_over_esd_mean                   ? 
_refine.ls_structure_factor_coef                 ? 
_refine.ls_weighting_details                     ? 
_refine.ls_weighting_scheme                      ? 
_refine.ls_wR_factor_all                         ? 
_refine.ls_wR_factor_obs                         ? 
_refine.ls_wR_factor_R_free                      ? 
_refine.ls_wR_factor_R_work                      ? 
_refine.occupancy_max                            ? 
_refine.occupancy_min                            ? 
_refine.solvent_model_details                    'FLAT BULK SOLVENT MODEL' 
_refine.solvent_model_param_bsol                 ? 
_refine.solvent_model_param_ksol                 ? 
_refine.pdbx_R_complete                          ? 
_refine.ls_R_factor_gt                           ? 
_refine.ls_goodness_of_fit_gt                    ? 
_refine.ls_goodness_of_fit_ref                   ? 
_refine.ls_shift_over_su_max                     ? 
_refine.ls_shift_over_su_max_lt                  ? 
_refine.ls_shift_over_su_mean                    ? 
_refine.ls_shift_over_su_mean_lt                 ? 
_refine.pdbx_ls_sigma_I                          ? 
_refine.pdbx_ls_sigma_F                          1.34 
_refine.pdbx_ls_sigma_Fsqd                       ? 
_refine.pdbx_data_cutoff_high_absF               ? 
_refine.pdbx_data_cutoff_high_rms_absF           ? 
_refine.pdbx_data_cutoff_low_absF                ? 
_refine.pdbx_isotropic_thermal_model             ? 
_refine.pdbx_ls_cross_valid_method               'FREE R-VALUE' 
_refine.pdbx_method_to_determine_struct          'MOLECULAR REPLACEMENT' 
_refine.pdbx_starting_model                      ? 
_refine.pdbx_stereochemistry_target_values       'GeoStd + Monomer Library + CDL v1.2' 
_refine.pdbx_R_Free_selection_details            ? 
_refine.pdbx_stereochem_target_val_spec_case     ? 
_refine.pdbx_overall_ESU_R                       ? 
_refine.pdbx_overall_ESU_R_Free                  ? 
_refine.pdbx_solvent_vdw_probe_radii             1.1100 
_refine.pdbx_solvent_ion_probe_radii             ? 
_refine.pdbx_solvent_shrinkage_radii             0.9000 
_refine.pdbx_real_space_R                        ? 
_refine.pdbx_density_correlation                 ? 
_refine.pdbx_pd_number_of_powder_patterns        ? 
_refine.pdbx_pd_number_of_points                 ? 
_refine.pdbx_pd_meas_number_of_points            ? 
_refine.pdbx_pd_proc_ls_prof_R_factor            ? 
_refine.pdbx_pd_proc_ls_prof_wR_factor           ? 
_refine.pdbx_pd_Marquardt_correlation_coeff      ? 
_refine.pdbx_pd_Fsqrd_R_factor                   ? 
_refine.pdbx_pd_ls_matrix_band_width             ? 
_refine.pdbx_overall_phase_error                 28.4281 
_refine.pdbx_overall_SU_R_free_Cruickshank_DPI   ? 
_refine.pdbx_overall_SU_R_free_Blow_DPI          ? 
_refine.pdbx_overall_SU_R_Blow_DPI               ? 
_refine.pdbx_TLS_residual_ADP_flag               ? 
_refine.pdbx_diffrn_id                           1 
_refine.overall_SU_B                             ? 
_refine.overall_SU_ML                            0.2454 
_refine.overall_SU_R_Cruickshank_DPI             ? 
_refine.overall_SU_R_free                        ? 
_refine.overall_FOM_free_R_set                   ? 
_refine.overall_FOM_work_R_set                   ? 
_refine.pdbx_average_fsc_overall                 ? 
_refine.pdbx_average_fsc_work                    ? 
_refine.pdbx_average_fsc_free                    ? 
# 
_refine_hist.pdbx_refine_id                   'X-RAY DIFFRACTION' 
_refine_hist.cycle_id                         LAST 
_refine_hist.details                          ? 
_refine_hist.d_res_high                       1.92 
_refine_hist.d_res_low                        37.47 
_refine_hist.number_atoms_solvent             41 
_refine_hist.number_atoms_total               1529 
_refine_hist.number_reflns_all                ? 
_refine_hist.number_reflns_obs                ? 
_refine_hist.number_reflns_R_free             ? 
_refine_hist.number_reflns_R_work             ? 
_refine_hist.R_factor_all                     ? 
_refine_hist.R_factor_obs                     ? 
_refine_hist.R_factor_R_free                  ? 
_refine_hist.R_factor_R_work                  ? 
_refine_hist.pdbx_number_residues_total       ? 
_refine_hist.pdbx_B_iso_mean_ligand           ? 
_refine_hist.pdbx_B_iso_mean_solvent          ? 
_refine_hist.pdbx_number_atoms_protein        1488 
_refine_hist.pdbx_number_atoms_nucleic_acid   0 
_refine_hist.pdbx_number_atoms_ligand         0 
_refine_hist.pdbx_number_atoms_lipid          ? 
_refine_hist.pdbx_number_atoms_carb           ? 
_refine_hist.pdbx_pseudo_atom_details         ? 
# 
loop_
_refine_ls_restr.pdbx_refine_id 
_refine_ls_restr.criterion 
_refine_ls_restr.dev_ideal 
_refine_ls_restr.dev_ideal_target 
_refine_ls_restr.number 
_refine_ls_restr.rejects 
_refine_ls_restr.type 
_refine_ls_restr.weight 
_refine_ls_restr.pdbx_restraint_function 
'X-RAY DIFFRACTION' ? 0.0085 ? 1526 ? f_bond_d           ? ? 
'X-RAY DIFFRACTION' ? 0.9992 ? 2074 ? f_angle_d          ? ? 
'X-RAY DIFFRACTION' ? 0.0658 ? 229  ? f_chiral_restr     ? ? 
'X-RAY DIFFRACTION' ? 0.0097 ? 266  ? f_plane_restr      ? ? 
'X-RAY DIFFRACTION' ? 5.3973 ? 211  ? f_dihedral_angle_d ? ? 
# 
loop_
_refine_ls_shell.pdbx_refine_id 
_refine_ls_shell.d_res_high 
_refine_ls_shell.d_res_low 
_refine_ls_shell.number_reflns_all 
_refine_ls_shell.number_reflns_obs 
_refine_ls_shell.number_reflns_R_free 
_refine_ls_shell.number_reflns_R_work 
_refine_ls_shell.percent_reflns_obs 
_refine_ls_shell.percent_reflns_R_free 
_refine_ls_shell.R_factor_all 
_refine_ls_shell.R_factor_obs 
_refine_ls_shell.R_factor_R_free_error 
_refine_ls_shell.R_factor_R_work 
_refine_ls_shell.redundancy_reflns_all 
_refine_ls_shell.redundancy_reflns_obs 
_refine_ls_shell.wR_factor_all 
_refine_ls_shell.wR_factor_obs 
_refine_ls_shell.wR_factor_R_free 
_refine_ls_shell.wR_factor_R_work 
_refine_ls_shell.pdbx_R_complete 
_refine_ls_shell.pdbx_total_number_of_bins_used 
_refine_ls_shell.pdbx_phase_error 
_refine_ls_shell.pdbx_fsc_work 
_refine_ls_shell.pdbx_fsc_free 
_refine_ls_shell.R_factor_R_free 
'X-RAY DIFFRACTION' 1.92 1.98  . . 125 1129 91.60  . . . . 0.3174 . . . . . . . . . . . 0.3986 
'X-RAY DIFFRACTION' 1.98 2.05  . . 141 1242 99.93  . . . . 0.2446 . . . . . . . . . . . 0.2689 
'X-RAY DIFFRACTION' 2.05 2.13  . . 136 1240 99.35  . . . . 0.2431 . . . . . . . . . . . 0.2648 
'X-RAY DIFFRACTION' 2.14 2.23  . . 131 1228 100.00 . . . . 0.2017 . . . . . . . . . . . 0.2979 
'X-RAY DIFFRACTION' 2.23 2.35  . . 142 1255 99.93  . . . . 0.2135 . . . . . . . . . . . 0.2666 
'X-RAY DIFFRACTION' 2.35 2.50  . . 137 1227 100.00 . . . . 0.2068 . . . . . . . . . . . 0.2478 
'X-RAY DIFFRACTION' 2.50 2.69  . . 136 1237 99.93  . . . . 0.2206 . . . . . . . . . . . 0.2974 
'X-RAY DIFFRACTION' 2.69 2.96  . . 139 1267 100.00 . . . . 0.2264 . . . . . . . . . . . 0.2662 
'X-RAY DIFFRACTION' 2.96 3.39  . . 137 1255 100.00 . . . . 0.1917 . . . . . . . . . . . 0.2263 
'X-RAY DIFFRACTION' 3.39 4.26  . . 139 1253 99.93  . . . . 0.1823 . . . . . . . . . . . 0.2125 
'X-RAY DIFFRACTION' 4.27 37.47 . . 149 1316 99.86  . . . . 0.1758 . . . . . . . . . . . 0.2184 
# 
_struct.entry_id                     8J2Q 
_struct.title                        'Crystal structure of Cypovirus Polyhedra mutant fused with c-Myc fragment' 
_struct.pdbx_model_details           ? 
_struct.pdbx_formula_weight          ? 
_struct.pdbx_formula_weight_method   ? 
_struct.pdbx_model_type_details      ? 
_struct.pdbx_CASP_flag               N 
# 
_struct_keywords.entry_id        8J2Q 
_struct_keywords.text            'Polyhedra, VIRAL PROTEIN' 
_struct_keywords.pdbx_keywords   'VIRAL PROTEIN' 
# 
loop_
_struct_asym.id 
_struct_asym.pdbx_blank_PDB_chainid_flag 
_struct_asym.pdbx_modified 
_struct_asym.entity_id 
_struct_asym.details 
A N N 1 ? 
B N N 2 ? 
# 
loop_
_struct_ref.id 
_struct_ref.db_name 
_struct_ref.db_code 
_struct_ref.pdbx_db_accession 
_struct_ref.pdbx_db_isoform 
_struct_ref.entity_id 
_struct_ref.pdbx_seq_one_letter_code 
_struct_ref.pdbx_align_begin 
1 UNP PYHD_CPVBM P11041 ? 1 MADVAGTSNRDFRG 1   
2 UNP MYC_HUMAN  P01106 ? 1 YILSVQAEEQK 417 
3 UNP PYHD_CPVBM P11041 ? 1 
;NYNNSLNGEVSVWVYAYYSDGSVLVINKNSQYKVGISETFKALKEYREGQHNDSYDEYEVNQSIYYPNGGDARKFHSNAK
PRAIQIIFSPSVNVRTIKMAKGNAVSVPDEYLQRSHPWEATGIKYRKIKRDGEIVGYSHYFELPHEYNSISLAVSGVHKN
PSSYNVGSAHNVMDVFQSCDLALRFCNRYWAELELVNHYISPNAYPYLDINNHSYGVALSNRQ
;
26  
# 
loop_
_struct_ref_seq.align_id 
_struct_ref_seq.ref_id 
_struct_ref_seq.pdbx_PDB_id_code 
_struct_ref_seq.pdbx_strand_id 
_struct_ref_seq.seq_align_beg 
_struct_ref_seq.pdbx_seq_align_beg_ins_code 
_struct_ref_seq.seq_align_end 
_struct_ref_seq.pdbx_seq_align_end_ins_code 
_struct_ref_seq.pdbx_db_accession 
_struct_ref_seq.db_align_beg 
_struct_ref_seq.pdbx_db_align_beg_ins_code 
_struct_ref_seq.db_align_end 
_struct_ref_seq.pdbx_db_align_end_ins_code 
_struct_ref_seq.pdbx_auth_seq_align_beg 
_struct_ref_seq.pdbx_auth_seq_align_end 
1 1 8J2Q A 1  ? 14  ? P11041 1   ? 14  ? 1  14  
2 2 8J2Q A 15 ? 25  ? P01106 417 ? 427 ? 15 25  
3 3 8J2Q A 26 ? 248 ? P11041 26  ? 248 ? 26 248 
# 
_pdbx_struct_assembly.id                   1 
_pdbx_struct_assembly.details              author_and_software_defined_assembly 
_pdbx_struct_assembly.method_details       PISA 
_pdbx_struct_assembly.oligomeric_details   trimeric 
_pdbx_struct_assembly.oligomeric_count     3 
# 
loop_
_pdbx_struct_assembly_prop.biol_id 
_pdbx_struct_assembly_prop.type 
_pdbx_struct_assembly_prop.value 
_pdbx_struct_assembly_prop.details 
1 'ABSA (A^2)' 6850  ? 
1 MORE         -44   ? 
1 'SSA (A^2)'  27320 ? 
# 
_pdbx_struct_assembly_gen.assembly_id       1 
_pdbx_struct_assembly_gen.oper_expression   1,2,3 
_pdbx_struct_assembly_gen.asym_id_list      A,B 
# 
_pdbx_struct_assembly_auth_evidence.id                     1 
_pdbx_struct_assembly_auth_evidence.assembly_id            1 
_pdbx_struct_assembly_auth_evidence.experimental_support   none 
_pdbx_struct_assembly_auth_evidence.details                ? 
# 
loop_
_pdbx_struct_oper_list.id 
_pdbx_struct_oper_list.type 
_pdbx_struct_oper_list.name 
_pdbx_struct_oper_list.symmetry_operation 
_pdbx_struct_oper_list.matrix[1][1] 
_pdbx_struct_oper_list.matrix[1][2] 
_pdbx_struct_oper_list.matrix[1][3] 
_pdbx_struct_oper_list.vector[1] 
_pdbx_struct_oper_list.matrix[2][1] 
_pdbx_struct_oper_list.matrix[2][2] 
_pdbx_struct_oper_list.matrix[2][3] 
_pdbx_struct_oper_list.vector[2] 
_pdbx_struct_oper_list.matrix[3][1] 
_pdbx_struct_oper_list.matrix[3][2] 
_pdbx_struct_oper_list.matrix[3][3] 
_pdbx_struct_oper_list.vector[3] 
1 'identity operation'         1_555 x,y,z 1.0000000000 0.0000000000  0.0000000000  0.0000000000  0.0000000000  1.0000000000  0.0000000000  0.0000000000  0.0000000000  0.0000000000  1.0000000000 0.0000000000  
2 'crystal symmetry operation' 5_555 z,x,y 0.0796316026 0.9479418233  -0.3083263003 10.2741374051 -0.2375680573 -0.2823484411 -0.9294303502 20.6198443637 -0.9681013511 0.1472605085  0.2027168385 20.8066833462 
3 'crystal symmetry operation' 9_555 y,z,x 0.0796316026 -0.2375680573 -0.9681013511 24.2234485988 0.9479418233  -0.2823484411 0.1472605085  -6.9813064021 -0.3083263003 -0.9294303502 0.2027168385 18.1146308761 
# 
loop_
_struct_conf.conf_type_id 
_struct_conf.id 
_struct_conf.pdbx_PDB_helix_id 
_struct_conf.beg_label_comp_id 
_struct_conf.beg_label_asym_id 
_struct_conf.beg_label_seq_id 
_struct_conf.pdbx_beg_PDB_ins_code 
_struct_conf.end_label_comp_id 
_struct_conf.end_label_asym_id 
_struct_conf.end_label_seq_id 
_struct_conf.pdbx_end_PDB_ins_code 
_struct_conf.beg_auth_comp_id 
_struct_conf.beg_auth_asym_id 
_struct_conf.beg_auth_seq_id 
_struct_conf.end_auth_comp_id 
_struct_conf.end_auth_asym_id 
_struct_conf.end_auth_seq_id 
_struct_conf.pdbx_PDB_helix_class 
_struct_conf.details 
_struct_conf.pdbx_PDB_helix_length 
HELX_P HELX_P1 AA1 ASP A 11  ? ASN A 29  ? ASP A 11  ASN A 29  1 ? 19 
HELX_P HELX_P2 AA2 ASN A 118 ? THR A 121 ? ASN A 118 THR A 121 5 ? 4  
HELX_P HELX_P3 AA3 TYR A 136 ? SER A 140 ? TYR A 136 SER A 140 5 ? 5  
HELX_P HELX_P4 AA4 GLY A 147 ? TYR A 150 ? GLY A 147 TYR A 150 5 ? 4  
HELX_P HELX_P5 AA5 ASN A 185 ? ASN A 190 ? ASN A 185 ASN A 190 5 ? 6  
HELX_P HELX_P6 AA6 ASN A 196 ? ALA A 207 ? ASN A 196 ALA A 207 1 ? 12 
HELX_P HELX_P7 AA7 ALA A 216 ? TYR A 224 ? ALA A 216 TYR A 224 1 ? 9  
HELX_P HELX_P8 AA8 TYR A 224 ? ALA A 229 ? TYR A 224 ALA A 229 1 ? 6  
# 
_struct_conf_type.id          HELX_P 
_struct_conf_type.criteria    ? 
_struct_conf_type.reference   ? 
# 
loop_
_struct_sheet.id 
_struct_sheet.type 
_struct_sheet.number_strands 
_struct_sheet.details 
AA1 ? 6 ? 
AA2 ? 4 ? 
AA3 ? 2 ? 
# 
loop_
_struct_sheet_order.sheet_id 
_struct_sheet_order.range_id_1 
_struct_sheet_order.range_id_2 
_struct_sheet_order.offset 
_struct_sheet_order.sense 
AA1 1 2 ? anti-parallel 
AA1 2 3 ? anti-parallel 
AA1 3 4 ? anti-parallel 
AA1 4 5 ? anti-parallel 
AA1 5 6 ? anti-parallel 
AA2 1 2 ? anti-parallel 
AA2 2 3 ? anti-parallel 
AA2 3 4 ? anti-parallel 
AA3 1 2 ? anti-parallel 
# 
loop_
_struct_sheet_range.sheet_id 
_struct_sheet_range.id 
_struct_sheet_range.beg_label_comp_id 
_struct_sheet_range.beg_label_asym_id 
_struct_sheet_range.beg_label_seq_id 
_struct_sheet_range.pdbx_beg_PDB_ins_code 
_struct_sheet_range.end_label_comp_id 
_struct_sheet_range.end_label_asym_id 
_struct_sheet_range.end_label_seq_id 
_struct_sheet_range.pdbx_end_PDB_ins_code 
_struct_sheet_range.beg_auth_comp_id 
_struct_sheet_range.beg_auth_asym_id 
_struct_sheet_range.beg_auth_seq_id 
_struct_sheet_range.end_auth_comp_id 
_struct_sheet_range.end_auth_asym_id 
_struct_sheet_range.end_auth_seq_id 
AA1 1 ARG A 151 ? ARG A 155 ? ARG A 151 ARG A 155 
AA1 2 GLU A 158 ? GLU A 167 ? GLU A 158 GLU A 167 
AA1 3 PRO A 106 ? PHE A 113 ? PRO A 106 PHE A 113 
AA1 4 GLU A 34  ? TYR A 43  ? GLU A 34  TYR A 43  
AA1 5 VAL A 48  ? GLN A 56  ? VAL A 48  GLN A 56  
AA1 6 LEU A 208 ? TYR A 214 ? LEU A 208 TYR A 214 
AA2 1 LYS A 58  ? PHE A 65  ? LYS A 58  PHE A 65  
AA2 2 ILE A 175 ? VAL A 182 ? ILE A 175 VAL A 182 
AA2 3 LYS A 123 ? GLY A 127 ? LYS A 123 GLY A 127 
AA2 4 GLU A 144 ? ALA A 145 ? GLU A 144 ALA A 145 
AA3 1 TYR A 232 ? LEU A 233 ? TYR A 232 LEU A 233 
AA3 2 SER A 239 ? TYR A 240 ? SER A 239 TYR A 240 
# 
loop_
_pdbx_struct_sheet_hbond.sheet_id 
_pdbx_struct_sheet_hbond.range_id_1 
_pdbx_struct_sheet_hbond.range_id_2 
_pdbx_struct_sheet_hbond.range_1_label_atom_id 
_pdbx_struct_sheet_hbond.range_1_label_comp_id 
_pdbx_struct_sheet_hbond.range_1_label_asym_id 
_pdbx_struct_sheet_hbond.range_1_label_seq_id 
_pdbx_struct_sheet_hbond.range_1_PDB_ins_code 
_pdbx_struct_sheet_hbond.range_1_auth_atom_id 
_pdbx_struct_sheet_hbond.range_1_auth_comp_id 
_pdbx_struct_sheet_hbond.range_1_auth_asym_id 
_pdbx_struct_sheet_hbond.range_1_auth_seq_id 
_pdbx_struct_sheet_hbond.range_2_label_atom_id 
_pdbx_struct_sheet_hbond.range_2_label_comp_id 
_pdbx_struct_sheet_hbond.range_2_label_asym_id 
_pdbx_struct_sheet_hbond.range_2_label_seq_id 
_pdbx_struct_sheet_hbond.range_2_PDB_ins_code 
_pdbx_struct_sheet_hbond.range_2_auth_atom_id 
_pdbx_struct_sheet_hbond.range_2_auth_comp_id 
_pdbx_struct_sheet_hbond.range_2_auth_asym_id 
_pdbx_struct_sheet_hbond.range_2_auth_seq_id 
AA1 1 2 N ILE A 153 ? N ILE A 153 O GLY A 161 ? O GLY A 161 
AA1 2 3 O PHE A 166 ? O PHE A 166 N ILE A 109 ? N ILE A 109 
AA1 3 4 O ARG A 107 ? O ARG A 107 N TYR A 42  ? N TYR A 42  
AA1 4 5 N VAL A 35  ? N VAL A 35  O SER A 55  ? O SER A 55  
AA1 5 6 N ASN A 52  ? N ASN A 52  O PHE A 210 ? O PHE A 210 
AA2 1 2 N PHE A 65  ? N PHE A 65  O ILE A 175 ? O ILE A 175 
AA2 2 3 O ALA A 178 ? O ALA A 178 N ALA A 125 ? N ALA A 125 
AA2 3 4 N MET A 124 ? N MET A 124 O GLU A 144 ? O GLU A 144 
AA3 1 2 N TYR A 232 ? N TYR A 232 O TYR A 240 ? O TYR A 240 
# 
loop_
_pdbx_validate_torsion.id 
_pdbx_validate_torsion.PDB_model_num 
_pdbx_validate_torsion.auth_comp_id 
_pdbx_validate_torsion.auth_asym_id 
_pdbx_validate_torsion.auth_seq_id 
_pdbx_validate_torsion.PDB_ins_code 
_pdbx_validate_torsion.label_alt_id 
_pdbx_validate_torsion.phi 
_pdbx_validate_torsion.psi 
1 1 TYR A 57  ? ? 72.89   -49.17 
2 1 TYR A 224 ? ? -125.48 -56.62 
# 
loop_
_space_group_symop.id 
_space_group_symop.operation_xyz 
1  x,y,z               
2  z,x,y               
3  y,z,x               
4  -y,-z,x             
5  z,-x,-y             
6  -y,z,-x             
7  -z,-x,y             
8  -z,x,-y             
9  y,-z,-x             
10 x,-y,-z             
11 -x,y,-z             
12 -x,-y,z             
13 x+1/2,y+1/2,z+1/2   
14 z+1/2,x+1/2,y+1/2   
15 y+1/2,z+1/2,x+1/2   
16 -y+1/2,-z+1/2,x+1/2 
17 z+1/2,-x+1/2,-y+1/2 
18 -y+1/2,z+1/2,-x+1/2 
19 -z+1/2,-x+1/2,y+1/2 
20 -z+1/2,x+1/2,-y+1/2 
21 y+1/2,-z+1/2,-x+1/2 
22 x+1/2,-y+1/2,-z+1/2 
23 -x+1/2,y+1/2,-z+1/2 
24 -x+1/2,-y+1/2,z+1/2 
# 
loop_
_pdbx_unobs_or_zero_occ_residues.id 
_pdbx_unobs_or_zero_occ_residues.PDB_model_num 
_pdbx_unobs_or_zero_occ_residues.polymer_flag 
_pdbx_unobs_or_zero_occ_residues.occupancy_flag 
_pdbx_unobs_or_zero_occ_residues.auth_asym_id 
_pdbx_unobs_or_zero_occ_residues.auth_comp_id 
_pdbx_unobs_or_zero_occ_residues.auth_seq_id 
_pdbx_unobs_or_zero_occ_residues.PDB_ins_code 
_pdbx_unobs_or_zero_occ_residues.label_asym_id 
_pdbx_unobs_or_zero_occ_residues.label_comp_id 
_pdbx_unobs_or_zero_occ_residues.label_seq_id 
1  1 Y 1 A MET 1   ? A MET 1   
2  1 Y 1 A ALA 2   ? A ALA 2   
3  1 Y 1 A ASP 3   ? A ASP 3   
4  1 Y 1 A VAL 4   ? A VAL 4   
5  1 Y 1 A ALA 5   ? A ALA 5   
6  1 Y 1 A GLY 6   ? A GLY 6   
7  1 Y 1 A THR 7   ? A THR 7   
8  1 Y 1 A SER 8   ? A SER 8   
9  1 Y 1 A ASN 9   ? A ASN 9   
10 1 Y 1 A ARG 10  ? A ARG 10  
11 1 Y 1 A GLU 70  ? A GLU 70  
12 1 Y 1 A TYR 71  ? A TYR 71  
13 1 Y 1 A ARG 72  ? A ARG 72  
14 1 Y 1 A GLU 73  ? A GLU 73  
15 1 Y 1 A GLY 74  ? A GLY 74  
16 1 Y 1 A GLN 75  ? A GLN 75  
17 1 Y 1 A HIS 76  ? A HIS 76  
18 1 Y 1 A ASN 77  ? A ASN 77  
19 1 Y 1 A ASP 78  ? A ASP 78  
20 1 Y 1 A SER 79  ? A SER 79  
21 1 Y 1 A TYR 80  ? A TYR 80  
22 1 Y 1 A ASP 81  ? A ASP 81  
23 1 Y 1 A GLU 82  ? A GLU 82  
24 1 Y 1 A TYR 83  ? A TYR 83  
25 1 Y 1 A GLU 84  ? A GLU 84  
26 1 Y 1 A VAL 85  ? A VAL 85  
27 1 Y 1 A ASN 86  ? A ASN 86  
28 1 Y 1 A GLN 87  ? A GLN 87  
29 1 Y 1 A SER 88  ? A SER 88  
30 1 Y 1 A ILE 89  ? A ILE 89  
31 1 Y 1 A TYR 90  ? A TYR 90  
32 1 Y 1 A TYR 91  ? A TYR 91  
33 1 Y 1 A PRO 92  ? A PRO 92  
34 1 Y 1 A ASN 93  ? A ASN 93  
35 1 Y 1 A GLY 94  ? A GLY 94  
36 1 Y 1 A GLY 95  ? A GLY 95  
37 1 Y 1 A ASP 96  ? A ASP 96  
38 1 Y 1 A ALA 97  ? A ALA 97  
39 1 Y 1 A ARG 98  ? A ARG 98  
40 1 Y 1 A LYS 99  ? A LYS 99  
41 1 Y 1 A PHE 100 ? A PHE 100 
42 1 Y 1 A HIS 101 ? A HIS 101 
43 1 Y 1 A SER 102 ? A SER 102 
44 1 Y 1 A ASN 128 ? A ASN 128 
45 1 Y 1 A ALA 129 ? A ALA 129 
46 1 Y 1 A VAL 130 ? A VAL 130 
47 1 Y 1 A SER 131 ? A SER 131 
48 1 Y 1 A VAL 132 ? A VAL 132 
49 1 Y 1 A PRO 133 ? A PRO 133 
50 1 Y 1 A ASP 134 ? A ASP 134 
51 1 Y 1 A GLY 192 ? A GLY 192 
52 1 Y 1 A SER 193 ? A SER 193 
53 1 Y 1 A ALA 194 ? A ALA 194 
54 1 Y 1 A SER 245 ? A SER 245 
55 1 Y 1 A ASN 246 ? A ASN 246 
56 1 Y 1 A ARG 247 ? A ARG 247 
57 1 Y 1 A GLN 248 ? A GLN 248 
# 
loop_
_chem_comp_atom.comp_id 
_chem_comp_atom.atom_id 
_chem_comp_atom.type_symbol 
_chem_comp_atom.pdbx_aromatic_flag 
_chem_comp_atom.pdbx_stereo_config 
_chem_comp_atom.pdbx_ordinal 
ALA N    N N N 1   
ALA CA   C N S 2   
ALA C    C N N 3   
ALA O    O N N 4   
ALA CB   C N N 5   
ALA OXT  O N N 6   
ALA H    H N N 7   
ALA H2   H N N 8   
ALA HA   H N N 9   
ALA HB1  H N N 10  
ALA HB2  H N N 11  
ALA HB3  H N N 12  
ALA HXT  H N N 13  
ARG N    N N N 14  
ARG CA   C N S 15  
ARG C    C N N 16  
ARG O    O N N 17  
ARG CB   C N N 18  
ARG CG   C N N 19  
ARG CD   C N N 20  
ARG NE   N N N 21  
ARG CZ   C N N 22  
ARG NH1  N N N 23  
ARG NH2  N N N 24  
ARG OXT  O N N 25  
ARG H    H N N 26  
ARG H2   H N N 27  
ARG HA   H N N 28  
ARG HB2  H N N 29  
ARG HB3  H N N 30  
ARG HG2  H N N 31  
ARG HG3  H N N 32  
ARG HD2  H N N 33  
ARG HD3  H N N 34  
ARG HE   H N N 35  
ARG HH11 H N N 36  
ARG HH12 H N N 37  
ARG HH21 H N N 38  
ARG HH22 H N N 39  
ARG HXT  H N N 40  
ASN N    N N N 41  
ASN CA   C N S 42  
ASN C    C N N 43  
ASN O    O N N 44  
ASN CB   C N N 45  
ASN CG   C N N 46  
ASN OD1  O N N 47  
ASN ND2  N N N 48  
ASN OXT  O N N 49  
ASN H    H N N 50  
ASN H2   H N N 51  
ASN HA   H N N 52  
ASN HB2  H N N 53  
ASN HB3  H N N 54  
ASN HD21 H N N 55  
ASN HD22 H N N 56  
ASN HXT  H N N 57  
ASP N    N N N 58  
ASP CA   C N S 59  
ASP C    C N N 60  
ASP O    O N N 61  
ASP CB   C N N 62  
ASP CG   C N N 63  
ASP OD1  O N N 64  
ASP OD2  O N N 65  
ASP OXT  O N N 66  
ASP H    H N N 67  
ASP H2   H N N 68  
ASP HA   H N N 69  
ASP HB2  H N N 70  
ASP HB3  H N N 71  
ASP HD2  H N N 72  
ASP HXT  H N N 73  
CYS N    N N N 74  
CYS CA   C N R 75  
CYS C    C N N 76  
CYS O    O N N 77  
CYS CB   C N N 78  
CYS SG   S N N 79  
CYS OXT  O N N 80  
CYS H    H N N 81  
CYS H2   H N N 82  
CYS HA   H N N 83  
CYS HB2  H N N 84  
CYS HB3  H N N 85  
CYS HG   H N N 86  
CYS HXT  H N N 87  
GLN N    N N N 88  
GLN CA   C N S 89  
GLN C    C N N 90  
GLN O    O N N 91  
GLN CB   C N N 92  
GLN CG   C N N 93  
GLN CD   C N N 94  
GLN OE1  O N N 95  
GLN NE2  N N N 96  
GLN OXT  O N N 97  
GLN H    H N N 98  
GLN H2   H N N 99  
GLN HA   H N N 100 
GLN HB2  H N N 101 
GLN HB3  H N N 102 
GLN HG2  H N N 103 
GLN HG3  H N N 104 
GLN HE21 H N N 105 
GLN HE22 H N N 106 
GLN HXT  H N N 107 
GLU N    N N N 108 
GLU CA   C N S 109 
GLU C    C N N 110 
GLU O    O N N 111 
GLU CB   C N N 112 
GLU CG   C N N 113 
GLU CD   C N N 114 
GLU OE1  O N N 115 
GLU OE2  O N N 116 
GLU OXT  O N N 117 
GLU H    H N N 118 
GLU H2   H N N 119 
GLU HA   H N N 120 
GLU HB2  H N N 121 
GLU HB3  H N N 122 
GLU HG2  H N N 123 
GLU HG3  H N N 124 
GLU HE2  H N N 125 
GLU HXT  H N N 126 
GLY N    N N N 127 
GLY CA   C N N 128 
GLY C    C N N 129 
GLY O    O N N 130 
GLY OXT  O N N 131 
GLY H    H N N 132 
GLY H2   H N N 133 
GLY HA2  H N N 134 
GLY HA3  H N N 135 
GLY HXT  H N N 136 
HIS N    N N N 137 
HIS CA   C N S 138 
HIS C    C N N 139 
HIS O    O N N 140 
HIS CB   C N N 141 
HIS CG   C Y N 142 
HIS ND1  N Y N 143 
HIS CD2  C Y N 144 
HIS CE1  C Y N 145 
HIS NE2  N Y N 146 
HIS OXT  O N N 147 
HIS H    H N N 148 
HIS H2   H N N 149 
HIS HA   H N N 150 
HIS HB2  H N N 151 
HIS HB3  H N N 152 
HIS HD1  H N N 153 
HIS HD2  H N N 154 
HIS HE1  H N N 155 
HIS HE2  H N N 156 
HIS HXT  H N N 157 
HOH O    O N N 158 
HOH H1   H N N 159 
HOH H2   H N N 160 
ILE N    N N N 161 
ILE CA   C N S 162 
ILE C    C N N 163 
ILE O    O N N 164 
ILE CB   C N S 165 
ILE CG1  C N N 166 
ILE CG2  C N N 167 
ILE CD1  C N N 168 
ILE OXT  O N N 169 
ILE H    H N N 170 
ILE H2   H N N 171 
ILE HA   H N N 172 
ILE HB   H N N 173 
ILE HG12 H N N 174 
ILE HG13 H N N 175 
ILE HG21 H N N 176 
ILE HG22 H N N 177 
ILE HG23 H N N 178 
ILE HD11 H N N 179 
ILE HD12 H N N 180 
ILE HD13 H N N 181 
ILE HXT  H N N 182 
LEU N    N N N 183 
LEU CA   C N S 184 
LEU C    C N N 185 
LEU O    O N N 186 
LEU CB   C N N 187 
LEU CG   C N N 188 
LEU CD1  C N N 189 
LEU CD2  C N N 190 
LEU OXT  O N N 191 
LEU H    H N N 192 
LEU H2   H N N 193 
LEU HA   H N N 194 
LEU HB2  H N N 195 
LEU HB3  H N N 196 
LEU HG   H N N 197 
LEU HD11 H N N 198 
LEU HD12 H N N 199 
LEU HD13 H N N 200 
LEU HD21 H N N 201 
LEU HD22 H N N 202 
LEU HD23 H N N 203 
LEU HXT  H N N 204 
LYS N    N N N 205 
LYS CA   C N S 206 
LYS C    C N N 207 
LYS O    O N N 208 
LYS CB   C N N 209 
LYS CG   C N N 210 
LYS CD   C N N 211 
LYS CE   C N N 212 
LYS NZ   N N N 213 
LYS OXT  O N N 214 
LYS H    H N N 215 
LYS H2   H N N 216 
LYS HA   H N N 217 
LYS HB2  H N N 218 
LYS HB3  H N N 219 
LYS HG2  H N N 220 
LYS HG3  H N N 221 
LYS HD2  H N N 222 
LYS HD3  H N N 223 
LYS HE2  H N N 224 
LYS HE3  H N N 225 
LYS HZ1  H N N 226 
LYS HZ2  H N N 227 
LYS HZ3  H N N 228 
LYS HXT  H N N 229 
MET N    N N N 230 
MET CA   C N S 231 
MET C    C N N 232 
MET O    O N N 233 
MET CB   C N N 234 
MET CG   C N N 235 
MET SD   S N N 236 
MET CE   C N N 237 
MET OXT  O N N 238 
MET H    H N N 239 
MET H2   H N N 240 
MET HA   H N N 241 
MET HB2  H N N 242 
MET HB3  H N N 243 
MET HG2  H N N 244 
MET HG3  H N N 245 
MET HE1  H N N 246 
MET HE2  H N N 247 
MET HE3  H N N 248 
MET HXT  H N N 249 
PHE N    N N N 250 
PHE CA   C N S 251 
PHE C    C N N 252 
PHE O    O N N 253 
PHE CB   C N N 254 
PHE CG   C Y N 255 
PHE CD1  C Y N 256 
PHE CD2  C Y N 257 
PHE CE1  C Y N 258 
PHE CE2  C Y N 259 
PHE CZ   C Y N 260 
PHE OXT  O N N 261 
PHE H    H N N 262 
PHE H2   H N N 263 
PHE HA   H N N 264 
PHE HB2  H N N 265 
PHE HB3  H N N 266 
PHE HD1  H N N 267 
PHE HD2  H N N 268 
PHE HE1  H N N 269 
PHE HE2  H N N 270 
PHE HZ   H N N 271 
PHE HXT  H N N 272 
PRO N    N N N 273 
PRO CA   C N S 274 
PRO C    C N N 275 
PRO O    O N N 276 
PRO CB   C N N 277 
PRO CG   C N N 278 
PRO CD   C N N 279 
PRO OXT  O N N 280 
PRO H    H N N 281 
PRO HA   H N N 282 
PRO HB2  H N N 283 
PRO HB3  H N N 284 
PRO HG2  H N N 285 
PRO HG3  H N N 286 
PRO HD2  H N N 287 
PRO HD3  H N N 288 
PRO HXT  H N N 289 
SER N    N N N 290 
SER CA   C N S 291 
SER C    C N N 292 
SER O    O N N 293 
SER CB   C N N 294 
SER OG   O N N 295 
SER OXT  O N N 296 
SER H    H N N 297 
SER H2   H N N 298 
SER HA   H N N 299 
SER HB2  H N N 300 
SER HB3  H N N 301 
SER HG   H N N 302 
SER HXT  H N N 303 
THR N    N N N 304 
THR CA   C N S 305 
THR C    C N N 306 
THR O    O N N 307 
THR CB   C N R 308 
THR OG1  O N N 309 
THR CG2  C N N 310 
THR OXT  O N N 311 
THR H    H N N 312 
THR H2   H N N 313 
THR HA   H N N 314 
THR HB   H N N 315 
THR HG1  H N N 316 
THR HG21 H N N 317 
THR HG22 H N N 318 
THR HG23 H N N 319 
THR HXT  H N N 320 
TRP N    N N N 321 
TRP CA   C N S 322 
TRP C    C N N 323 
TRP O    O N N 324 
TRP CB   C N N 325 
TRP CG   C Y N 326 
TRP CD1  C Y N 327 
TRP CD2  C Y N 328 
TRP NE1  N Y N 329 
TRP CE2  C Y N 330 
TRP CE3  C Y N 331 
TRP CZ2  C Y N 332 
TRP CZ3  C Y N 333 
TRP CH2  C Y N 334 
TRP OXT  O N N 335 
TRP H    H N N 336 
TRP H2   H N N 337 
TRP HA   H N N 338 
TRP HB2  H N N 339 
TRP HB3  H N N 340 
TRP HD1  H N N 341 
TRP HE1  H N N 342 
TRP HE3  H N N 343 
TRP HZ2  H N N 344 
TRP HZ3  H N N 345 
TRP HH2  H N N 346 
TRP HXT  H N N 347 
TYR N    N N N 348 
TYR CA   C N S 349 
TYR C    C N N 350 
TYR O    O N N 351 
TYR CB   C N N 352 
TYR CG   C Y N 353 
TYR CD1  C Y N 354 
TYR CD2  C Y N 355 
TYR CE1  C Y N 356 
TYR CE2  C Y N 357 
TYR CZ   C Y N 358 
TYR OH   O N N 359 
TYR OXT  O N N 360 
TYR H    H N N 361 
TYR H2   H N N 362 
TYR HA   H N N 363 
TYR HB2  H N N 364 
TYR HB3  H N N 365 
TYR HD1  H N N 366 
TYR HD2  H N N 367 
TYR HE1  H N N 368 
TYR HE2  H N N 369 
TYR HH   H N N 370 
TYR HXT  H N N 371 
VAL N    N N N 372 
VAL CA   C N S 373 
VAL C    C N N 374 
VAL O    O N N 375 
VAL CB   C N N 376 
VAL CG1  C N N 377 
VAL CG2  C N N 378 
VAL OXT  O N N 379 
VAL H    H N N 380 
VAL H2   H N N 381 
VAL HA   H N N 382 
VAL HB   H N N 383 
VAL HG11 H N N 384 
VAL HG12 H N N 385 
VAL HG13 H N N 386 
VAL HG21 H N N 387 
VAL HG22 H N N 388 
VAL HG23 H N N 389 
VAL HXT  H N N 390 
# 
loop_
_chem_comp_bond.comp_id 
_chem_comp_bond.atom_id_1 
_chem_comp_bond.atom_id_2 
_chem_comp_bond.value_order 
_chem_comp_bond.pdbx_aromatic_flag 
_chem_comp_bond.pdbx_stereo_config 
_chem_comp_bond.pdbx_ordinal 
ALA N   CA   sing N N 1   
ALA N   H    sing N N 2   
ALA N   H2   sing N N 3   
ALA CA  C    sing N N 4   
ALA CA  CB   sing N N 5   
ALA CA  HA   sing N N 6   
ALA C   O    doub N N 7   
ALA C   OXT  sing N N 8   
ALA CB  HB1  sing N N 9   
ALA CB  HB2  sing N N 10  
ALA CB  HB3  sing N N 11  
ALA OXT HXT  sing N N 12  
ARG N   CA   sing N N 13  
ARG N   H    sing N N 14  
ARG N   H2   sing N N 15  
ARG CA  C    sing N N 16  
ARG CA  CB   sing N N 17  
ARG CA  HA   sing N N 18  
ARG C   O    doub N N 19  
ARG C   OXT  sing N N 20  
ARG CB  CG   sing N N 21  
ARG CB  HB2  sing N N 22  
ARG CB  HB3  sing N N 23  
ARG CG  CD   sing N N 24  
ARG CG  HG2  sing N N 25  
ARG CG  HG3  sing N N 26  
ARG CD  NE   sing N N 27  
ARG CD  HD2  sing N N 28  
ARG CD  HD3  sing N N 29  
ARG NE  CZ   sing N N 30  
ARG NE  HE   sing N N 31  
ARG CZ  NH1  sing N N 32  
ARG CZ  NH2  doub N N 33  
ARG NH1 HH11 sing N N 34  
ARG NH1 HH12 sing N N 35  
ARG NH2 HH21 sing N N 36  
ARG NH2 HH22 sing N N 37  
ARG OXT HXT  sing N N 38  
ASN N   CA   sing N N 39  
ASN N   H    sing N N 40  
ASN N   H2   sing N N 41  
ASN CA  C    sing N N 42  
ASN CA  CB   sing N N 43  
ASN CA  HA   sing N N 44  
ASN C   O    doub N N 45  
ASN C   OXT  sing N N 46  
ASN CB  CG   sing N N 47  
ASN CB  HB2  sing N N 48  
ASN CB  HB3  sing N N 49  
ASN CG  OD1  doub N N 50  
ASN CG  ND2  sing N N 51  
ASN ND2 HD21 sing N N 52  
ASN ND2 HD22 sing N N 53  
ASN OXT HXT  sing N N 54  
ASP N   CA   sing N N 55  
ASP N   H    sing N N 56  
ASP N   H2   sing N N 57  
ASP CA  C    sing N N 58  
ASP CA  CB   sing N N 59  
ASP CA  HA   sing N N 60  
ASP C   O    doub N N 61  
ASP C   OXT  sing N N 62  
ASP CB  CG   sing N N 63  
ASP CB  HB2  sing N N 64  
ASP CB  HB3  sing N N 65  
ASP CG  OD1  doub N N 66  
ASP CG  OD2  sing N N 67  
ASP OD2 HD2  sing N N 68  
ASP OXT HXT  sing N N 69  
CYS N   CA   sing N N 70  
CYS N   H    sing N N 71  
CYS N   H2   sing N N 72  
CYS CA  C    sing N N 73  
CYS CA  CB   sing N N 74  
CYS CA  HA   sing N N 75  
CYS C   O    doub N N 76  
CYS C   OXT  sing N N 77  
CYS CB  SG   sing N N 78  
CYS CB  HB2  sing N N 79  
CYS CB  HB3  sing N N 80  
CYS SG  HG   sing N N 81  
CYS OXT HXT  sing N N 82  
GLN N   CA   sing N N 83  
GLN N   H    sing N N 84  
GLN N   H2   sing N N 85  
GLN CA  C    sing N N 86  
GLN CA  CB   sing N N 87  
GLN CA  HA   sing N N 88  
GLN C   O    doub N N 89  
GLN C   OXT  sing N N 90  
GLN CB  CG   sing N N 91  
GLN CB  HB2  sing N N 92  
GLN CB  HB3  sing N N 93  
GLN CG  CD   sing N N 94  
GLN CG  HG2  sing N N 95  
GLN CG  HG3  sing N N 96  
GLN CD  OE1  doub N N 97  
GLN CD  NE2  sing N N 98  
GLN NE2 HE21 sing N N 99  
GLN NE2 HE22 sing N N 100 
GLN OXT HXT  sing N N 101 
GLU N   CA   sing N N 102 
GLU N   H    sing N N 103 
GLU N   H2   sing N N 104 
GLU CA  C    sing N N 105 
GLU CA  CB   sing N N 106 
GLU CA  HA   sing N N 107 
GLU C   O    doub N N 108 
GLU C   OXT  sing N N 109 
GLU CB  CG   sing N N 110 
GLU CB  HB2  sing N N 111 
GLU CB  HB3  sing N N 112 
GLU CG  CD   sing N N 113 
GLU CG  HG2  sing N N 114 
GLU CG  HG3  sing N N 115 
GLU CD  OE1  doub N N 116 
GLU CD  OE2  sing N N 117 
GLU OE2 HE2  sing N N 118 
GLU OXT HXT  sing N N 119 
GLY N   CA   sing N N 120 
GLY N   H    sing N N 121 
GLY N   H2   sing N N 122 
GLY CA  C    sing N N 123 
GLY CA  HA2  sing N N 124 
GLY CA  HA3  sing N N 125 
GLY C   O    doub N N 126 
GLY C   OXT  sing N N 127 
GLY OXT HXT  sing N N 128 
HIS N   CA   sing N N 129 
HIS N   H    sing N N 130 
HIS N   H2   sing N N 131 
HIS CA  C    sing N N 132 
HIS CA  CB   sing N N 133 
HIS CA  HA   sing N N 134 
HIS C   O    doub N N 135 
HIS C   OXT  sing N N 136 
HIS CB  CG   sing N N 137 
HIS CB  HB2  sing N N 138 
HIS CB  HB3  sing N N 139 
HIS CG  ND1  sing Y N 140 
HIS CG  CD2  doub Y N 141 
HIS ND1 CE1  doub Y N 142 
HIS ND1 HD1  sing N N 143 
HIS CD2 NE2  sing Y N 144 
HIS CD2 HD2  sing N N 145 
HIS CE1 NE2  sing Y N 146 
HIS CE1 HE1  sing N N 147 
HIS NE2 HE2  sing N N 148 
HIS OXT HXT  sing N N 149 
HOH O   H1   sing N N 150 
HOH O   H2   sing N N 151 
ILE N   CA   sing N N 152 
ILE N   H    sing N N 153 
ILE N   H2   sing N N 154 
ILE CA  C    sing N N 155 
ILE CA  CB   sing N N 156 
ILE CA  HA   sing N N 157 
ILE C   O    doub N N 158 
ILE C   OXT  sing N N 159 
ILE CB  CG1  sing N N 160 
ILE CB  CG2  sing N N 161 
ILE CB  HB   sing N N 162 
ILE CG1 CD1  sing N N 163 
ILE CG1 HG12 sing N N 164 
ILE CG1 HG13 sing N N 165 
ILE CG2 HG21 sing N N 166 
ILE CG2 HG22 sing N N 167 
ILE CG2 HG23 sing N N 168 
ILE CD1 HD11 sing N N 169 
ILE CD1 HD12 sing N N 170 
ILE CD1 HD13 sing N N 171 
ILE OXT HXT  sing N N 172 
LEU N   CA   sing N N 173 
LEU N   H    sing N N 174 
LEU N   H2   sing N N 175 
LEU CA  C    sing N N 176 
LEU CA  CB   sing N N 177 
LEU CA  HA   sing N N 178 
LEU C   O    doub N N 179 
LEU C   OXT  sing N N 180 
LEU CB  CG   sing N N 181 
LEU CB  HB2  sing N N 182 
LEU CB  HB3  sing N N 183 
LEU CG  CD1  sing N N 184 
LEU CG  CD2  sing N N 185 
LEU CG  HG   sing N N 186 
LEU CD1 HD11 sing N N 187 
LEU CD1 HD12 sing N N 188 
LEU CD1 HD13 sing N N 189 
LEU CD2 HD21 sing N N 190 
LEU CD2 HD22 sing N N 191 
LEU CD2 HD23 sing N N 192 
LEU OXT HXT  sing N N 193 
LYS N   CA   sing N N 194 
LYS N   H    sing N N 195 
LYS N   H2   sing N N 196 
LYS CA  C    sing N N 197 
LYS CA  CB   sing N N 198 
LYS CA  HA   sing N N 199 
LYS C   O    doub N N 200 
LYS C   OXT  sing N N 201 
LYS CB  CG   sing N N 202 
LYS CB  HB2  sing N N 203 
LYS CB  HB3  sing N N 204 
LYS CG  CD   sing N N 205 
LYS CG  HG2  sing N N 206 
LYS CG  HG3  sing N N 207 
LYS CD  CE   sing N N 208 
LYS CD  HD2  sing N N 209 
LYS CD  HD3  sing N N 210 
LYS CE  NZ   sing N N 211 
LYS CE  HE2  sing N N 212 
LYS CE  HE3  sing N N 213 
LYS NZ  HZ1  sing N N 214 
LYS NZ  HZ2  sing N N 215 
LYS NZ  HZ3  sing N N 216 
LYS OXT HXT  sing N N 217 
MET N   CA   sing N N 218 
MET N   H    sing N N 219 
MET N   H2   sing N N 220 
MET CA  C    sing N N 221 
MET CA  CB   sing N N 222 
MET CA  HA   sing N N 223 
MET C   O    doub N N 224 
MET C   OXT  sing N N 225 
MET CB  CG   sing N N 226 
MET CB  HB2  sing N N 227 
MET CB  HB3  sing N N 228 
MET CG  SD   sing N N 229 
MET CG  HG2  sing N N 230 
MET CG  HG3  sing N N 231 
MET SD  CE   sing N N 232 
MET CE  HE1  sing N N 233 
MET CE  HE2  sing N N 234 
MET CE  HE3  sing N N 235 
MET OXT HXT  sing N N 236 
PHE N   CA   sing N N 237 
PHE N   H    sing N N 238 
PHE N   H2   sing N N 239 
PHE CA  C    sing N N 240 
PHE CA  CB   sing N N 241 
PHE CA  HA   sing N N 242 
PHE C   O    doub N N 243 
PHE C   OXT  sing N N 244 
PHE CB  CG   sing N N 245 
PHE CB  HB2  sing N N 246 
PHE CB  HB3  sing N N 247 
PHE CG  CD1  doub Y N 248 
PHE CG  CD2  sing Y N 249 
PHE CD1 CE1  sing Y N 250 
PHE CD1 HD1  sing N N 251 
PHE CD2 CE2  doub Y N 252 
PHE CD2 HD2  sing N N 253 
PHE CE1 CZ   doub Y N 254 
PHE CE1 HE1  sing N N 255 
PHE CE2 CZ   sing Y N 256 
PHE CE2 HE2  sing N N 257 
PHE CZ  HZ   sing N N 258 
PHE OXT HXT  sing N N 259 
PRO N   CA   sing N N 260 
PRO N   CD   sing N N 261 
PRO N   H    sing N N 262 
PRO CA  C    sing N N 263 
PRO CA  CB   sing N N 264 
PRO CA  HA   sing N N 265 
PRO C   O    doub N N 266 
PRO C   OXT  sing N N 267 
PRO CB  CG   sing N N 268 
PRO CB  HB2  sing N N 269 
PRO CB  HB3  sing N N 270 
PRO CG  CD   sing N N 271 
PRO CG  HG2  sing N N 272 
PRO CG  HG3  sing N N 273 
PRO CD  HD2  sing N N 274 
PRO CD  HD3  sing N N 275 
PRO OXT HXT  sing N N 276 
SER N   CA   sing N N 277 
SER N   H    sing N N 278 
SER N   H2   sing N N 279 
SER CA  C    sing N N 280 
SER CA  CB   sing N N 281 
SER CA  HA   sing N N 282 
SER C   O    doub N N 283 
SER C   OXT  sing N N 284 
SER CB  OG   sing N N 285 
SER CB  HB2  sing N N 286 
SER CB  HB3  sing N N 287 
SER OG  HG   sing N N 288 
SER OXT HXT  sing N N 289 
THR N   CA   sing N N 290 
THR N   H    sing N N 291 
THR N   H2   sing N N 292 
THR CA  C    sing N N 293 
THR CA  CB   sing N N 294 
THR CA  HA   sing N N 295 
THR C   O    doub N N 296 
THR C   OXT  sing N N 297 
THR CB  OG1  sing N N 298 
THR CB  CG2  sing N N 299 
THR CB  HB   sing N N 300 
THR OG1 HG1  sing N N 301 
THR CG2 HG21 sing N N 302 
THR CG2 HG22 sing N N 303 
THR CG2 HG23 sing N N 304 
THR OXT HXT  sing N N 305 
TRP N   CA   sing N N 306 
TRP N   H    sing N N 307 
TRP N   H2   sing N N 308 
TRP CA  C    sing N N 309 
TRP CA  CB   sing N N 310 
TRP CA  HA   sing N N 311 
TRP C   O    doub N N 312 
TRP C   OXT  sing N N 313 
TRP CB  CG   sing N N 314 
TRP CB  HB2  sing N N 315 
TRP CB  HB3  sing N N 316 
TRP CG  CD1  doub Y N 317 
TRP CG  CD2  sing Y N 318 
TRP CD1 NE1  sing Y N 319 
TRP CD1 HD1  sing N N 320 
TRP CD2 CE2  doub Y N 321 
TRP CD2 CE3  sing Y N 322 
TRP NE1 CE2  sing Y N 323 
TRP NE1 HE1  sing N N 324 
TRP CE2 CZ2  sing Y N 325 
TRP CE3 CZ3  doub Y N 326 
TRP CE3 HE3  sing N N 327 
TRP CZ2 CH2  doub Y N 328 
TRP CZ2 HZ2  sing N N 329 
TRP CZ3 CH2  sing Y N 330 
TRP CZ3 HZ3  sing N N 331 
TRP CH2 HH2  sing N N 332 
TRP OXT HXT  sing N N 333 
TYR N   CA   sing N N 334 
TYR N   H    sing N N 335 
TYR N   H2   sing N N 336 
TYR CA  C    sing N N 337 
TYR CA  CB   sing N N 338 
TYR CA  HA   sing N N 339 
TYR C   O    doub N N 340 
TYR C   OXT  sing N N 341 
TYR CB  CG   sing N N 342 
TYR CB  HB2  sing N N 343 
TYR CB  HB3  sing N N 344 
TYR CG  CD1  doub Y N 345 
TYR CG  CD2  sing Y N 346 
TYR CD1 CE1  sing Y N 347 
TYR CD1 HD1  sing N N 348 
TYR CD2 CE2  doub Y N 349 
TYR CD2 HD2  sing N N 350 
TYR CE1 CZ   doub Y N 351 
TYR CE1 HE1  sing N N 352 
TYR CE2 CZ   sing Y N 353 
TYR CE2 HE2  sing N N 354 
TYR CZ  OH   sing N N 355 
TYR OH  HH   sing N N 356 
TYR OXT HXT  sing N N 357 
VAL N   CA   sing N N 358 
VAL N   H    sing N N 359 
VAL N   H2   sing N N 360 
VAL CA  C    sing N N 361 
VAL CA  CB   sing N N 362 
VAL CA  HA   sing N N 363 
VAL C   O    doub N N 364 
VAL C   OXT  sing N N 365 
VAL CB  CG1  sing N N 366 
VAL CB  CG2  sing N N 367 
VAL CB  HB   sing N N 368 
VAL CG1 HG11 sing N N 369 
VAL CG1 HG12 sing N N 370 
VAL CG1 HG13 sing N N 371 
VAL CG2 HG21 sing N N 372 
VAL CG2 HG22 sing N N 373 
VAL CG2 HG23 sing N N 374 
VAL OXT HXT  sing N N 375 
# 
_pdbx_audit_support.funding_organization   'Japan Society for the Promotion of Science (JSPS)' 
_pdbx_audit_support.country                Japan 
_pdbx_audit_support.grant_number           ? 
_pdbx_audit_support.ordinal                1 
# 
_pdbx_initial_refinement_model.id               1 
_pdbx_initial_refinement_model.entity_id_list   ? 
_pdbx_initial_refinement_model.type             'experimental model' 
_pdbx_initial_refinement_model.source_name      PDB 
_pdbx_initial_refinement_model.accession_code   2OH6 
_pdbx_initial_refinement_model.details          ? 
# 
_space_group.name_H-M_alt     'I 2 3' 
_space_group.name_Hall        'I 2 2 3' 
_space_group.IT_number        197 
_space_group.crystal_system   cubic 
_space_group.id               1 
# 
_atom_sites.entry_id                    8J2Q 
_atom_sites.Cartn_transf_matrix[1][1]   ? 
_atom_sites.Cartn_transf_matrix[1][2]   ? 
_atom_sites.Cartn_transf_matrix[1][3]   ? 
_atom_sites.Cartn_transf_matrix[2][1]   ? 
_atom_sites.Cartn_transf_matrix[2][2]   ? 
_atom_sites.Cartn_transf_matrix[2][3]   ? 
_atom_sites.Cartn_transf_matrix[3][1]   ? 
_atom_sites.Cartn_transf_matrix[3][2]   ? 
_atom_sites.Cartn_transf_matrix[3][3]   ? 
_atom_sites.Cartn_transf_vector[1]      ? 
_atom_sites.Cartn_transf_vector[2]      ? 
_atom_sites.Cartn_transf_vector[3]      ? 
_atom_sites.Cartn_transform_axes        ? 
_atom_sites.fract_transf_matrix[1][1]   0.00091187 
_atom_sites.fract_transf_matrix[1][2]   -0.00311011 
_atom_sites.fract_transf_matrix[1][3]   -0.00886300 
_atom_sites.fract_transf_matrix[2][1]   -0.00014289 
_atom_sites.fract_transf_matrix[2][2]   0.00889904 
_atom_sites.fract_transf_matrix[2][3]   -0.00313746 
_atom_sites.fract_transf_matrix[3][1]   0.00939175 
_atom_sites.fract_transf_matrix[3][2]   0.00043737 
_atom_sites.fract_transf_matrix[3][3]   0.00081280 
_atom_sites.fract_transf_vector[1]      0.395022 
_atom_sites.fract_transf_vector[2]      0.278274 
_atom_sites.fract_transf_vector[3]      0.155851 
_atom_sites.solution_primary            ? 
_atom_sites.solution_secondary          ? 
_atom_sites.solution_hydrogens          ? 
_atom_sites.special_details             ? 
# 
loop_
_atom_type.symbol 
_atom_type.scat_dispersion_real 
_atom_type.scat_dispersion_imag 
_atom_type.scat_Cromer_Mann_a1 
_atom_type.scat_Cromer_Mann_a2 
_atom_type.scat_Cromer_Mann_a3 
_atom_type.scat_Cromer_Mann_a4 
_atom_type.scat_Cromer_Mann_b1 
_atom_type.scat_Cromer_Mann_b2 
_atom_type.scat_Cromer_Mann_b3 
_atom_type.scat_Cromer_Mann_b4 
_atom_type.scat_Cromer_Mann_c 
_atom_type.scat_source 
_atom_type.scat_dispersion_source 
C ? ? 3.54356 2.42580 ? ? 25.62398 1.50364  ? ? 0.0 
;2-Gaussian fit: Grosse-Kunstleve RW, Sauter NK, Adams PD: Newsletter of the IUCr Commission on Crystallographic Computing 2004, 3, 22-31.
;
? 
N ? ? 4.01032 2.96436 ? ? 19.97189 1.75589  ? ? 0.0 
;2-Gaussian fit: Grosse-Kunstleve RW, Sauter NK, Adams PD: Newsletter of the IUCr Commission on Crystallographic Computing 2004, 3, 22-31.
;
? 
O ? ? 4.49882 3.47563 ? ? 15.80542 1.70748  ? ? 0.0 
;2-Gaussian fit: Grosse-Kunstleve RW, Sauter NK, Adams PD: Newsletter of the IUCr Commission on Crystallographic Computing 2004, 3, 22-31.
;
? 
S ? ? 9.55732 6.39887 ? ? 1.23737  29.19336 ? ? 0.0 
;2-Gaussian fit: Grosse-Kunstleve RW, Sauter NK, Adams PD: Newsletter of the IUCr Commission on Crystallographic Computing 2004, 3, 22-31.
;
? 
# 
loop_
_atom_site.group_PDB 
_atom_site.id 
_atom_site.type_symbol 
_atom_site.label_atom_id 
_atom_site.label_alt_id 
_atom_site.label_comp_id 
_atom_site.label_asym_id 
_atom_site.label_entity_id 
_atom_site.label_seq_id 
_atom_site.pdbx_PDB_ins_code 
_atom_site.Cartn_x 
_atom_site.Cartn_y 
_atom_site.Cartn_z 
_atom_site.occupancy 
_atom_site.B_iso_or_equiv 
_atom_site.pdbx_formal_charge 
_atom_site.auth_seq_id 
_atom_site.auth_comp_id 
_atom_site.auth_asym_id 
_atom_site.auth_atom_id 
_atom_site.pdbx_PDB_model_num 
ATOM   1    N N   . ASP A 1 11  ? -6.87335  -36.58252 -12.03727 1.000 47.82075 ? 11  ASP A N   1 
ATOM   2    C CA  . ASP A 1 11  ? -5.65182  -35.78188 -12.00139 1.000 45.20040 ? 11  ASP A CA  1 
ATOM   3    C C   . ASP A 1 11  ? -5.54787  -35.01403 -10.69403 1.000 45.54989 ? 11  ASP A C   1 
ATOM   4    O O   . ASP A 1 11  ? -6.20469  -33.99421 -10.51678 1.000 51.68405 ? 11  ASP A O   1 
ATOM   5    C CB  . ASP A 1 11  ? -5.59179  -34.81040 -13.19211 1.000 52.29911 ? 11  ASP A CB  1 
ATOM   6    C CG  . ASP A 1 11  ? -4.15576  -34.35280 -13.51467 1.000 46.39746 ? 11  ASP A CG  1 
ATOM   7    O OD1 . ASP A 1 11  ? -3.36205  -34.10047 -12.57514 1.000 45.35100 ? 11  ASP A OD1 1 
ATOM   8    O OD2 . ASP A 1 11  ? -3.81490  -34.26341 -14.71244 1.000 39.70161 ? 11  ASP A OD2 1 
ATOM   9    N N   . PHE A 1 12  ? -4.69661  -35.50537 -9.78934  1.000 40.34298 ? 12  PHE A N   1 
ATOM   10   C CA  . PHE A 1 12  ? -4.55529  -34.90257 -8.46897  1.000 46.39601 ? 12  PHE A CA  1 
ATOM   11   C C   . PHE A 1 12  ? -3.71282  -33.63939 -8.47932  1.000 47.14500 ? 12  PHE A C   1 
ATOM   12   O O   . PHE A 1 12  ? -3.74622  -32.88619 -7.49586  1.000 47.25359 ? 12  PHE A O   1 
ATOM   13   C CB  . PHE A 1 12  ? -3.93976  -35.89588 -7.48859  1.000 42.76041 ? 12  PHE A CB  1 
ATOM   14   C CG  . PHE A 1 12  ? -4.83299  -37.03437 -7.16045  1.000 43.93495 ? 12  PHE A CG  1 
ATOM   15   C CD1 . PHE A 1 12  ? -5.93089  -36.84800 -6.32856  1.000 44.99469 ? 12  PHE A CD1 1 
ATOM   16   C CD2 . PHE A 1 12  ? -4.58602  -38.29738 -7.67446  1.000 43.32368 ? 12  PHE A CD2 1 
ATOM   17   C CE1 . PHE A 1 12  ? -6.76925  -37.90053 -6.02374  1.000 45.64550 ? 12  PHE A CE1 1 
ATOM   18   C CE2 . PHE A 1 12  ? -5.42160  -39.35477 -7.36677  1.000 43.97025 ? 12  PHE A CE2 1 
ATOM   19   C CZ  . PHE A 1 12  ? -6.51401  -39.15684 -6.54213  1.000 47.59526 ? 12  PHE A CZ  1 
ATOM   20   N N   . ARG A 1 13  ? -2.94756  -33.40173 -9.55018  1.000 44.64239 ? 13  ARG A N   1 
ATOM   21   C CA  . ARG A 1 13  ? -2.21563  -32.14696 -9.66368  1.000 44.69730 ? 13  ARG A CA  1 
ATOM   22   C C   . ARG A 1 13  ? -3.15259  -30.95836 -9.51530  1.000 41.37357 ? 13  ARG A C   1 
ATOM   23   O O   . ARG A 1 13  ? -2.79770  -29.95136 -8.89158  1.000 42.98272 ? 13  ARG A O   1 
ATOM   24   C CB  . ARG A 1 13  ? -1.49120  -32.07357 -11.00589 1.000 42.52264 ? 13  ARG A CB  1 
ATOM   25   C CG  . ARG A 1 13  ? -0.20450  -32.84480 -11.06338 1.000 37.80302 ? 13  ARG A CG  1 
ATOM   26   C CD  . ARG A 1 13  ? 0.30874   -32.83783 -12.47235 1.000 32.43323 ? 13  ARG A CD  1 
ATOM   27   N NE  . ARG A 1 13  ? -0.67333  -33.38257 -13.40316 1.000 34.15303 ? 13  ARG A NE  1 
ATOM   28   C CZ  . ARG A 1 13  ? -0.37281  -34.21976 -14.38503 1.000 35.62140 ? 13  ARG A CZ  1 
ATOM   29   N NH1 . ARG A 1 13  ? 0.87604   -34.59313 -14.61079 1.000 30.96235 ? 13  ARG A NH1 1 
ATOM   30   N NH2 . ARG A 1 13  ? -1.34892  -34.68887 -15.16485 1.000 33.15089 ? 13  ARG A NH2 1 
ATOM   31   N N   . GLY A 1 14  ? -4.36135  -31.06569 -10.07420 1.000 41.44117 ? 14  GLY A N   1 
ATOM   32   C CA  . GLY A 1 14  ? -5.33225  -29.99214 -9.93265  1.000 37.56952 ? 14  GLY A CA  1 
ATOM   33   C C   . GLY A 1 14  ? -5.89476  -29.86946 -8.52366  1.000 41.79204 ? 14  GLY A C   1 
ATOM   34   O O   . GLY A 1 14  ? -6.04050  -28.76071 -7.99779  1.000 43.24126 ? 14  GLY A O   1 
ATOM   35   N N   . TYR A 1 15  ? -6.22030  -31.00207 -7.89049  1.000 40.78453 ? 15  TYR A N   1 
ATOM   36   C CA  . TYR A 1 15  ? -6.84978  -30.95893 -6.57125  1.000 42.31593 ? 15  TYR A CA  1 
ATOM   37   C C   . TYR A 1 15  ? -5.92246  -30.32644 -5.53872  1.000 34.52221 ? 15  TYR A C   1 
ATOM   38   O O   . TYR A 1 15  ? -6.33733  -29.45783 -4.76393  1.000 40.06850 ? 15  TYR A O   1 
ATOM   39   C CB  . TYR A 1 15  ? -7.26896  -32.36881 -6.14833  1.000 44.53900 ? 15  TYR A CB  1 
ATOM   40   N N   . ILE A 1 16  ? -4.64883  -30.72288 -5.53676  1.000 36.39014 ? 16  ILE A N   1 
ATOM   41   C CA  . ILE A 1 16  ? -3.71638  -30.21798 -4.52984  1.000 38.77570 ? 16  ILE A CA  1 
ATOM   42   C C   . ILE A 1 16  ? -3.48976  -28.71168 -4.69861  1.000 44.26946 ? 16  ILE A C   1 
ATOM   43   O O   . ILE A 1 16  ? -3.40556  -27.96671 -3.70877  1.000 38.02452 ? 16  ILE A O   1 
ATOM   44   C CB  . ILE A 1 16  ? -2.40131  -31.01633 -4.59601  1.000 40.56528 ? 16  ILE A CB  1 
ATOM   45   C CG1 . ILE A 1 16  ? -2.61113  -32.41913 -4.00310  1.000 44.80060 ? 16  ILE A CG1 1 
ATOM   46   C CG2 . ILE A 1 16  ? -1.29622  -30.30017 -3.84083  1.000 45.42156 ? 16  ILE A CG2 1 
ATOM   47   C CD1 . ILE A 1 16  ? -3.47870  -32.42621 -2.75798  1.000 45.53006 ? 16  ILE A CD1 1 
ATOM   48   N N   . LEU A 1 17  ? -3.40144  -28.23663 -5.94739  1.000 37.46619 ? 17  LEU A N   1 
ATOM   49   C CA  . LEU A 1 17  ? -3.18049  -26.80953 -6.19087  1.000 38.59501 ? 17  LEU A CA  1 
ATOM   50   C C   . LEU A 1 17  ? -4.29760  -25.95485 -5.60877  1.000 35.01097 ? 17  LEU A C   1 
ATOM   51   O O   . LEU A 1 17  ? -4.04343  -24.87212 -5.07223  1.000 40.43053 ? 17  LEU A O   1 
ATOM   52   C CB  . LEU A 1 17  ? -3.05607  -26.53739 -7.68919  1.000 40.92726 ? 17  LEU A CB  1 
ATOM   53   C CG  . LEU A 1 17  ? -1.72624  -26.86786 -8.35178  1.000 47.33394 ? 17  LEU A CG  1 
ATOM   54   C CD1 . LEU A 1 17  ? -1.83221  -26.65657 -9.83980  1.000 42.84239 ? 17  LEU A CD1 1 
ATOM   55   C CD2 . LEU A 1 17  ? -0.69617  -25.92753 -7.77899  1.000 49.25273 ? 17  LEU A CD2 1 
ATOM   56   N N   . SER A 1 18  ? -5.54408  -26.40795 -5.72523  1.000 37.08894 ? 18  SER A N   1 
ATOM   57   C CA  . SER A 1 18  ? -6.65044  -25.58512 -5.25248  1.000 39.48139 ? 18  SER A CA  1 
ATOM   58   C C   . SER A 1 18  ? -6.69740  -25.54116 -3.72517  1.000 40.47291 ? 18  SER A C   1 
ATOM   59   O O   . SER A 1 18  ? -7.02855  -24.50422 -3.13772  1.000 39.82481 ? 18  SER A O   1 
ATOM   60   C CB  . SER A 1 18  ? -7.96602  -26.09548 -5.83485  1.000 40.28265 ? 18  SER A CB  1 
ATOM   61   O OG  . SER A 1 18  ? -8.00777  -27.51209 -5.83748  1.000 54.79497 ? 18  SER A OG  1 
ATOM   62   N N   . VAL A 1 19  ? -6.36671  -26.64853 -3.06073  1.000 37.05073 ? 19  VAL A N   1 
ATOM   63   C CA  . VAL A 1 19  ? -6.29583  -26.62328 -1.59990  1.000 36.82900 ? 19  VAL A CA  1 
ATOM   64   C C   . VAL A 1 19  ? -5.19168  -25.67361 -1.14818  1.000 41.85415 ? 19  VAL A C   1 
ATOM   65   O O   . VAL A 1 19  ? -5.35929  -24.89100 -0.20136  1.000 38.57432 ? 19  VAL A O   1 
ATOM   66   C CB  . VAL A 1 19  ? -6.07678  -28.04649 -1.05326  1.000 38.94930 ? 19  VAL A CB  1 
ATOM   67   C CG1 . VAL A 1 19  ? -5.70014  -28.00790 0.42434   1.000 41.29820 ? 19  VAL A CG1 1 
ATOM   68   C CG2 . VAL A 1 19  ? -7.31008  -28.91842 -1.30130  1.000 42.76306 ? 19  VAL A CG2 1 
ATOM   69   N N   . GLN A 1 20  ? -4.06029  -25.69662 -1.85052  1.000 30.09380 ? 20  GLN A N   1 
ATOM   70   C CA  . GLN A 1 20  ? -2.90614  -24.90546 -1.44999  1.000 40.47190 ? 20  GLN A CA  1 
ATOM   71   C C   . GLN A 1 20  ? -3.21608  -23.40829 -1.49433  1.000 41.92921 ? 20  GLN A C   1 
ATOM   72   O O   . GLN A 1 20  ? -2.70095  -22.63958 -0.67170  1.000 42.79653 ? 20  GLN A O   1 
ATOM   73   C CB  . GLN A 1 20  ? -1.73191  -25.26543 -2.36276  1.000 39.34097 ? 20  GLN A CB  1 
ATOM   74   C CG  . GLN A 1 20  ? -0.98321  -26.52192 -1.89943  1.000 46.56750 ? 20  GLN A CG  1 
ATOM   75   C CD  . GLN A 1 20  ? 0.27519   -26.82382 -2.71672  1.000 54.42405 ? 20  GLN A CD  1 
ATOM   76   O OE1 . GLN A 1 20  ? 0.56234   -26.16410 -3.72357  1.000 54.68325 ? 20  GLN A OE1 1 
ATOM   77   N NE2 . GLN A 1 20  ? 1.00469   -27.85856 -2.30803  1.000 55.10051 ? 20  GLN A NE2 1 
ATOM   78   N N   . ALA A 1 21  ? -4.07642  -22.97695 -2.42128  1.000 38.30952 ? 21  ALA A N   1 
ATOM   79   C CA  . ALA A 1 21  ? -4.45967  -21.56677 -2.46040  1.000 40.53366 ? 21  ALA A CA  1 
ATOM   80   C C   . ALA A 1 21  ? -5.34350  -21.20203 -1.26936  1.000 39.26778 ? 21  ALA A C   1 
ATOM   81   O O   . ALA A 1 21  ? -5.22521  -20.10367 -0.70984  1.000 39.11702 ? 21  ALA A O   1 
ATOM   82   C CB  . ALA A 1 21  ? -5.16011  -21.25249 -3.78246  1.000 38.81764 ? 21  ALA A CB  1 
ATOM   83   N N   . GLU A 1 22  ? -6.22173  -22.11760 -0.85410  1.000 35.87798 ? 22  GLU A N   1 
ATOM   84   C CA  . GLU A 1 22  ? -7.03712  -21.87379 0.32917   1.000 36.89985 ? 22  GLU A CA  1 
ATOM   85   C C   . GLU A 1 22  ? -6.17908  -21.77243 1.58663   1.000 40.45007 ? 22  GLU A C   1 
ATOM   86   O O   . GLU A 1 22  ? -6.42394  -20.90712 2.43966   1.000 34.19188 ? 22  GLU A O   1 
ATOM   87   C CB  . GLU A 1 22  ? -8.08517  -22.97331 0.47977   1.000 42.60787 ? 22  GLU A CB  1 
ATOM   88   C CG  . GLU A 1 22  ? -9.40016  -22.64253 -0.19002  1.000 51.39496 ? 22  GLU A CG  1 
ATOM   89   C CD  . GLU A 1 22  ? -9.99656  -21.35720 0.36100   1.000 62.79150 ? 22  GLU A CD  1 
ATOM   90   O OE1 . GLU A 1 22  ? -9.91005  -20.32201 -0.33650  1.000 59.34491 ? 22  GLU A OE1 1 
ATOM   91   O OE2 . GLU A 1 22  ? -10.52774 -21.37510 1.49968   1.000 65.89485 ? 22  GLU A OE2 1 
ATOM   92   N N   . GLU A 1 23  ? -5.17650  -22.65739 1.72201   1.000 34.24939 ? 23  GLU A N   1 
ATOM   93   C CA  . GLU A 1 23  ? -4.19679  -22.53807 2.80534   1.000 35.63684 ? 23  GLU A CA  1 
ATOM   94   C C   . GLU A 1 23  ? -3.52347  -21.17260 2.80991   1.000 38.79262 ? 23  GLU A C   1 
ATOM   95   O O   . GLU A 1 23  ? -3.33484  -20.57265 3.87547   1.000 32.33649 ? 23  GLU A O   1 
ATOM   96   C CB  . GLU A 1 23  ? -3.12739  -23.62818 2.69297   1.000 34.06958 ? 23  GLU A CB  1 
ATOM   97   C CG  . GLU A 1 23  ? -3.63694  -25.04498 2.52432   1.000 37.09296 ? 23  GLU A CG  1 
ATOM   98   C CD  . GLU A 1 23  ? -2.49606  -26.05374 2.30630   1.000 45.72975 ? 23  GLU A CD  1 
ATOM   99   O OE1 . GLU A 1 23  ? -1.43822  -25.65030 1.76058   1.000 42.57731 ? 23  GLU A OE1 1 
ATOM   100  O OE2 . GLU A 1 23  ? -2.65453  -27.23977 2.68702   1.000 42.71757 ? 23  GLU A OE2 1 
ATOM   101  N N   . GLN A 1 24  ? -3.12477  -20.68163 1.63103   1.000 31.54974 ? 24  GLN A N   1 
ATOM   102  C CA  . GLN A 1 24  ? -2.45775  -19.38286 1.54636   1.000 37.24514 ? 24  GLN A CA  1 
ATOM   103  C C   . GLN A 1 24  ? -3.35997  -18.25252 2.01859   1.000 32.92112 ? 24  GLN A C   1 
ATOM   104  O O   . GLN A 1 24  ? -2.92101  -17.36317 2.76310   1.000 37.06948 ? 24  GLN A O   1 
ATOM   105  C CB  . GLN A 1 24  ? -1.99421  -19.11413 0.11641   1.000 41.49176 ? 24  GLN A CB  1 
ATOM   106  C CG  . GLN A 1 24  ? -0.89558  -18.06393 0.05102   1.000 45.13924 ? 24  GLN A CG  1 
ATOM   107  C CD  . GLN A 1 24  ? 0.32451   -18.41176 0.88642   1.000 45.72593 ? 24  GLN A CD  1 
ATOM   108  O OE1 . GLN A 1 24  ? 0.94404   -19.46340 0.70200   1.000 51.51638 ? 24  GLN A OE1 1 
ATOM   109  N NE2 . GLN A 1 24  ? 0.64332   -17.55019 1.85456   1.000 44.53804 ? 24  GLN A NE2 1 
ATOM   110  N N   . LYS A 1 25  ? -4.61860  -18.25560 1.57152   1.000 27.90158 ? 25  LYS A N   1 
ATOM   111  C CA  . LYS A 1 25  ? -5.57870  -17.24363 2.00686   1.000 36.35197 ? 25  LYS A CA  1 
ATOM   112  C C   . LYS A 1 25  ? -5.73912  -17.23941 3.51936   1.000 36.33332 ? 25  LYS A C   1 
ATOM   113  O O   . LYS A 1 25  ? -5.75760  -16.17458 4.14999   1.000 32.49346 ? 25  LYS A O   1 
ATOM   114  C CB  . LYS A 1 25  ? -6.94098  -17.46541 1.34529   1.000 35.14742 ? 25  LYS A CB  1 
ATOM   115  C CG  . LYS A 1 25  ? -7.93341  -16.36579 1.73423   1.000 44.71203 ? 25  LYS A CG  1 
ATOM   116  C CD  . LYS A 1 25  ? -9.33743  -16.53811 1.16319   1.000 44.84290 ? 25  LYS A CD  1 
ATOM   117  C CE  . LYS A 1 25  ? -9.32026  -17.14930 -0.21979  1.000 56.55500 ? 25  LYS A CE  1 
ATOM   118  N NZ  . LYS A 1 25  ? -10.46979 -18.08607 -0.41063  1.000 61.46024 ? 25  LYS A NZ  1 
ATOM   119  N N   . ASN A 1 26  ? -5.88678  -18.42276 4.11920   1.000 33.54094 ? 26  ASN A N   1 
ATOM   120  C CA  . ASN A 1 26  ? -6.08958  -18.47582 5.56325   1.000 30.82355 ? 26  ASN A CA  1 
ATOM   121  C C   . ASN A 1 26  ? -4.84771  -18.03919 6.32227   1.000 31.51632 ? 26  ASN A C   1 
ATOM   122  O O   . ASN A 1 26  ? -4.95983  -17.40384 7.37453   1.000 33.30678 ? 26  ASN A O   1 
ATOM   123  C CB  . ASN A 1 26  ? -6.52896  -19.87173 5.98825   1.000 37.41011 ? 26  ASN A CB  1 
ATOM   124  C CG  . ASN A 1 26  ? -7.88912  -20.23396 5.42558   1.000 43.15928 ? 26  ASN A CG  1 
ATOM   125  O OD1 . ASN A 1 26  ? -8.66342  -19.35334 5.02930   1.000 49.66832 ? 26  ASN A OD1 1 
ATOM   126  N ND2 . ASN A 1 26  ? -8.19949  -21.51958 5.40382   1.000 44.70433 ? 26  ASN A ND2 1 
ATOM   127  N N   . TYR A 1 27  ? -3.65700  -18.36271 5.81615   1.000 24.95473 ? 27  TYR A N   1 
ATOM   128  C CA  . TYR A 1 27  ? -2.44265  -17.84993 6.44856   1.000 30.74846 ? 27  TYR A CA  1 
ATOM   129  C C   . TYR A 1 27  ? -2.36884  -16.32846 6.32755   1.000 28.20308 ? 27  TYR A C   1 
ATOM   130  O O   . TYR A 1 27  ? -2.08072  -15.62477 7.30792   1.000 30.93183 ? 27  TYR A O   1 
ATOM   131  C CB  . TYR A 1 27  ? -1.20711  -18.50716 5.83065   1.000 31.49126 ? 27  TYR A CB  1 
ATOM   132  C CG  . TYR A 1 27  ? 0.09557   -18.05208 6.45572   1.000 38.16780 ? 27  TYR A CG  1 
ATOM   133  C CD1 . TYR A 1 27  ? 0.77228   -16.92709 5.98303   1.000 36.22925 ? 27  TYR A CD1 1 
ATOM   134  C CD2 . TYR A 1 27  ? 0.63851   -18.73296 7.54555   1.000 41.11455 ? 27  TYR A CD2 1 
ATOM   135  C CE1 . TYR A 1 27  ? 1.96933   -16.50941 6.56379   1.000 36.61778 ? 27  TYR A CE1 1 
ATOM   136  C CE2 . TYR A 1 27  ? 1.82943   -18.31740 8.13207   1.000 39.64370 ? 27  TYR A CE2 1 
ATOM   137  C CZ  . TYR A 1 27  ? 2.48775   -17.21052 7.63381   1.000 41.87746 ? 27  TYR A CZ  1 
ATOM   138  O OH  . TYR A 1 27  ? 3.65949   -16.79914 8.22452   1.000 48.43461 ? 27  TYR A OH  1 
ATOM   139  N N   . ASN A 1 28  ? -2.64739  -15.79705 5.13020   1.000 33.65550 ? 28  ASN A N   1 
ATOM   140  C CA  . ASN A 1 28  ? -2.62019  -14.34471 4.94548   1.000 31.35860 ? 28  ASN A CA  1 
ATOM   141  C C   . ASN A 1 28  ? -3.66503  -13.63986 5.80720   1.000 32.78056 ? 28  ASN A C   1 
ATOM   142  O O   . ASN A 1 28  ? -3.42853  -12.51385 6.27104   1.000 32.61877 ? 28  ASN A O   1 
ATOM   143  C CB  . ASN A 1 28  ? -2.83127  -13.98520 3.47111   1.000 27.84921 ? 28  ASN A CB  1 
ATOM   144  C CG  . ASN A 1 28  ? -1.68677  -14.44736 2.58156   1.000 32.20947 ? 28  ASN A CG  1 
ATOM   145  O OD1 . ASN A 1 28  ? -0.57120  -14.68106 3.04213   1.000 36.01524 ? 28  ASN A OD1 1 
ATOM   146  N ND2 . ASN A 1 28  ? -1.96572  -14.56736 1.28974   1.000 40.76551 ? 28  ASN A ND2 1 
ATOM   147  N N   . ASN A 1 29  ? -4.82971  -14.25855 6.01102   1.000 30.36536 ? 29  ASN A N   1 
ATOM   148  C CA  . ASN A 1 29  ? -5.83810  -13.65949 6.88090   1.000 34.97382 ? 29  ASN A CA  1 
ATOM   149  C C   . ASN A 1 29  ? -5.58931  -13.92994 8.36082   1.000 32.38019 ? 29  ASN A C   1 
ATOM   150  O O   . ASN A 1 29  ? -6.34713  -13.42724 9.19889   1.000 31.18396 ? 29  ASN A O   1 
ATOM   151  C CB  . ASN A 1 29  ? -7.24615  -14.14338 6.50816   1.000 35.98312 ? 29  ASN A CB  1 
ATOM   152  C CG  . ASN A 1 29  ? -7.71436  -13.62070 5.14969   1.000 44.00125 ? 29  ASN A CG  1 
ATOM   153  O OD1 . ASN A 1 29  ? -7.31113  -12.54183 4.71272   1.000 46.99069 ? 29  ASN A OD1 1 
ATOM   154  N ND2 . ASN A 1 29  ? -8.60851  -14.36817 4.50195   1.000 42.18783 ? 29  ASN A ND2 1 
ATOM   155  N N   . SER A 1 30  ? -4.57465  -14.72452 8.70385   1.000 28.22259 ? 30  SER A N   1 
ATOM   156  C CA  . SER A 1 30  ? -4.18817  -14.92268 10.09099  1.000 27.43496 ? 30  SER A CA  1 
ATOM   157  C C   . SER A 1 30  ? -3.27725  -13.78193 10.55100  1.000 28.18519 ? 30  SER A C   1 
ATOM   158  O O   . SER A 1 30  ? -2.75645  -13.00733 9.75075   1.000 30.86524 ? 30  SER A O   1 
ATOM   159  C CB  . SER A 1 30  ? -3.48712  -16.26895 10.25376  1.000 29.80504 ? 30  SER A CB  1 
ATOM   160  O OG  . SER A 1 30  ? -2.09058  -16.13687 10.04970  1.000 28.09594 ? 30  SER A OG  1 
ATOM   161  N N   . LEU A 1 31  ? -3.06886  -13.68573 11.86048  1.000 30.87880 ? 31  LEU A N   1 
ATOM   162  C CA  . LEU A 1 31  ? -2.21589  -12.60132 12.32739  1.000 32.37737 ? 31  LEU A CA  1 
ATOM   163  C C   . LEU A 1 31  ? -0.74682  -12.84311 12.03741  1.000 32.91945 ? 31  LEU A C   1 
ATOM   164  O O   . LEU A 1 31  ? 0.08492   -11.98337 12.35399  1.000 33.03061 ? 31  LEU A O   1 
ATOM   165  C CB  . LEU A 1 31  ? -2.41746  -12.35304 13.82299  1.000 29.88461 ? 31  LEU A CB  1 
ATOM   166  C CG  . LEU A 1 31  ? -3.57153  -11.41275 14.16099  1.000 35.72691 ? 31  LEU A CG  1 
ATOM   167  C CD1 . LEU A 1 31  ? -3.59125  -11.19321 15.65786  1.000 41.48390 ? 31  LEU A CD1 1 
ATOM   168  C CD2 . LEU A 1 31  ? -3.43185  -10.07929 13.39764  1.000 28.06730 ? 31  LEU A CD2 1 
ATOM   169  N N   . ASN A 1 32  ? -0.39908  -13.98882 11.46540  1.000 35.43222 ? 32  ASN A N   1 
ATOM   170  C CA  . ASN A 1 32  ? 0.93647   -14.17030 10.94193  1.000 33.62614 ? 32  ASN A CA  1 
ATOM   171  C C   . ASN A 1 32  ? 1.06792   -13.67368 9.50502   1.000 33.62131 ? 32  ASN A C   1 
ATOM   172  O O   . ASN A 1 32  ? 2.18423   -13.60771 8.99494   1.000 33.01889 ? 32  ASN A O   1 
ATOM   173  C CB  . ASN A 1 32  ? 1.34819   -15.64277 11.05251  1.000 42.93995 ? 32  ASN A CB  1 
ATOM   174  C CG  . ASN A 1 32  ? 1.82357   -16.00349 12.45445  1.000 44.40574 ? 32  ASN A CG  1 
ATOM   175  O OD1 . ASN A 1 32  ? 2.01024   -15.12420 13.30928  1.000 43.78494 ? 32  ASN A OD1 1 
ATOM   176  N ND2 . ASN A 1 32  ? 2.03242   -17.28957 12.69544  1.000 46.31011 ? 32  ASN A ND2 1 
ATOM   177  N N   . GLY A 1 33  ? -0.03389  -13.30873 8.85357   1.000 34.12301 ? 33  GLY A N   1 
ATOM   178  C CA  . GLY A 1 33  ? 0.05615   -12.72315 7.52875   1.000 28.83195 ? 33  GLY A CA  1 
ATOM   179  C C   . GLY A 1 33  ? 0.57508   -11.29681 7.58265   1.000 32.45603 ? 33  GLY A C   1 
ATOM   180  O O   . GLY A 1 33  ? 0.39157   -10.56841 8.55666   1.000 32.53047 ? 33  GLY A O   1 
ATOM   181  N N   . GLU A 1 34  ? 1.24705   -10.90285 6.52039   1.000 28.50106 ? 34  GLU A N   1 
ATOM   182  C CA  . GLU A 1 34  ? 1.81060   -9.57100  6.43959   1.000 27.60242 ? 34  GLU A CA  1 
ATOM   183  C C   . GLU A 1 34  ? 0.74082   -8.56468  6.02652   1.000 27.85814 ? 34  GLU A C   1 
ATOM   184  O O   . GLU A 1 34  ? -0.28307  -8.91512  5.43363   1.000 24.83057 ? 34  GLU A O   1 
ATOM   185  C CB  . GLU A 1 34  ? 2.95711   -9.56360  5.44166   1.000 30.41609 ? 34  GLU A CB  1 
ATOM   186  C CG  . GLU A 1 34  ? 4.24582   -10.12026 6.02703   1.000 39.81734 ? 34  GLU A CG  1 
ATOM   187  C CD  . GLU A 1 34  ? 5.44386   -9.68751  5.23363   1.000 44.64227 ? 34  GLU A CD  1 
ATOM   188  O OE1 . GLU A 1 34  ? 5.40342   -9.83700  3.98918   1.000 58.23938 ? 34  GLU A OE1 1 
ATOM   189  O OE2 . GLU A 1 34  ? 6.40805   -9.17471  5.83586   1.000 43.15421 ? 34  GLU A OE2 1 
ATOM   190  N N   . VAL A 1 35  ? 0.97581   -7.30009  6.37507   1.000 24.60421 ? 35  VAL A N   1 
ATOM   191  C CA  . VAL A 1 35  ? 0.26498   -6.17393  5.77949   1.000 20.59632 ? 35  VAL A CA  1 
ATOM   192  C C   . VAL A 1 35  ? 1.27922   -5.37182  4.97504   1.000 21.27677 ? 35  VAL A C   1 
ATOM   193  O O   . VAL A 1 35  ? 2.38117   -5.09003  5.45849   1.000 20.76052 ? 35  VAL A O   1 
ATOM   194  C CB  . VAL A 1 35  ? -0.42228  -5.28159  6.82941   1.000 19.56121 ? 35  VAL A CB  1 
ATOM   195  C CG1 . VAL A 1 35  ? -1.34783  -4.28328  6.09956   1.000 22.05652 ? 35  VAL A CG1 1 
ATOM   196  C CG2 . VAL A 1 35  ? -1.18667  -6.11923  7.81805   1.000 25.52861 ? 35  VAL A CG2 1 
ATOM   197  N N   . SER A 1 36  ? 0.92912   -5.03592  3.74105   1.000 17.83974 ? 36  SER A N   1 
ATOM   198  C CA  . SER A 1 36  ? 1.83017   -4.31981  2.86269   1.000 17.98471 ? 36  SER A CA  1 
ATOM   199  C C   . SER A 1 36  ? 1.19572   -3.02938  2.39924   1.000 20.79708 ? 36  SER A C   1 
ATOM   200  O O   . SER A 1 36  ? -0.02134  -2.95979  2.17009   1.000 19.22711 ? 36  SER A O   1 
ATOM   201  C CB  . SER A 1 36  ? 2.24114   -5.14700  1.64135   1.000 19.63255 ? 36  SER A CB  1 
ATOM   202  O OG  . SER A 1 36  ? 2.88939   -6.33674  2.03748   1.000 22.80526 ? 36  SER A OG  1 
ATOM   203  N N   . VAL A 1 37  ? 2.02424   -2.01111  2.27664   1.000 18.96139 ? 37  VAL A N   1 
ATOM   204  C CA  . VAL A 1 37  ? 1.56941   -0.72188  1.79032   1.000 18.21305 ? 37  VAL A CA  1 
ATOM   205  C C   . VAL A 1 37  ? 2.57858   -0.25036  0.75785   1.000 20.88418 ? 37  VAL A C   1 
ATOM   206  O O   . VAL A 1 37  ? 3.78831   -0.46759  0.91542   1.000 18.30791 ? 37  VAL A O   1 
ATOM   207  C CB  . VAL A 1 37  ? 1.40537   0.30567   2.93556   1.000 19.84466 ? 37  VAL A CB  1 
ATOM   208  C CG1 . VAL A 1 37  ? 2.72955   0.56274   3.62945   1.000 20.25514 ? 37  VAL A CG1 1 
ATOM   209  C CG2 . VAL A 1 37  ? 0.78855   1.62020   2.41290   1.000 20.20346 ? 37  VAL A CG2 1 
ATOM   210  N N   . TRP A 1 38  ? 2.08183   0.38405   -0.30589  1.000 20.98069 ? 38  TRP A N   1 
ATOM   211  C CA  . TRP A 1 38  ? 2.91796   1.03559   -1.31569  1.000 19.20708 ? 38  TRP A CA  1 
ATOM   212  C C   . TRP A 1 38  ? 2.47384   2.48213   -1.43532  1.000 20.46390 ? 38  TRP A C   1 
ATOM   213  O O   . TRP A 1 38  ? 1.27258   2.76970   -1.44631  1.000 20.35965 ? 38  TRP A O   1 
ATOM   214  C CB  . TRP A 1 38  ? 2.78538   0.38764   -2.70846  1.000 19.19154 ? 38  TRP A CB  1 
ATOM   215  C CG  . TRP A 1 38  ? 3.27881   -1.02057  -2.82853  1.000 19.06792 ? 38  TRP A CG  1 
ATOM   216  C CD1 . TRP A 1 38  ? 4.48328   -1.45387  -3.34633  1.000 21.06202 ? 38  TRP A CD1 1 
ATOM   217  C CD2 . TRP A 1 38  ? 2.55938   -2.18793  -2.45946  1.000 16.12795 ? 38  TRP A CD2 1 
ATOM   218  N NE1 . TRP A 1 38  ? 4.54299   -2.82848  -3.29516  1.000 20.16429 ? 38  TRP A NE1 1 
ATOM   219  C CE2 . TRP A 1 38  ? 3.37310   -3.29891  -2.75739  1.000 18.82018 ? 38  TRP A CE2 1 
ATOM   220  C CE3 . TRP A 1 38  ? 1.29895   -2.40732  -1.88353  1.000 20.52801 ? 38  TRP A CE3 1 
ATOM   221  C CZ2 . TRP A 1 38  ? 2.97009   -4.59868  -2.50316  1.000 19.81883 ? 38  TRP A CZ2 1 
ATOM   222  C CZ3 . TRP A 1 38  ? 0.90786   -3.71851  -1.63383  1.000 24.47232 ? 38  TRP A CZ3 1 
ATOM   223  C CH2 . TRP A 1 38  ? 1.74497   -4.78324  -1.93521  1.000 17.82102 ? 38  TRP A CH2 1 
ATOM   224  N N   . VAL A 1 39  ? 3.42241   3.39832   -1.54621  1.000 19.11510 ? 39  VAL A N   1 
ATOM   225  C CA  . VAL A 1 39  ? 3.10601   4.77705   -1.89110  1.000 18.92921 ? 39  VAL A CA  1 
ATOM   226  C C   . VAL A 1 39  ? 3.79621   5.09797   -3.21285  1.000 21.07494 ? 39  VAL A C   1 
ATOM   227  O O   . VAL A 1 39  ? 5.03242   5.02663   -3.30727  1.000 22.94673 ? 39  VAL A O   1 
ATOM   228  C CB  . VAL A 1 39  ? 3.51762   5.76507   -0.79270  1.000 22.54521 ? 39  VAL A CB  1 
ATOM   229  C CG1 . VAL A 1 39  ? 3.27310   7.20983   -1.26104  1.000 21.99753 ? 39  VAL A CG1 1 
ATOM   230  C CG2 . VAL A 1 39  ? 2.75688   5.46399   0.52409   1.000 23.14644 ? 39  VAL A CG2 1 
ATOM   231  N N   . TYR A 1 40  ? 2.99534   5.41835   -4.23255  1.000 22.07003 ? 40  TYR A N   1 
ATOM   232  C CA  . TYR A 1 40  ? 3.48468   5.82240   -5.55125  1.000 21.66659 ? 40  TYR A CA  1 
ATOM   233  C C   . TYR A 1 40  ? 3.40954   7.33921   -5.65195  1.000 23.74602 ? 40  TYR A C   1 
ATOM   234  O O   . TYR A 1 40  ? 2.35432   7.92106   -5.38870  1.000 23.48558 ? 40  TYR A O   1 
ATOM   235  C CB  . TYR A 1 40  ? 2.66516   5.17185   -6.67612  1.000 23.04088 ? 40  TYR A CB  1 
ATOM   236  C CG  . TYR A 1 40  ? 2.78651   3.67925   -6.64768  1.000 19.54696 ? 40  TYR A CG  1 
ATOM   237  C CD1 . TYR A 1 40  ? 3.82289   3.04446   -7.31914  1.000 20.02367 ? 40  TYR A CD1 1 
ATOM   238  C CD2 . TYR A 1 40  ? 1.89599   2.90623   -5.92321  1.000 20.54814 ? 40  TYR A CD2 1 
ATOM   239  C CE1 . TYR A 1 40  ? 3.97187   1.66561   -7.26779  1.000 22.98965 ? 40  TYR A CE1 1 
ATOM   240  C CE2 . TYR A 1 40  ? 2.03422   1.52538   -5.85602  1.000 19.27471 ? 40  TYR A CE2 1 
ATOM   241  C CZ  . TYR A 1 40  ? 3.07661   0.91380   -6.53215  1.000 20.87181 ? 40  TYR A CZ  1 
ATOM   242  O OH  . TYR A 1 40  ? 3.23462   -0.44882  -6.46532  1.000 20.99234 ? 40  TYR A OH  1 
ATOM   243  N N   . ALA A 1 41  ? 4.53352   7.97366   -6.00136  1.000 24.29732 ? 41  ALA A N   1 
ATOM   244  C CA  . ALA A 1 41  ? 4.58627   9.40873   -6.24039  1.000 24.33132 ? 41  ALA A CA  1 
ATOM   245  C C   . ALA A 1 41  ? 4.86266   9.64581   -7.71976  1.000 26.75991 ? 41  ALA A C   1 
ATOM   246  O O   . ALA A 1 41  ? 5.91449   9.24518   -8.22687  1.000 27.90508 ? 41  ALA A O   1 
ATOM   247  C CB  . ALA A 1 41  ? 5.65886   10.07871  -5.37798  1.000 24.20240 ? 41  ALA A CB  1 
ATOM   248  N N   . TYR A 1 42  ? 3.91534   10.28504  -8.40324  1.000 28.24020 ? 42  TYR A N   1 
ATOM   249  C CA  . TYR A 1 42  ? 3.99729   10.53949  -9.83891  1.000 27.92238 ? 42  TYR A CA  1 
ATOM   250  C C   . TYR A 1 42  ? 4.54192   11.94730  -10.05969 1.000 25.98937 ? 42  TYR A C   1 
ATOM   251  O O   . TYR A 1 42  ? 3.92451   12.93229  -9.63734  1.000 29.30488 ? 42  TYR A O   1 
ATOM   252  C CB  . TYR A 1 42  ? 2.62562   10.35541  -10.49883 1.000 29.01783 ? 42  TYR A CB  1 
ATOM   253  C CG  . TYR A 1 42  ? 2.04207   8.98076   -10.24181 1.000 26.60681 ? 42  TYR A CG  1 
ATOM   254  C CD1 . TYR A 1 42  ? 2.37862   7.90449   -11.05425 1.000 30.23024 ? 42  TYR A CD1 1 
ATOM   255  C CD2 . TYR A 1 42  ? 1.18260   8.75887   -9.18221  1.000 25.82180 ? 42  TYR A CD2 1 
ATOM   256  C CE1 . TYR A 1 42  ? 1.87407   6.62990   -10.81303 1.000 28.57638 ? 42  TYR A CE1 1 
ATOM   257  C CE2 . TYR A 1 42  ? 0.66943   7.48540   -8.92404  1.000 27.33399 ? 42  TYR A CE2 1 
ATOM   258  C CZ  . TYR A 1 42  ? 1.01456   6.43171   -9.74591  1.000 28.37774 ? 42  TYR A CZ  1 
ATOM   259  O OH  . TYR A 1 42  ? 0.49700   5.17330   -9.49908  1.000 22.99417 ? 42  TYR A OH  1 
ATOM   260  N N   . TYR A 1 43  ? 5.70477   12.03112  -10.68603 1.000 30.45610 ? 43  TYR A N   1 
ATOM   261  C CA  . TYR A 1 43  ? 6.41595   13.28761  -10.87187 1.000 38.49090 ? 43  TYR A CA  1 
ATOM   262  C C   . TYR A 1 43  ? 6.12309   13.89874  -12.24276 1.000 37.13011 ? 43  TYR A C   1 
ATOM   263  O O   . TYR A 1 43  ? 5.73057   13.21287  -13.19222 1.000 36.47518 ? 43  TYR A O   1 
ATOM   264  C CB  . TYR A 1 43  ? 7.92730   13.08417  -10.68684 1.000 34.87005 ? 43  TYR A CB  1 
ATOM   265  C CG  . TYR A 1 43  ? 8.35461   13.13457  -9.23069  1.000 40.95086 ? 43  TYR A CG  1 
ATOM   266  C CD1 . TYR A 1 43  ? 7.98091   12.13718  -8.32854  1.000 37.84447 ? 43  TYR A CD1 1 
ATOM   267  C CD2 . TYR A 1 43  ? 9.08389   14.21977  -8.74270  1.000 43.42415 ? 43  TYR A CD2 1 
ATOM   268  C CE1 . TYR A 1 43  ? 8.35607   12.20771  -6.98662  1.000 41.86464 ? 43  TYR A CE1 1 
ATOM   269  C CE2 . TYR A 1 43  ? 9.45802   14.29889  -7.41682  1.000 43.06475 ? 43  TYR A CE2 1 
ATOM   270  C CZ  . TYR A 1 43  ? 9.09472   13.29603  -6.54029  1.000 42.89708 ? 43  TYR A CZ  1 
ATOM   271  O OH  . TYR A 1 43  ? 9.47649   13.39379  -5.22119  1.000 42.02573 ? 43  TYR A OH  1 
ATOM   272  N N   . SER A 1 44  ? 6.33235   15.21723  -12.32404 1.000 39.66934 ? 44  SER A N   1 
ATOM   273  C CA  . SER A 1 44  ? 6.03011   15.99016  -13.53110 1.000 45.80470 ? 44  SER A CA  1 
ATOM   274  C C   . SER A 1 44  ? 6.78719   15.50259  -14.76324 1.000 44.69821 ? 44  SER A C   1 
ATOM   275  O O   . SER A 1 44  ? 6.31472   15.68055  -15.89303 1.000 51.97533 ? 44  SER A O   1 
ATOM   276  C CB  . SER A 1 44  ? 6.35956   17.45824  -13.28123 1.000 44.46108 ? 44  SER A CB  1 
ATOM   277  O OG  . SER A 1 44  ? 7.71280   17.58348  -12.86826 1.000 46.62757 ? 44  SER A OG  1 
ATOM   278  N N   . ASP A 1 45  ? 7.97007   14.93693  -14.58749 1.000 45.97354 ? 45  ASP A N   1 
ATOM   279  C CA  . ASP A 1 45  ? 8.71489   14.42440  -15.72859 1.000 40.71177 ? 45  ASP A CA  1 
ATOM   280  C C   . ASP A 1 45  ? 8.25573   13.03918  -16.15296 1.000 38.82825 ? 45  ASP A C   1 
ATOM   281  O O   . ASP A 1 45  ? 8.92393   12.41569  -16.97983 1.000 36.73412 ? 45  ASP A O   1 
ATOM   282  C CB  . ASP A 1 45  ? 10.20445  14.38886  -15.40677 1.000 43.12540 ? 45  ASP A CB  1 
ATOM   283  C CG  . ASP A 1 45  ? 10.52617  13.42886  -14.27636 1.000 50.31298 ? 45  ASP A CG  1 
ATOM   284  O OD1 . ASP A 1 45  ? 9.56476   12.91647  -13.65060 1.000 35.78038 ? 45  ASP A OD1 1 
ATOM   285  O OD2 . ASP A 1 45  ? 11.73309  13.18222  -14.02237 1.000 50.35380 ? 45  ASP A OD2 1 
ATOM   286  N N   . GLY A 1 46  ? 7.15166   12.53810  -15.59613 1.000 37.01864 ? 46  GLY A N   1 
ATOM   287  C CA  . GLY A 1 46  ? 6.69104   11.20064  -15.90253 1.000 34.56742 ? 46  GLY A CA  1 
ATOM   288  C C   . GLY A 1 46  ? 7.38342   10.08172  -15.14459 1.000 40.13509 ? 46  GLY A C   1 
ATOM   289  O O   . GLY A 1 46  ? 7.04590   8.90982   -15.36234 1.000 31.06424 ? 46  GLY A O   1 
ATOM   290  N N   . SER A 1 47  ? 8.35148   10.38340  -14.27838 1.000 35.55683 ? 47  SER A N   1 
ATOM   291  C CA  . SER A 1 47  ? 8.93376   9.29769   -13.50156 1.000 37.61044 ? 47  SER A CA  1 
ATOM   292  C C   . SER A 1 47  ? 8.02084   8.96027   -12.31756 1.000 32.65614 ? 47  SER A C   1 
ATOM   293  O O   . SER A 1 47  ? 7.09160   9.69737   -11.98652 1.000 27.73555 ? 47  SER A O   1 
ATOM   294  C CB  . SER A 1 47  ? 10.34271  9.65579   -13.02591 1.000 39.35836 ? 47  SER A CB  1 
ATOM   295  O OG  . SER A 1 47  ? 10.32263  10.80610  -12.20383 1.000 36.36163 ? 47  SER A OG  1 
ATOM   296  N N   . VAL A 1 48  ? 8.27568   7.80697   -11.70227 1.000 30.05446 ? 48  VAL A N   1 
ATOM   297  C CA  . VAL A 1 48  ? 7.48848   7.30988   -10.58064 1.000 28.17526 ? 48  VAL A CA  1 
ATOM   298  C C   . VAL A 1 48  ? 8.45061   6.89567   -9.47745  1.000 32.27097 ? 48  VAL A C   1 
ATOM   299  O O   . VAL A 1 48  ? 9.38337   6.11938   -9.72273  1.000 30.69374 ? 48  VAL A O   1 
ATOM   300  C CB  . VAL A 1 48  ? 6.59888   6.10729   -10.96076 1.000 30.58106 ? 48  VAL A CB  1 
ATOM   301  C CG1 . VAL A 1 48  ? 5.56500   5.84632   -9.85004  1.000 28.94987 ? 48  VAL A CG1 1 
ATOM   302  C CG2 . VAL A 1 48  ? 5.91860   6.32166   -12.31255 1.000 33.91742 ? 48  VAL A CG2 1 
ATOM   303  N N   . LEU A 1 49  ? 8.21672   7.41095   -8.27420  1.000 27.07331 ? 49  LEU A N   1 
ATOM   304  C CA  . LEU A 1 49  ? 8.88114   6.96650   -7.05154  1.000 30.68864 ? 49  LEU A CA  1 
ATOM   305  C C   . LEU A 1 49  ? 7.95940   6.03288   -6.28409  1.000 28.47323 ? 49  LEU A C   1 
ATOM   306  O O   . LEU A 1 49  ? 6.79441   6.37288   -6.04723  1.000 24.46086 ? 49  LEU A O   1 
ATOM   307  C CB  . LEU A 1 49  ? 9.22257   8.15836   -6.16254  1.000 33.41350 ? 49  LEU A CB  1 
ATOM   308  C CG  . LEU A 1 49  ? 10.39192  8.04016   -5.18467  1.000 35.71362 ? 49  LEU A CG  1 
ATOM   309  C CD1 . LEU A 1 49  ? 11.70799  7.78891   -5.88575  1.000 46.26488 ? 49  LEU A CD1 1 
ATOM   310  C CD2 . LEU A 1 49  ? 10.44674  9.27559   -4.31513  1.000 41.71322 ? 49  LEU A CD2 1 
ATOM   311  N N   . VAL A 1 50  ? 8.46525   4.87398   -5.86300  1.000 26.05205 ? 50  VAL A N   1 
ATOM   312  C CA  . VAL A 1 50  ? 7.63980   3.97352   -5.06135  1.000 24.35497 ? 50  VAL A CA  1 
ATOM   313  C C   . VAL A 1 50  ? 8.35500   3.63579   -3.75940  1.000 24.48351 ? 50  VAL A C   1 
ATOM   314  O O   . VAL A 1 50  ? 9.53132   3.25582   -3.77095  1.000 27.74465 ? 50  VAL A O   1 
ATOM   315  C CB  . VAL A 1 50  ? 7.24811   2.69396   -5.82479  1.000 20.93254 ? 50  VAL A CB  1 
ATOM   316  C CG1 . VAL A 1 50  ? 8.44231   2.00957   -6.39544  1.000 27.69397 ? 50  VAL A CG1 1 
ATOM   317  C CG2 . VAL A 1 50  ? 6.50192   1.72279   -4.86914  1.000 22.82932 ? 50  VAL A CG2 1 
ATOM   318  N N   . ILE A 1 51  ? 7.63074   3.76451   -2.64527  1.000 22.74493 ? 51  ILE A N   1 
ATOM   319  C CA  . ILE A 1 51  ? 8.05582   3.29417   -1.32924  1.000 22.90837 ? 51  ILE A CA  1 
ATOM   320  C C   . ILE A 1 51  ? 7.17104   2.10160   -0.95413  1.000 24.94234 ? 51  ILE A C   1 
ATOM   321  O O   . ILE A 1 51  ? 5.94184   2.21790   -0.96968  1.000 20.35326 ? 51  ILE A O   1 
ATOM   322  C CB  . ILE A 1 51  ? 7.90624   4.39186   -0.25233  1.000 28.76446 ? 51  ILE A CB  1 
ATOM   323  C CG1 . ILE A 1 51  ? 8.48294   5.75324   -0.66537  1.000 32.98980 ? 51  ILE A CG1 1 
ATOM   324  C CG2 . ILE A 1 51  ? 8.57106   3.94825   1.04761   1.000 24.71541 ? 51  ILE A CG2 1 
ATOM   325  C CD1 . ILE A 1 51  ? 9.75091   5.68257   -1.35491  1.000 36.77904 ? 51  ILE A CD1 1 
ATOM   326  N N   . ASN A 1 52  ? 7.77460   0.98791   -0.55082  1.000 17.17527 ? 52  ASN A N   1 
ATOM   327  C CA  . ASN A 1 52  ? 7.01645   -0.19300  -0.13881  1.000 15.52877 ? 52  ASN A CA  1 
ATOM   328  C C   . ASN A 1 52  ? 7.46926   -0.56472  1.26283   1.000 21.56048 ? 52  ASN A C   1 
ATOM   329  O O   . ASN A 1 52  ? 8.67130   -0.54441  1.54517   1.000 21.57773 ? 52  ASN A O   1 
ATOM   330  C CB  . ASN A 1 52  ? 7.22563   -1.35651  -1.13212  1.000 21.67376 ? 52  ASN A CB  1 
ATOM   331  C CG  . ASN A 1 52  ? 6.65401   -2.70124  -0.63977  1.000 26.50620 ? 52  ASN A CG  1 
ATOM   332  O OD1 . ASN A 1 52  ? 7.32356   -3.73531  -0.76242  1.000 25.54109 ? 52  ASN A OD1 1 
ATOM   333  N ND2 . ASN A 1 52  ? 5.39960   -2.70686  -0.15530  1.000 19.25692 ? 52  ASN A ND2 1 
ATOM   334  N N   . LYS A 1 53  ? 6.51440   -0.83676  2.14911   1.000 18.59180 ? 53  LYS A N   1 
ATOM   335  C CA  . LYS A 1 53  ? 6.82390   -1.38750  3.46010   1.000 20.08568 ? 53  LYS A CA  1 
ATOM   336  C C   . LYS A 1 53  ? 5.95244   -2.60515  3.72982   1.000 21.28483 ? 53  LYS A C   1 
ATOM   337  O O   . LYS A 1 53  ? 4.75569   -2.60784  3.41998   1.000 18.29071 ? 53  LYS A O   1 
ATOM   338  C CB  . LYS A 1 53  ? 6.65907   -0.32924  4.56869   1.000 24.09665 ? 53  LYS A CB  1 
ATOM   339  C CG  . LYS A 1 53  ? 7.27891   -0.81981  5.87707   1.000 25.34101 ? 53  LYS A CG  1 
ATOM   340  C CD  . LYS A 1 53  ? 7.18628   0.17538   6.99469   1.000 36.49181 ? 53  LYS A CD  1 
ATOM   341  C CE  . LYS A 1 53  ? 8.29759   1.21302   6.86553   1.000 35.64379 ? 53  LYS A CE  1 
ATOM   342  N NZ  . LYS A 1 53  ? 8.02500   2.43931   7.69928   1.000 30.35677 ? 53  LYS A NZ  1 
ATOM   343  N N   . ASN A 1 54  ? 6.55503   -3.64205  4.32241   1.000 20.16777 ? 54  ASN A N   1 
ATOM   344  C CA  . ASN A 1 54  ? 5.86795   -4.88636  4.62728   1.000 18.30181 ? 54  ASN A CA  1 
ATOM   345  C C   . ASN A 1 54  ? 6.12958   -5.24632  6.07809   1.000 23.55320 ? 54  ASN A C   1 
ATOM   346  O O   . ASN A 1 54  ? 7.28765   -5.24041  6.51195   1.000 19.27481 ? 54  ASN A O   1 
ATOM   347  C CB  . ASN A 1 54  ? 6.37276   -6.01992  3.73432   1.000 22.58512 ? 54  ASN A CB  1 
ATOM   348  C CG  . ASN A 1 54  ? 6.30802   -5.66715  2.27221   1.000 27.89817 ? 54  ASN A CG  1 
ATOM   349  O OD1 . ASN A 1 54  ? 5.23424   -5.39151  1.73813   1.000 25.29390 ? 54  ASN A OD1 1 
ATOM   350  N ND2 . ASN A 1 54  ? 7.46573   -5.60770  1.62979   1.000 29.86281 ? 54  ASN A ND2 1 
ATOM   351  N N   . SER A 1 55  ? 5.07181   -5.57563  6.81708   1.000 20.21844 ? 55  SER A N   1 
ATOM   352  C CA  . SER A 1 55  ? 5.22765   -5.88306  8.23627   1.000 21.37598 ? 55  SER A CA  1 
ATOM   353  C C   . SER A 1 55  ? 4.03890   -6.70930  8.70048   1.000 25.64439 ? 55  SER A C   1 
ATOM   354  O O   . SER A 1 55  ? 3.03634   -6.84119  7.99825   1.000 27.21182 ? 55  SER A O   1 
ATOM   355  C CB  . SER A 1 55  ? 5.35051   -4.61039  9.09040   1.000 22.90015 ? 55  SER A CB  1 
ATOM   356  O OG  . SER A 1 55  ? 6.04367   -4.89654  10.32179  1.000 30.19300 ? 55  SER A OG  1 
ATOM   357  N N   . GLN A 1 56  ? 4.15546   -7.22942  9.92138   1.000 19.46857 ? 56  GLN A N   1 
ATOM   358  C CA  . GLN A 1 56  ? 3.09792   -7.95719  10.60535  1.000 18.23909 ? 56  GLN A CA  1 
ATOM   359  C C   . GLN A 1 56  ? 2.31821   -6.99455  11.49966  1.000 20.37636 ? 56  GLN A C   1 
ATOM   360  O O   . GLN A 1 56  ? 2.86289   -5.98975  11.94594  1.000 17.96571 ? 56  GLN A O   1 
ATOM   361  C CB  . GLN A 1 56  ? 3.73721   -9.06988  11.44502  1.000 23.85593 ? 56  GLN A CB  1 
ATOM   362  C CG  . GLN A 1 56  ? 2.83386   -10.17206 11.95572  1.000 24.14853 ? 56  GLN A CG  1 
ATOM   363  C CD  . GLN A 1 56  ? 3.63249   -11.19241 12.78211  1.000 32.14307 ? 56  GLN A CD  1 
ATOM   364  O OE1 . GLN A 1 56  ? 4.85641   -11.04786 12.95089  1.000 25.69612 ? 56  GLN A OE1 1 
ATOM   365  N NE2 . GLN A 1 56  ? 2.95215   -12.23714 13.27095  1.000 31.65252 ? 56  GLN A NE2 1 
ATOM   366  N N   . TYR A 1 57  ? 1.03561   -7.30998  11.74099  1.000 20.21181 ? 57  TYR A N   1 
ATOM   367  C CA  . TYR A 1 57  ? 0.11225   -6.60547  12.64164  1.000 22.30798 ? 57  TYR A CA  1 
ATOM   368  C C   . TYR A 1 57  ? -0.38982  -5.24312  12.14394  1.000 17.18983 ? 57  TYR A C   1 
ATOM   369  O O   . TYR A 1 57  ? -1.59549  -4.99061  12.17850  1.000 21.47120 ? 57  TYR A O   1 
ATOM   370  C CB  . TYR A 1 57  ? 0.71331   -6.43675  14.05735  1.000 22.32175 ? 57  TYR A CB  1 
ATOM   371  C CG  . TYR A 1 57  ? 1.20351   -7.74668  14.68364  1.000 24.71483 ? 57  TYR A CG  1 
ATOM   372  C CD1 . TYR A 1 57  ? 0.29451   -8.72136  15.07563  1.000 26.85255 ? 57  TYR A CD1 1 
ATOM   373  C CD2 . TYR A 1 57  ? 2.54623   -7.97480  14.92847  1.000 23.46471 ? 57  TYR A CD2 1 
ATOM   374  C CE1 . TYR A 1 57  ? 0.70366   -9.91029  15.63659  1.000 29.32001 ? 57  TYR A CE1 1 
ATOM   375  C CE2 . TYR A 1 57  ? 2.97525   -9.16385  15.50269  1.000 20.92904 ? 57  TYR A CE2 1 
ATOM   376  C CZ  . TYR A 1 57  ? 2.04079   -10.12502 15.85839  1.000 26.26286 ? 57  TYR A CZ  1 
ATOM   377  O OH  . TYR A 1 57  ? 2.42852   -11.30880 16.44155  1.000 30.07129 ? 57  TYR A OH  1 
ATOM   378  N N   . LYS A 1 58  ? 0.50817   -4.36909  11.69421  1.000 19.83145 ? 58  LYS A N   1 
ATOM   379  C CA  . LYS A 1 58  ? 0.17649   -3.03766  11.18190  1.000 21.54478 ? 58  LYS A CA  1 
ATOM   380  C C   . LYS A 1 58  ? 1.36319   -2.58148  10.34117  1.000 20.26798 ? 58  LYS A C   1 
ATOM   381  O O   . LYS A 1 58  ? 2.45903   -3.13607  10.45291  1.000 23.29919 ? 58  LYS A O   1 
ATOM   382  C CB  . LYS A 1 58  ? -0.10526  -2.04378  12.32093  1.000 18.17337 ? 58  LYS A CB  1 
ATOM   383  C CG  . LYS A 1 58  ? 1.09770   -1.89520  13.29228  1.000 25.00258 ? 58  LYS A CG  1 
ATOM   384  C CD  . LYS A 1 58  ? 1.97769   -0.69507  12.95423  1.000 30.03402 ? 58  LYS A CD  1 
ATOM   385  C CE  . LYS A 1 58  ? 3.33722   -0.76067  13.64110  1.000 36.85771 ? 58  LYS A CE  1 
ATOM   386  N NZ  . LYS A 1 58  ? 4.13365   0.50144   13.44228  1.000 36.60762 ? 58  LYS A NZ  1 
ATOM   387  N N   . VAL A 1 59  ? 1.16270   -1.55087  9.52022   1.000 15.72585 ? 59  VAL A N   1 
ATOM   388  C CA  . VAL A 1 59  ? 2.24766   -1.07760  8.66782   1.000 18.03966 ? 59  VAL A CA  1 
ATOM   389  C C   . VAL A 1 59  ? 1.96406   0.37095   8.30704   1.000 22.34678 ? 59  VAL A C   1 
ATOM   390  O O   . VAL A 1 59  ? 0.81065   0.80077   8.26622   1.000 16.76848 ? 59  VAL A O   1 
ATOM   391  C CB  . VAL A 1 59  ? 2.39162   -1.96619  7.40420   1.000 16.65629 ? 59  VAL A CB  1 
ATOM   392  C CG1 . VAL A 1 59  ? 1.24620   -1.68805  6.41234   1.000 18.99010 ? 59  VAL A CG1 1 
ATOM   393  C CG2 . VAL A 1 59  ? 3.78952   -1.78127  6.75821   1.000 21.04004 ? 59  VAL A CG2 1 
ATOM   394  N N   . GLY A 1 60  ? 3.02265   1.12835   8.05869   1.000 19.88511 ? 60  GLY A N   1 
ATOM   395  C CA  . GLY A 1 60  ? 2.84856   2.51682   7.67557   1.000 22.17888 ? 60  GLY A CA  1 
ATOM   396  C C   . GLY A 1 60  ? 4.09430   3.03767   6.99656   1.000 24.85015 ? 60  GLY A C   1 
ATOM   397  O O   . GLY A 1 60  ? 5.16575   2.43418   7.05841   1.000 24.82277 ? 60  GLY A O   1 
ATOM   398  N N   . ILE A 1 61  ? 3.93564   4.17806   6.34406   1.000 21.69690 ? 61  ILE A N   1 
ATOM   399  C CA  . ILE A 1 61  ? 5.01216   4.87101   5.64857   1.000 24.55204 ? 61  ILE A CA  1 
ATOM   400  C C   . ILE A 1 61  ? 4.91909   6.33803   6.03918   1.000 23.79414 ? 61  ILE A C   1 
ATOM   401  O O   . ILE A 1 61  ? 3.81667   6.88785   6.13053   1.000 20.99583 ? 61  ILE A O   1 
ATOM   402  C CB  . ILE A 1 61  ? 4.87095   4.66278   4.12063   1.000 25.38337 ? 61  ILE A CB  1 
ATOM   403  C CG1 . ILE A 1 61  ? 5.26880   3.22871   3.75588   1.000 27.25367 ? 61  ILE A CG1 1 
ATOM   404  C CG2 . ILE A 1 61  ? 5.65547   5.66422   3.30273   1.000 25.74971 ? 61  ILE A CG2 1 
ATOM   405  C CD1 . ILE A 1 61  ? 5.21164   2.93660   2.25023   1.000 26.14831 ? 61  ILE A CD1 1 
ATOM   406  N N   . SER A 1 62  ? 6.05890   6.97351   6.30805   1.000 23.38283 ? 62  SER A N   1 
ATOM   407  C CA  . SER A 1 62  ? 6.04749   8.42508   6.48706   1.000 20.38370 ? 62  SER A CA  1 
ATOM   408  C C   . SER A 1 62  ? 7.26732   8.99763   5.77260   1.000 28.04811 ? 62  SER A C   1 
ATOM   409  O O   . SER A 1 62  ? 8.40073   8.58027   6.03769   1.000 27.29680 ? 62  SER A O   1 
ATOM   410  C CB  . SER A 1 62  ? 6.01497   8.81435   7.97403   1.000 25.13579 ? 62  SER A CB  1 
ATOM   411  O OG  . SER A 1 62  ? 6.09973   10.23542  8.15359   1.000 25.09718 ? 62  SER A OG  1 
ATOM   412  N N   . GLU A 1 63  ? 7.02823   9.91747   4.83331   1.000 24.14388 ? 63  GLU A N   1 
ATOM   413  C CA  . GLU A 1 63  ? 8.05185   10.36970  3.90342   1.000 31.16632 ? 63  GLU A CA  1 
ATOM   414  C C   . GLU A 1 63  ? 7.72740   11.79158  3.47631   1.000 29.66845 ? 63  GLU A C   1 
ATOM   415  O O   . GLU A 1 63  ? 6.56819   12.21621  3.49357   1.000 35.13755 ? 63  GLU A O   1 
ATOM   416  C CB  . GLU A 1 63  ? 8.13798   9.47694   2.65104   1.000 29.11969 ? 63  GLU A CB  1 
ATOM   417  C CG  . GLU A 1 63  ? 8.21964   7.97691   2.93574   1.000 35.75831 ? 63  GLU A CG  1 
ATOM   418  C CD  . GLU A 1 63  ? 9.63942   7.48562   3.12403   1.000 38.69093 ? 63  GLU A CD  1 
ATOM   419  O OE1 . GLU A 1 63  ? 10.57027  8.19519   2.68246   1.000 49.75953 ? 63  GLU A OE1 1 
ATOM   420  O OE2 . GLU A 1 63  ? 9.81851   6.41088   3.74226   1.000 40.73162 ? 63  GLU A OE2 1 
ATOM   421  N N   . THR A 1 64  ? 8.76065   12.51942  3.06261   1.000 33.63596 ? 64  THR A N   1 
ATOM   422  C CA  . THR A 1 64  ? 8.59034   13.79289  2.36982   1.000 34.06804 ? 64  THR A CA  1 
ATOM   423  C C   . THR A 1 64  ? 9.01551   13.61991  0.91504   1.000 32.44764 ? 64  THR A C   1 
ATOM   424  O O   . THR A 1 64  ? 10.11537  13.13493  0.63840   1.000 30.03482 ? 64  THR A O   1 
ATOM   425  C CB  . THR A 1 64  ? 9.39345   14.91103  3.04779   1.000 42.69347 ? 64  THR A CB  1 
ATOM   426  O OG1 . THR A 1 64  ? 8.65888   15.40402  4.17907   1.000 47.80067 ? 64  THR A OG1 1 
ATOM   427  C CG2 . THR A 1 64  ? 9.61261   16.07163  2.08525   1.000 39.32188 ? 64  THR A CG2 1 
ATOM   428  N N   . PHE A 1 65  ? 8.12613   13.96956  -0.00967  1.000 32.61723 ? 65  PHE A N   1 
ATOM   429  C CA  . PHE A 1 65  ? 8.37457   13.81203  -1.44148  1.000 34.89124 ? 65  PHE A CA  1 
ATOM   430  C C   . PHE A 1 65  ? 8.74607   15.18790  -1.97093  1.000 36.34744 ? 65  PHE A C   1 
ATOM   431  O O   . PHE A 1 65  ? 7.89050   16.06523  -2.09497  1.000 40.47831 ? 65  PHE A O   1 
ATOM   432  C CB  . PHE A 1 65  ? 7.15457   13.23302  -2.15218  1.000 32.77215 ? 65  PHE A CB  1 
ATOM   433  C CG  . PHE A 1 65  ? 6.82807   11.82195  -1.72442  1.000 33.18427 ? 65  PHE A CG  1 
ATOM   434  C CD1 . PHE A 1 65  ? 7.53363   10.75168  -2.24264  1.000 31.85609 ? 65  PHE A CD1 1 
ATOM   435  C CD2 . PHE A 1 65  ? 5.83073   11.57272  -0.80279  1.000 39.19203 ? 65  PHE A CD2 1 
ATOM   436  C CE1 . PHE A 1 65  ? 7.24880   9.44385   -1.85546  1.000 38.92553 ? 65  PHE A CE1 1 
ATOM   437  C CE2 . PHE A 1 65  ? 5.54291   10.26894  -0.40421  1.000 37.57531 ? 65  PHE A CE2 1 
ATOM   438  C CZ  . PHE A 1 65  ? 6.25674   9.20325   -0.94358  1.000 33.40252 ? 65  PHE A CZ  1 
ATOM   439  N N   . LYS A 1 66  ? 10.02851  15.37925  -2.25514  1.000 38.52516 ? 66  LYS A N   1 
ATOM   440  C CA  . LYS A 1 66  ? 10.57474  16.69017  -2.58131  1.000 44.26375 ? 66  LYS A CA  1 
ATOM   441  C C   . LYS A 1 66  ? 10.96752  16.73525  -4.05339  1.000 48.10081 ? 66  LYS A C   1 
ATOM   442  O O   . LYS A 1 66  ? 10.97447  15.71624  -4.75001  1.000 40.59470 ? 66  LYS A O   1 
ATOM   443  C CB  . LYS A 1 66  ? 11.77571  17.01033  -1.67686  1.000 35.80904 ? 66  LYS A CB  1 
ATOM   444  N N   . ALA A 1 67  ? 11.29161  17.93947  -4.52578  1.000 52.15440 ? 67  ALA A N   1 
ATOM   445  C CA  . ALA A 1 67  ? 11.70567  18.10982  -5.91406  1.000 48.22218 ? 67  ALA A CA  1 
ATOM   446  C C   . ALA A 1 67  ? 12.92723  17.25094  -6.21197  1.000 49.96805 ? 67  ALA A C   1 
ATOM   447  O O   . ALA A 1 67  ? 13.80274  17.06990  -5.36026  1.000 48.11281 ? 67  ALA A O   1 
ATOM   448  C CB  . ALA A 1 67  ? 12.01070  19.57767  -6.20562  1.000 51.80627 ? 67  ALA A CB  1 
ATOM   449  N N   . LEU A 1 68  ? 12.97782  16.70834  -7.42524  1.000 47.51448 ? 68  LEU A N   1 
ATOM   450  C CA  . LEU A 1 68  ? 14.02028  15.76955  -7.81290  1.000 52.58378 ? 68  LEU A CA  1 
ATOM   451  C C   . LEU A 1 68  ? 14.62262  16.18103  -9.15073  1.000 54.76223 ? 68  LEU A C   1 
ATOM   452  O O   . LEU A 1 68  ? 14.18812  17.14766  -9.78315  1.000 58.28210 ? 68  LEU A O   1 
ATOM   453  C CB  . LEU A 1 68  ? 13.47147  14.34061  -7.90001  1.000 51.90489 ? 68  LEU A CB  1 
ATOM   454  C CG  . LEU A 1 68  ? 13.23058  13.58819  -6.59207  1.000 53.26770 ? 68  LEU A CG  1 
ATOM   455  C CD1 . LEU A 1 68  ? 12.60043  12.23520  -6.89951  1.000 52.95021 ? 68  LEU A CD1 1 
ATOM   456  C CD2 . LEU A 1 68  ? 14.52971  13.42514  -5.79392  1.000 50.61207 ? 68  LEU A CD2 1 
ATOM   457  N N   . LYS A 1 69  ? 15.63492  15.42276  -9.57572  1.000 60.07055 ? 69  LYS A N   1 
ATOM   458  C CA  . LYS A 1 69  ? 16.20576  15.52753  -10.91742 1.000 60.63788 ? 69  LYS A CA  1 
ATOM   459  C C   . LYS A 1 69  ? 15.32880  14.77961  -11.92734 1.000 61.91071 ? 69  LYS A C   1 
ATOM   460  O O   . LYS A 1 69  ? 15.76399  14.43653  -13.03301 1.000 61.91149 ? 69  LYS A O   1 
ATOM   461  C CB  . LYS A 1 69  ? 17.62989  14.98086  -10.93174 1.000 53.58936 ? 69  LYS A CB  1 
ATOM   462  N N   . ASN A 1 103 ? 13.45323  21.37449  -12.15444 1.000 56.65054 ? 103 ASN A N   1 
ATOM   463  C CA  . ASN A 1 103 ? 13.44570  20.12663  -11.39844 1.000 54.98395 ? 103 ASN A CA  1 
ATOM   464  C C   . ASN A 1 103 ? 12.07934  19.44133  -11.47880 1.000 59.87016 ? 103 ASN A C   1 
ATOM   465  O O   . ASN A 1 103 ? 11.04590  20.11057  -11.57336 1.000 57.11493 ? 103 ASN A O   1 
ATOM   466  C CB  . ASN A 1 103 ? 13.82752  20.39223  -9.95045  1.000 57.29905 ? 103 ASN A CB  1 
ATOM   467  N N   . ALA A 1 104 ? 12.07668  18.10720  -11.44723 1.000 57.90856 ? 104 ALA A N   1 
ATOM   468  C CA  . ALA A 1 104 ? 10.82479  17.35578  -11.46340 1.000 54.90123 ? 104 ALA A CA  1 
ATOM   469  C C   . ALA A 1 104 ? 10.12122  17.45723  -10.11436 1.000 47.70023 ? 104 ALA A C   1 
ATOM   470  O O   . ALA A 1 104 ? 10.75086  17.34053  -9.06186  1.000 46.48836 ? 104 ALA A O   1 
ATOM   471  C CB  . ALA A 1 104 ? 11.08577  15.88849  -11.81366 1.000 50.45411 ? 104 ALA A CB  1 
ATOM   472  N N   . LYS A 1 105 ? 8.80249   17.67060  -10.15555 1.000 47.99260 ? 105 LYS A N   1 
ATOM   473  C CA  . LYS A 1 105 ? 7.93912   17.92733  -9.00860  1.000 43.03829 ? 105 LYS A CA  1 
ATOM   474  C C   . LYS A 1 105 ? 6.84681   16.86499  -8.89186  1.000 44.87967 ? 105 LYS A C   1 
ATOM   475  O O   . LYS A 1 105 ? 6.33141   16.38060  -9.90638  1.000 39.48895 ? 105 LYS A O   1 
ATOM   476  C CB  . LYS A 1 105 ? 7.28345   19.31159  -9.12352  1.000 41.29529 ? 105 LYS A CB  1 
ATOM   477  N N   . PRO A 1 106 ? 6.46259   16.48966  -7.67264  1.000 40.83708 ? 106 PRO A N   1 
ATOM   478  C CA  . PRO A 1 106 ? 5.38162   15.50689  -7.51772  1.000 41.48480 ? 106 PRO A CA  1 
ATOM   479  C C   . PRO A 1 106 ? 4.02692   16.13362  -7.83165  1.000 41.70786 ? 106 PRO A C   1 
ATOM   480  O O   . PRO A 1 106 ? 3.70984   17.22837  -7.35838  1.000 39.97475 ? 106 PRO A O   1 
ATOM   481  C CB  . PRO A 1 106 ? 5.48537   15.09528  -6.04426  1.000 40.05696 ? 106 PRO A CB  1 
ATOM   482  C CG  . PRO A 1 106 ? 6.12724   16.27588  -5.37154  1.000 47.17397 ? 106 PRO A CG  1 
ATOM   483  C CD  . PRO A 1 106 ? 7.08727   16.83985  -6.38418  1.000 42.89832 ? 106 PRO A CD  1 
ATOM   484  N N   . ARG A 1 107 ? 3.21768   15.41385  -8.62004  1.000 37.58511 ? 107 ARG A N   1 
ATOM   485  C CA  . ARG A 1 107 ? 1.91022   15.88804  -9.04677  1.000 28.61793 ? 107 ARG A CA  1 
ATOM   486  C C   . ARG A 1 107 ? 0.74914   15.07917  -8.50512  1.000 33.74763 ? 107 ARG A C   1 
ATOM   487  O O   . ARG A 1 107 ? -0.35793  15.61949  -8.40334  1.000 33.48677 ? 107 ARG A O   1 
ATOM   488  C CB  . ARG A 1 107 ? 1.81792   15.90175  -10.58191 1.000 37.79474 ? 107 ARG A CB  1 
ATOM   489  N N   . ALA A 1 108 ? 0.96079   13.81105  -8.15914  1.000 24.73982 ? 108 ALA A N   1 
ATOM   490  C CA  . ALA A 1 108 ? -0.13695  12.99684  -7.66677  1.000 28.15367 ? 108 ALA A CA  1 
ATOM   491  C C   . ALA A 1 108 ? 0.44244   11.84711  -6.85990  1.000 28.19631 ? 108 ALA A C   1 
ATOM   492  O O   . ALA A 1 108 ? 1.65081   11.58280  -6.88885  1.000 24.45599 ? 108 ALA A O   1 
ATOM   493  C CB  . ALA A 1 108 ? -1.01315  12.48278  -8.81132  1.000 30.34595 ? 108 ALA A CB  1 
ATOM   494  N N   . ILE A 1 109 ? -0.44887  11.16803  -6.14139  1.000 24.38283 ? 109 ILE A N   1 
ATOM   495  C CA  . ILE A 1 109 ? -0.08018  10.09728  -5.22376  1.000 22.70716 ? 109 ILE A CA  1 
ATOM   496  C C   . ILE A 1 109 ? -1.09663  8.98068   -5.36491  1.000 23.91413 ? 109 ILE A C   1 
ATOM   497  O O   . ILE A 1 109 ? -2.30173  9.24124   -5.47126  1.000 24.23214 ? 109 ILE A O   1 
ATOM   498  C CB  . ILE A 1 109 ? -0.04646  10.59303  -3.76775  1.000 18.70114 ? 109 ILE A CB  1 
ATOM   499  C CG1 . ILE A 1 109 ? 1.02885   11.67826  -3.60056  1.000 22.85232 ? 109 ILE A CG1 1 
ATOM   500  C CG2 . ILE A 1 109 ? 0.05614   9.39010   -2.78541  1.000 19.60046 ? 109 ILE A CG2 1 
ATOM   501  C CD1 . ILE A 1 109 ? 2.42804   11.17155  -3.53675  1.000 29.45772 ? 109 ILE A CD1 1 
ATOM   502  N N   . GLN A 1 110 ? -0.61677  7.73511   -5.35281  1.000 22.12519 ? 110 GLN A N   1 
ATOM   503  C CA  . GLN A 1 110 ? -1.48514  6.56626   -5.21242  1.000 16.12375 ? 110 GLN A CA  1 
ATOM   504  C C   . GLN A 1 110 ? -0.94683  5.71311   -4.07340  1.000 16.17356 ? 110 GLN A C   1 
ATOM   505  O O   . GLN A 1 110 ? 0.22115   5.32167   -4.09576  1.000 20.71960 ? 110 GLN A O   1 
ATOM   506  C CB  . GLN A 1 110 ? -1.55307  5.73540   -6.50448  1.000 20.24535 ? 110 GLN A CB  1 
ATOM   507  C CG  . GLN A 1 110 ? -2.51485  4.52730   -6.35352  1.000 21.49426 ? 110 GLN A CG  1 
ATOM   508  C CD  . GLN A 1 110 ? -2.73245  3.68848   -7.62951  1.000 23.76096 ? 110 GLN A CD  1 
ATOM   509  O OE1 . GLN A 1 110 ? -3.67379  2.89957   -7.68979  1.000 26.86792 ? 110 GLN A OE1 1 
ATOM   510  N NE2 . GLN A 1 110 ? -1.86356  3.83453   -8.61411  1.000 21.27378 ? 110 GLN A NE2 1 
ATOM   511  N N   . ILE A 1 111 ? -1.78840  5.44248   -3.08285  1.000 22.22762 ? 111 ILE A N   1 
ATOM   512  C CA  . ILE A 1 111 ? -1.46619  4.55741   -1.96614  1.000 20.50717 ? 111 ILE A CA  1 
ATOM   513  C C   . ILE A 1 111 ? -2.20836  3.25602   -2.18781  1.000 14.50435 ? 111 ILE A C   1 
ATOM   514  O O   . ILE A 1 111 ? -3.41193  3.26898   -2.46930  1.000 16.75645 ? 111 ILE A O   1 
ATOM   515  C CB  . ILE A 1 111 ? -1.87076  5.17761   -0.61577  1.000 19.68267 ? 111 ILE A CB  1 
ATOM   516  C CG1 . ILE A 1 111 ? -1.23433  6.56904   -0.46166  1.000 24.02932 ? 111 ILE A CG1 1 
ATOM   517  C CG2 . ILE A 1 111 ? -1.49148  4.23136   0.52920   1.000 18.95960 ? 111 ILE A CG2 1 
ATOM   518  C CD1 . ILE A 1 111 ? -1.87457  7.43845   0.64098   1.000 24.92935 ? 111 ILE A CD1 1 
ATOM   519  N N   . ILE A 1 112 ? -1.50071  2.13441   -2.04552  1.000 18.92413 ? 112 ILE A N   1 
ATOM   520  C CA  . ILE A 1 112 ? -2.07873  0.81197   -2.23158  1.000 18.81893 ? 112 ILE A CA  1 
ATOM   521  C C   . ILE A 1 112 ? -1.78695  -0.02846  -1.00097  1.000 21.48013 ? 112 ILE A C   1 
ATOM   522  O O   . ILE A 1 112 ? -0.64445  -0.07498  -0.52435  1.000 17.96377 ? 112 ILE A O   1 
ATOM   523  C CB  . ILE A 1 112 ? -1.53431  0.12813   -3.50839  1.000 21.41441 ? 112 ILE A CB  1 
ATOM   524  C CG1 . ILE A 1 112 ? -1.88035  0.99262   -4.72818  1.000 24.61440 ? 112 ILE A CG1 1 
ATOM   525  C CG2 . ILE A 1 112 ? -2.08885  -1.29344  -3.65243  1.000 18.78990 ? 112 ILE A CG2 1 
ATOM   526  C CD1 . ILE A 1 112 ? -1.57019  0.33864   -6.07990  1.000 23.97546 ? 112 ILE A CD1 1 
ATOM   527  N N   . PHE A 1 113 ? -2.81470  -0.68747  -0.48561  1.000 16.93735 ? 113 PHE A N   1 
ATOM   528  C CA  . PHE A 1 113 ? -2.66308  -1.64444  0.59944   1.000 18.91672 ? 113 PHE A CA  1 
ATOM   529  C C   . PHE A 1 113 ? -2.99149  -3.03718  0.09247   1.000 23.54776 ? 113 PHE A C   1 
ATOM   530  O O   . PHE A 1 113 ? -3.85332  -3.20304  -0.77648  1.000 20.20886 ? 113 PHE A O   1 
ATOM   531  C CB  . PHE A 1 113 ? -3.60090  -1.35076  1.76950   1.000 18.98584 ? 113 PHE A CB  1 
ATOM   532  C CG  . PHE A 1 113 ? -3.09998  -0.29186  2.72172   1.000 23.80803 ? 113 PHE A CG  1 
ATOM   533  C CD1 . PHE A 1 113 ? -2.25474  -0.62751  3.77615   1.000 20.86463 ? 113 PHE A CD1 1 
ATOM   534  C CD2 . PHE A 1 113 ? -3.50806  1.02130   2.59100   1.000 23.23303 ? 113 PHE A CD2 1 
ATOM   535  C CE1 . PHE A 1 113 ? -1.80605  0.33023   4.65741   1.000 19.77159 ? 113 PHE A CE1 1 
ATOM   536  C CE2 . PHE A 1 113 ? -3.05451  1.99660   3.48193   1.000 22.97621 ? 113 PHE A CE2 1 
ATOM   537  C CZ  . PHE A 1 113 ? -2.20146  1.64130   4.50918   1.000 19.12482 ? 113 PHE A CZ  1 
ATOM   538  N N   . SER A 1 114 ? -2.31120  -4.03505  0.67244   1.000 19.11061 ? 114 SER A N   1 
ATOM   539  C CA  . SER A 1 114 ? -2.64756  -5.42941  0.45442   1.000 21.08084 ? 114 SER A CA  1 
ATOM   540  C C   . SER A 1 114 ? -4.04872  -5.73570  0.99717   1.000 22.31896 ? 114 SER A C   1 
ATOM   541  O O   . SER A 1 114 ? -4.57788  -5.00154  1.83510   1.000 21.52122 ? 114 SER A O   1 
ATOM   542  C CB  . SER A 1 114 ? -1.58393  -6.31164  1.12463   1.000 17.58395 ? 114 SER A CB  1 
ATOM   543  O OG  . SER A 1 114 ? -1.62177  -6.10397  2.52274   1.000 20.28310 ? 114 SER A OG  1 
ATOM   544  N N   . PRO A 1 115 ? -4.69138  -6.80970  0.51046   1.000 22.92453 ? 115 PRO A N   1 
ATOM   545  C CA  . PRO A 1 115 ? -6.06352  -7.11085  0.96559   1.000 23.17091 ? 115 PRO A CA  1 
ATOM   546  C C   . PRO A 1 115 ? -6.16678  -7.51014  2.42205   1.000 21.69258 ? 115 PRO A C   1 
ATOM   547  O O   . PRO A 1 115 ? -7.29524  -7.52766  2.93791   1.000 20.45016 ? 115 PRO A O   1 
ATOM   548  C CB  . PRO A 1 115 ? -6.52997  -8.24709  0.03488   1.000 32.01572 ? 115 PRO A CB  1 
ATOM   549  C CG  . PRO A 1 115 ? -5.35982  -8.64118  -0.78255  1.000 27.61261 ? 115 PRO A CG  1 
ATOM   550  C CD  . PRO A 1 115 ? -4.21825  -7.71349  -0.54777  1.000 25.86386 ? 115 PRO A CD  1 
ATOM   551  N N   . SER A 1 116 ? -5.04644  -7.75351  3.12866   1.000 18.34259 ? 116 SER A N   1 
ATOM   552  C CA  . SER A 1 116 ? -5.12924  -8.05813  4.56201   1.000 20.41976 ? 116 SER A CA  1 
ATOM   553  C C   . SER A 1 116 ? -5.39845  -6.83504  5.45070   1.000 22.00754 ? 116 SER A C   1 
ATOM   554  O O   . SER A 1 116 ? -5.66914  -7.01342  6.64038   1.000 23.46185 ? 116 SER A O   1 
ATOM   555  C CB  . SER A 1 116 ? -3.84594  -8.77171  5.03946   1.000 23.85622 ? 116 SER A CB  1 
ATOM   556  O OG  . SER A 1 116 ? -2.65261  -8.09209  4.65267   1.000 23.43446 ? 116 SER A OG  1 
ATOM   557  N N   . VAL A 1 117 ? -5.34347  -5.61136  4.92223   1.000 18.01132 ? 117 VAL A N   1 
ATOM   558  C CA  . VAL A 1 117 ? -5.61752  -4.42443  5.74442   1.000 17.26384 ? 117 VAL A CA  1 
ATOM   559  C C   . VAL A 1 117 ? -7.09919  -4.36358  6.08292   1.000 23.64864 ? 117 VAL A C   1 
ATOM   560  O O   . VAL A 1 117 ? -7.96277  -4.76173  5.28933   1.000 22.45756 ? 117 VAL A O   1 
ATOM   561  C CB  . VAL A 1 117 ? -5.17716  -3.13160  5.03216   1.000 18.63226 ? 117 VAL A CB  1 
ATOM   562  C CG1 . VAL A 1 117 ? -6.14620  -2.76931  3.92077   1.000 19.88447 ? 117 VAL A CG1 1 
ATOM   563  C CG2 . VAL A 1 117 ? -5.07656  -1.90340  6.01474   1.000 17.58197 ? 117 VAL A CG2 1 
ATOM   564  N N   . ASN A 1 118 ? -7.40951  -3.83150  7.25689   1.000 20.78600 ? 118 ASN A N   1 
ATOM   565  C CA  . ASN A 1 118 ? -8.77780  -3.41883  7.55417   1.000 22.76747 ? 118 ASN A CA  1 
ATOM   566  C C   . ASN A 1 118 ? -8.95206  -1.97313  7.08172   1.000 24.04402 ? 118 ASN A C   1 
ATOM   567  O O   . ASN A 1 118 ? -8.40402  -1.04503  7.68913   1.000 21.54286 ? 118 ASN A O   1 
ATOM   568  C CB  . ASN A 1 118 ? -9.04170  -3.61551  9.04518   1.000 24.53540 ? 118 ASN A CB  1 
ATOM   569  C CG  . ASN A 1 118 ? -10.37708 -3.02775  9.51919   1.000 23.23851 ? 118 ASN A CG  1 
ATOM   570  O OD1 . ASN A 1 118 ? -11.16520 -2.46371  8.74910   1.000 24.29050 ? 118 ASN A OD1 1 
ATOM   571  N ND2 . ASN A 1 118 ? -10.68238 -3.29308  10.77297  1.000 26.19203 ? 118 ASN A ND2 1 
ATOM   572  N N   . VAL A 1 119 ? -9.71051  -1.76533  5.99421   1.000 20.32717 ? 119 VAL A N   1 
ATOM   573  C CA  A VAL A 1 119 ? -9.80401  -0.43434  5.38743   0.431 23.13003 ? 119 VAL A CA  1 
ATOM   574  C CA  B VAL A 1 119 ? -9.71825  -0.41844  5.42094   0.569 23.14946 ? 119 VAL A CA  1 
ATOM   575  C C   . VAL A 1 119 ? -10.27026 0.60253   6.40616   1.000 25.04500 ? 119 VAL A C   1 
ATOM   576  O O   . VAL A 1 119 ? -9.92663  1.79081   6.30937   1.000 25.17997 ? 119 VAL A O   1 
ATOM   577  C CB  A VAL A 1 119 ? -10.72959 -0.48637  4.14945   0.431 24.38828 ? 119 VAL A CB  1 
ATOM   578  C CB  B VAL A 1 119 ? -10.47460 -0.32793  4.06942   0.569 24.11597 ? 119 VAL A CB  1 
ATOM   579  C CG1 A VAL A 1 119 ? -10.73876 0.82300   3.40842   0.431 22.54419 ? 119 VAL A CG1 1 
ATOM   580  C CG1 B VAL A 1 119 ? -10.26304 -1.57114  3.23592   0.569 24.80304 ? 119 VAL A CG1 1 
ATOM   581  C CG2 A VAL A 1 119 ? -10.27641 -1.57733  3.20291   0.431 25.04042 ? 119 VAL A CG2 1 
ATOM   582  C CG2 B VAL A 1 119 ? -11.95111 -0.06477  4.29072   0.569 23.14325 ? 119 VAL A CG2 1 
ATOM   583  N N   . ARG A 1 120 ? -11.07025 0.17834   7.38633   1.000 18.39554 ? 120 ARG A N   1 
ATOM   584  C CA  . ARG A 1 120 ? -11.60280 1.14760   8.33666   1.000 23.48073 ? 120 ARG A CA  1 
ATOM   585  C C   . ARG A 1 120 ? -10.53259 1.68008   9.28310   1.000 21.95026 ? 120 ARG A C   1 
ATOM   586  O O   . ARG A 1 120 ? -10.76989 2.68922   9.95073   1.000 22.07756 ? 120 ARG A O   1 
ATOM   587  C CB  . ARG A 1 120 ? -12.73647 0.51230   9.13342   1.000 28.22644 ? 120 ARG A CB  1 
ATOM   588  C CG  . ARG A 1 120 ? -13.98033 0.42725   8.27909   1.000 34.48700 ? 120 ARG A CG  1 
ATOM   589  C CD  . ARG A 1 120 ? -15.16278 -0.26146  8.94817   1.000 37.59492 ? 120 ARG A CD  1 
ATOM   590  N NE  . ARG A 1 120 ? -16.38659 0.38439   8.48839   1.000 43.92084 ? 120 ARG A NE  1 
ATOM   591  C CZ  . ARG A 1 120 ? -17.17572 -0.10739  7.54557   1.000 48.85945 ? 120 ARG A CZ  1 
ATOM   592  N NH1 . ARG A 1 120 ? -16.91816 -1.27003  6.96815   1.000 54.08903 ? 120 ARG A NH1 1 
ATOM   593  N NH2 . ARG A 1 120 ? -18.24756 0.58620   7.16822   1.000 51.20237 ? 120 ARG A NH2 1 
ATOM   594  N N   . THR A 1 121 ? -9.36982  1.02328   9.37175   1.000 20.87755 ? 121 THR A N   1 
ATOM   595  C CA  . THR A 1 121 ? -8.27908  1.49493   10.22353  1.000 20.65559 ? 121 THR A CA  1 
ATOM   596  C C   . THR A 1 121 ? -7.30275  2.40592   9.49430   1.000 20.17981 ? 121 THR A C   1 
ATOM   597  O O   . THR A 1 121 ? -6.36597  2.92208   10.13233  1.000 21.30261 ? 121 THR A O   1 
ATOM   598  C CB  . THR A 1 121 ? -7.48587  0.29923   10.79321  1.000 19.93408 ? 121 THR A CB  1 
ATOM   599  O OG1 . THR A 1 121 ? -6.74700  -0.31128  9.71583   1.000 17.96502 ? 121 THR A OG1 1 
ATOM   600  C CG2 . THR A 1 121 ? -8.42363  -0.70459  11.45937  1.000 20.69339 ? 121 THR A CG2 1 
ATOM   601  N N   . ILE A 1 122 ? -7.45835  2.57218   8.17670   1.000 20.32942 ? 122 ILE A N   1 
ATOM   602  C CA  . ILE A 1 122 ? -6.50945  3.37333   7.41300   1.000 16.77576 ? 122 ILE A CA  1 
ATOM   603  C C   . ILE A 1 122 ? -6.60095  4.82197   7.86509   1.000 22.64828 ? 122 ILE A C   1 
ATOM   604  O O   . ILE A 1 122 ? -7.69963  5.37495   8.03892   1.000 22.95068 ? 122 ILE A O   1 
ATOM   605  C CB  . ILE A 1 122 ? -6.76324  3.25754   5.89930   1.000 22.91989 ? 122 ILE A CB  1 
ATOM   606  C CG1 . ILE A 1 122 ? -6.51957  1.81636   5.42365   1.000 17.56768 ? 122 ILE A CG1 1 
ATOM   607  C CG2 . ILE A 1 122 ? -5.92723  4.30498   5.13279   1.000 19.75148 ? 122 ILE A CG2 1 
ATOM   608  C CD1 . ILE A 1 122 ? -6.91635  1.51904   3.94900   1.000 17.48768 ? 122 ILE A CD1 1 
ATOM   609  N N   . LYS A 1 123 ? -5.43844  5.43884   8.05708   1.000 19.76674 ? 123 LYS A N   1 
ATOM   610  C CA  . LYS A 1 123 ? -5.31127  6.79690   8.54310   1.000 15.63608 ? 123 LYS A CA  1 
ATOM   611  C C   . LYS A 1 123 ? -4.20332  7.46400   7.75079   1.000 20.53374 ? 123 LYS A C   1 
ATOM   612  O O   . LYS A 1 123 ? -3.17961  6.84123   7.46706   1.000 18.92958 ? 123 LYS A O   1 
ATOM   613  C CB  . LYS A 1 123 ? -4.98404  6.80497   10.03810  1.000 19.24875 ? 123 LYS A CB  1 
ATOM   614  C CG  . LYS A 1 123 ? -6.08080  6.31541   10.95627  1.000 19.38798 ? 123 LYS A CG  1 
ATOM   615  C CD  . LYS A 1 123 ? -5.57732  6.23778   12.40714  1.000 19.00609 ? 123 LYS A CD  1 
ATOM   616  C CE  . LYS A 1 123 ? -6.63851  5.70153   13.36244  1.000 23.35210 ? 123 LYS A CE  1 
ATOM   617  N NZ  . LYS A 1 123 ? -7.15684  4.33615   12.99977  1.000 22.40280 ? 123 LYS A NZ  1 
ATOM   618  N N   . MET A 1 124 ? -4.40973  8.72164   7.38179   1.000 22.18010 ? 124 MET A N   1 
ATOM   619  C CA  . MET A 1 124 ? -3.45967  9.48805   6.58058   1.000 22.54761 ? 124 MET A CA  1 
ATOM   620  C C   . MET A 1 124 ? -3.25120  10.85047  7.22093   1.000 25.70718 ? 124 MET A C   1 
ATOM   621  O O   . MET A 1 124 ? -4.22236  11.52833  7.56958   1.000 22.68512 ? 124 MET A O   1 
ATOM   622  C CB  . MET A 1 124 ? -3.96750  9.73592   5.16048   1.000 22.66756 ? 124 MET A CB  1 
ATOM   623  C CG  . MET A 1 124 ? -3.03043  10.56285  4.27647   1.000 26.64051 ? 124 MET A CG  1 
ATOM   624  S SD  . MET A 1 124 ? -3.11498  10.14753  2.51901   1.000 27.85078 ? 124 MET A SD  1 
ATOM   625  C CE  . MET A 1 124 ? -4.13448  11.52314  2.01038   1.000 35.04705 ? 124 MET A CE  1 
ATOM   626  N N   . ALA A 1 125 ? -1.99307  11.26269  7.32790   1.000 22.02949 ? 125 ALA A N   1 
ATOM   627  C CA  . ALA A 1 125 ? -1.63689  12.61633  7.74067   1.000 27.02689 ? 125 ALA A CA  1 
ATOM   628  C C   . ALA A 1 125 ? -0.89466  13.30981  6.60399   1.000 26.92335 ? 125 ALA A C   1 
ATOM   629  O O   . ALA A 1 125 ? -0.11206  12.67840  5.88919   1.000 23.27297 ? 125 ALA A O   1 
ATOM   630  C CB  . ALA A 1 125 ? -0.78104  12.60963  9.01196   1.000 27.00798 ? 125 ALA A CB  1 
ATOM   631  N N   . LYS A 1 126 ? -1.15799  14.61169  6.43194   1.000 27.95367 ? 126 LYS A N   1 
ATOM   632  C CA  . LYS A 1 126 ? -0.66857  15.40851  5.30413   1.000 37.88995 ? 126 LYS A CA  1 
ATOM   633  C C   . LYS A 1 126 ? -0.26627  16.78701  5.79698   1.000 32.89689 ? 126 LYS A C   1 
ATOM   634  O O   . LYS A 1 126 ? -1.07616  17.45958  6.43761   1.000 41.89750 ? 126 LYS A O   1 
ATOM   635  C CB  . LYS A 1 126 ? -1.75155  15.59886  4.23775   1.000 44.29773 ? 126 LYS A CB  1 
ATOM   636  C CG  . LYS A 1 126 ? -1.89015  14.52486  3.21087   1.000 41.05461 ? 126 LYS A CG  1 
ATOM   637  C CD  . LYS A 1 126 ? -2.47983  15.14661  1.96073   1.000 48.20277 ? 126 LYS A CD  1 
ATOM   638  C CE  . LYS A 1 126 ? -3.99395  15.29064  2.14739   1.000 49.19055 ? 126 LYS A CE  1 
ATOM   639  N NZ  . LYS A 1 126 ? -4.69974  15.82800  0.95678   1.000 53.23980 ? 126 LYS A NZ  1 
ATOM   640  N N   . GLY A 1 127 ? 0.94683   17.22498  5.46630   1.000 40.85060 ? 127 GLY A N   1 
ATOM   641  C CA  . GLY A 1 127 ? 1.41099   18.53838  5.89906   1.000 44.29783 ? 127 GLY A CA  1 
ATOM   642  C C   . GLY A 1 127 ? 2.18122   19.35011  4.87057   1.000 49.34311 ? 127 GLY A C   1 
ATOM   643  O O   . GLY A 1 127 ? 2.29643   18.94987  3.71053   1.000 54.60828 ? 127 GLY A O   1 
ATOM   644  N N   . GLU A 1 135 ? -3.99502  24.70860  8.84967   1.000 58.97306 ? 135 GLU A N   1 
ATOM   645  C CA  . GLU A 1 135 ? -2.61519  24.79107  8.38400   1.000 49.25375 ? 135 GLU A CA  1 
ATOM   646  C C   . GLU A 1 135 ? -1.65855  24.97741  9.55474   1.000 54.75153 ? 135 GLU A C   1 
ATOM   647  O O   . GLU A 1 135 ? -0.68095  24.24679  9.68828   1.000 55.37904 ? 135 GLU A O   1 
ATOM   648  C CB  . GLU A 1 135 ? -2.45691  25.92204  7.38649   1.000 51.54241 ? 135 GLU A CB  1 
ATOM   649  N N   . TYR A 1 136 ? -1.95017  25.95279  10.40948  1.000 48.98082 ? 136 TYR A N   1 
ATOM   650  C CA  . TYR A 1 136 ? -1.08405  26.23174  11.54507  1.000 47.83487 ? 136 TYR A CA  1 
ATOM   651  C C   . TYR A 1 136 ? -1.13408  25.10771  12.58008  1.000 50.86561 ? 136 TYR A C   1 
ATOM   652  O O   . TYR A 1 136 ? -2.14372  24.41106  12.73851  1.000 48.89607 ? 136 TYR A O   1 
ATOM   653  C CB  . TYR A 1 136 ? -1.47625  27.55155  12.20009  1.000 43.00388 ? 136 TYR A CB  1 
ATOM   654  C CG  . TYR A 1 136 ? -1.12164  28.76886  11.37877  1.000 35.00448 ? 136 TYR A CG  1 
ATOM   655  C CD1 . TYR A 1 136 ? 0.13398   29.35139  11.48305  1.000 37.23548 ? 136 TYR A CD1 1 
ATOM   656  C CD2 . TYR A 1 136 ? -2.05108  29.36112  10.53936  1.000 39.38839 ? 136 TYR A CD2 1 
ATOM   657  C CE1 . TYR A 1 136 ? 0.46772   30.47527  10.74937  1.000 33.11018 ? 136 TYR A CE1 1 
ATOM   658  C CE2 . TYR A 1 136 ? -1.73221  30.49230  9.80014   1.000 32.65129 ? 136 TYR A CE2 1 
ATOM   659  C CZ  . TYR A 1 136 ? -0.47206  31.04243  9.91408   1.000 35.49472 ? 136 TYR A CZ  1 
ATOM   660  O OH  . TYR A 1 136 ? -0.13291  32.17000  9.19939   1.000 36.50965 ? 136 TYR A OH  1 
ATOM   661  N N   . LEU A 1 137 ? -0.02854  24.96395  13.31508  1.000 46.68690 ? 137 LEU A N   1 
ATOM   662  C CA  . LEU A 1 137 ? 0.13993   23.81219  14.19303  1.000 50.81757 ? 137 LEU A CA  1 
ATOM   663  C C   . LEU A 1 137 ? -0.87718  23.82300  15.32809  1.000 47.46775 ? 137 LEU A C   1 
ATOM   664  O O   . LEU A 1 137 ? -1.38285  22.76705  15.72520  1.000 48.15272 ? 137 LEU A O   1 
ATOM   665  C CB  . LEU A 1 137 ? 1.56743   23.79912  14.73675  1.000 53.54529 ? 137 LEU A CB  1 
ATOM   666  C CG  . LEU A 1 137 ? 2.13300   22.55716  15.42777  1.000 48.30253 ? 137 LEU A CG  1 
ATOM   667  C CD1 . LEU A 1 137 ? 1.54913   21.26948  14.84753  1.000 49.64416 ? 137 LEU A CD1 1 
ATOM   668  C CD2 . LEU A 1 137 ? 3.64078   22.57164  15.30539  1.000 37.10851 ? 137 LEU A CD2 1 
ATOM   669  N N   . GLN A 1 138 ? -1.19610  25.00729  15.86018  1.000 44.54445 ? 138 GLN A N   1 
ATOM   670  C CA  . GLN A 1 138 ? -2.18337  25.11697  16.93386  1.000 53.29348 ? 138 GLN A CA  1 
ATOM   671  C C   . GLN A 1 138 ? -3.57158  24.64397  16.51485  1.000 53.54899 ? 138 GLN A C   1 
ATOM   672  O O   . GLN A 1 138 ? -4.44021  24.51284  17.38687  1.000 48.20438 ? 138 GLN A O   1 
ATOM   673  C CB  . GLN A 1 138 ? -2.26320  26.56794  17.45647  1.000 47.05200 ? 138 GLN A CB  1 
ATOM   674  C CG  . GLN A 1 138 ? -0.98112  27.09023  18.15375  1.000 50.70461 ? 138 GLN A CG  1 
ATOM   675  C CD  . GLN A 1 138 ? 0.06657   27.65452  17.19603  1.000 47.14395 ? 138 GLN A CD  1 
ATOM   676  O OE1 . GLN A 1 138 ? 0.17448   27.21912  16.04936  1.000 47.69803 ? 138 GLN A OE1 1 
ATOM   677  N NE2 . GLN A 1 138 ? 0.86099   28.61314  17.67697  1.000 40.14095 ? 138 GLN A NE2 1 
ATOM   678  N N   . ARG A 1 139 ? -3.79086  24.35612  15.21767  1.000 48.42674 ? 139 ARG A N   1 
ATOM   679  C CA  . ARG A 1 139 ? -5.11675  24.05426  14.68355  1.000 52.07001 ? 139 ARG A CA  1 
ATOM   680  C C   . ARG A 1 139 ? -5.18774  22.75402  13.88872  1.000 52.65406 ? 139 ARG A C   1 
ATOM   681  O O   . ARG A 1 139 ? -6.18347  22.52935  13.19290  1.000 49.45690 ? 139 ARG A O   1 
ATOM   682  C CB  . ARG A 1 139 ? -5.59512  25.19941  13.78326  1.000 52.53414 ? 139 ARG A CB  1 
ATOM   683  C CG  . ARG A 1 139 ? -5.68351  26.54608  14.47144  1.000 50.12506 ? 139 ARG A CG  1 
ATOM   684  C CD  . ARG A 1 139 ? -4.95129  27.60302  13.67026  1.000 52.88593 ? 139 ARG A CD  1 
ATOM   685  N NE  . ARG A 1 139 ? -5.30471  27.58568  12.25482  1.000 57.72849 ? 139 ARG A NE  1 
ATOM   686  C CZ  . ARG A 1 139 ? -5.61036  28.66477  11.54420  1.000 55.80111 ? 139 ARG A CZ  1 
ATOM   687  N NH1 . ARG A 1 139 ? -5.70414  29.86093  12.10681  1.000 42.56579 ? 139 ARG A NH1 1 
ATOM   688  N NH2 . ARG A 1 139 ? -5.81417  28.54257  10.23411  1.000 52.15580 ? 139 ARG A NH2 1 
ATOM   689  N N   . SER A 1 140 ? -4.17693  21.89636  13.96212  1.000 51.91663 ? 140 SER A N   1 
ATOM   690  C CA  . SER A 1 140 ? -4.09650  20.74264  13.07355  1.000 57.75820 ? 140 SER A CA  1 
ATOM   691  C C   . SER A 1 140 ? -4.67760  19.49029  13.73147  1.000 48.63043 ? 140 SER A C   1 
ATOM   692  O O   . SER A 1 140 ? -4.47804  19.25350  14.92903  1.000 50.31369 ? 140 SER A O   1 
ATOM   693  C CB  . SER A 1 140 ? -2.64007  20.49915  12.66112  1.000 54.27269 ? 140 SER A CB  1 
ATOM   694  N N   . HIS A 1 141 ? -5.41147  18.68843  12.93559  1.000 52.12366 ? 141 HIS A N   1 
ATOM   695  C CA  . HIS A 1 141 ? -5.84152  17.37083  13.40845  1.000 46.28105 ? 141 HIS A CA  1 
ATOM   696  C C   . HIS A 1 141 ? -4.78850  16.32136  13.05501  1.000 43.35765 ? 141 HIS A C   1 
ATOM   697  O O   . HIS A 1 141 ? -4.16538  16.39952  11.98687  1.000 45.86543 ? 141 HIS A O   1 
ATOM   698  C CB  . HIS A 1 141 ? -7.18866  16.97985  12.81185  1.000 41.32500 ? 141 HIS A CB  1 
ATOM   699  N N   . PRO A 1 142 ? -4.53993  15.36708  13.96138  1.000 40.27893 ? 142 PRO A N   1 
ATOM   700  C CA  . PRO A 1 142 ? -3.42321  14.42660  13.75910  1.000 34.06936 ? 142 PRO A CA  1 
ATOM   701  C C   . PRO A 1 142 ? -3.54230  13.53419  12.53201  1.000 30.50816 ? 142 PRO A C   1 
ATOM   702  O O   . PRO A 1 142 ? -2.50883  13.03258  12.08783  1.000 29.01134 ? 142 PRO A O   1 
ATOM   703  C CB  . PRO A 1 142 ? -3.44490  13.57366  15.03519  1.000 38.54320 ? 142 PRO A CB  1 
ATOM   704  C CG  . PRO A 1 142 ? -4.01359  14.43496  16.06465  1.000 45.43335 ? 142 PRO A CG  1 
ATOM   705  C CD  . PRO A 1 142 ? -4.83634  15.54312  15.39141  1.000 49.15610 ? 142 PRO A CD  1 
ATOM   706  N N   . TRP A 1 143 ? -4.74346  13.29239  11.99642  1.000 28.43373 ? 143 TRP A N   1 
ATOM   707  C CA  . TRP A 1 143 ? -4.90473  12.43640  10.82645  1.000 30.21733 ? 143 TRP A CA  1 
ATOM   708  C C   . TRP A 1 143 ? -6.35709  12.49913  10.36627  1.000 31.43284 ? 143 TRP A C   1 
ATOM   709  O O   . TRP A 1 143 ? -7.22979  12.99734  11.07843  1.000 24.25316 ? 143 TRP A O   1 
ATOM   710  C CB  . TRP A 1 143 ? -4.52410  10.98065  11.12403  1.000 23.49329 ? 143 TRP A CB  1 
ATOM   711  C CG  . TRP A 1 143 ? -5.04470  10.47276  12.44573  1.000 22.73029 ? 143 TRP A CG  1 
ATOM   712  C CD1 . TRP A 1 143 ? -4.35721  10.42516  13.62646  1.000 22.22953 ? 143 TRP A CD1 1 
ATOM   713  C CD2 . TRP A 1 143 ? -6.35780  9.96623   12.73149  1.000 25.88844 ? 143 TRP A CD2 1 
ATOM   714  N NE1 . TRP A 1 143 ? -5.14848  9.89875   14.61596  1.000 24.20249 ? 143 TRP A NE1 1 
ATOM   715  C CE2 . TRP A 1 143 ? -6.38647  9.62623   14.10087  1.000 20.06139 ? 143 TRP A CE2 1 
ATOM   716  C CE3 . TRP A 1 143 ? -7.51414  9.77271   11.96813  1.000 27.16807 ? 143 TRP A CE3 1 
ATOM   717  C CZ2 . TRP A 1 143 ? -7.52100  9.09340   14.72143  1.000 25.05044 ? 143 TRP A CZ2 1 
ATOM   718  C CZ3 . TRP A 1 143 ? -8.64654  9.25417   12.59051  1.000 26.68513 ? 143 TRP A CZ3 1 
ATOM   719  C CH2 . TRP A 1 143 ? -8.63867  8.91508   13.95396  1.000 31.48262 ? 143 TRP A CH2 1 
ATOM   720  N N   . GLU A 1 144 ? -6.61161  11.93700  9.18279   1.000 27.51138 ? 144 GLU A N   1 
ATOM   721  C CA  . GLU A 1 144 ? -7.95970  11.69435  8.69074   1.000 24.90733 ? 144 GLU A CA  1 
ATOM   722  C C   . GLU A 1 144 ? -8.13150  10.20744  8.41115   1.000 26.48177 ? 144 GLU A C   1 
ATOM   723  O O   . GLU A 1 144 ? -7.20111  9.54417   7.94031   1.000 22.42447 ? 144 GLU A O   1 
ATOM   724  C CB  . GLU A 1 144 ? -8.24763  12.46936  7.39641   1.000 34.06891 ? 144 GLU A CB  1 
ATOM   725  C CG  . GLU A 1 144 ? -7.56902  13.81236  7.30034   1.000 40.44565 ? 144 GLU A CG  1 
ATOM   726  C CD  . GLU A 1 144 ? -8.52687  14.96480  7.48694   1.000 53.43325 ? 144 GLU A CD  1 
ATOM   727  O OE1 . GLU A 1 144 ? -9.69816  14.71176  7.84449   1.000 55.24210 ? 144 GLU A OE1 1 
ATOM   728  O OE2 . GLU A 1 144 ? -8.10615  16.12291  7.26637   1.000 57.19794 ? 144 GLU A OE2 1 
ATOM   729  N N   . ALA A 1 145 ? -9.32053  9.68736   8.68890   1.000 23.65984 ? 145 ALA A N   1 
ATOM   730  C CA  . ALA A 1 145 ? -9.64964  8.31315   8.34115   1.000 22.93180 ? 145 ALA A CA  1 
ATOM   731  C C   . ALA A 1 145 ? -10.10580 8.30372   6.88789   1.000 29.36784 ? 145 ALA A C   1 
ATOM   732  O O   . ALA A 1 145 ? -11.17650 8.82299   6.56628   1.000 32.26557 ? 145 ALA A O   1 
ATOM   733  C CB  . ALA A 1 145 ? -10.72578 7.77430   9.27396   1.000 30.69279 ? 145 ALA A CB  1 
ATOM   734  N N   . THR A 1 146 ? -9.29519  7.74203   5.99107   1.000 26.39718 ? 146 THR A N   1 
ATOM   735  C CA  . THR A 1 146 ? -9.56713  7.87963   4.56549   1.000 22.74255 ? 146 THR A CA  1 
ATOM   736  C C   . THR A 1 146 ? -10.00565 6.57833   3.89325   1.000 22.63256 ? 146 THR A C   1 
ATOM   737  O O   . THR A 1 146 ? -10.00356 6.50642   2.66079   1.000 23.47667 ? 146 THR A O   1 
ATOM   738  C CB  . THR A 1 146 ? -8.34676  8.44503   3.84206   1.000 30.50077 ? 146 THR A CB  1 
ATOM   739  O OG1 . THR A 1 146 ? -7.21713  7.58395   4.07607   1.000 26.86683 ? 146 THR A OG1 1 
ATOM   740  C CG2 . THR A 1 146 ? -8.03818  9.87274   4.32257   1.000 26.32276 ? 146 THR A CG2 1 
ATOM   741  N N   . GLY A 1 147 ? -10.40183 5.56271   4.66615   1.000 23.45910 ? 147 GLY A N   1 
ATOM   742  C CA  . GLY A 1 147 ? -10.73689 4.27368   4.07407   1.000 24.24899 ? 147 GLY A CA  1 
ATOM   743  C C   . GLY A 1 147 ? -11.84844 4.32959   3.04295   1.000 23.99122 ? 147 GLY A C   1 
ATOM   744  O O   . GLY A 1 147 ? -11.84906 3.56126   2.07623   1.000 20.94678 ? 147 GLY A O   1 
ATOM   745  N N   . ILE A 1 148 ? -12.79539 5.24897   3.21191   1.000 24.21750 ? 148 ILE A N   1 
ATOM   746  C CA  . ILE A 1 148 ? -13.90144 5.32681   2.26921   1.000 24.46713 ? 148 ILE A CA  1 
ATOM   747  C C   . ILE A 1 148 ? -13.43422 5.74071   0.87686   1.000 25.29251 ? 148 ILE A C   1 
ATOM   748  O O   . ILE A 1 148 ? -14.12771 5.46479   -0.10943  1.000 31.38633 ? 148 ILE A O   1 
ATOM   749  C CB  . ILE A 1 148 ? -14.97680 6.28088   2.81946   1.000 33.28797 ? 148 ILE A CB  1 
ATOM   750  C CG1 . ILE A 1 148 ? -16.30854 6.09969   2.07590   1.000 38.17008 ? 148 ILE A CG1 1 
ATOM   751  C CG2 . ILE A 1 148 ? -14.48791 7.73304   2.77463   1.000 26.35382 ? 148 ILE A CG2 1 
ATOM   752  C CD1 . ILE A 1 148 ? -17.46722 6.86110   2.72716   1.000 35.11223 ? 148 ILE A CD1 1 
ATOM   753  N N   . LYS A 1 149 ? -12.26227 6.37131   0.75755   1.000 21.20662 ? 149 LYS A N   1 
ATOM   754  C CA  . LYS A 1 149 ? -11.73927 6.79852   -0.54083  1.000 21.85471 ? 149 LYS A CA  1 
ATOM   755  C C   . LYS A 1 149 ? -10.96098 5.70553   -1.26762  1.000 23.52220 ? 149 LYS A C   1 
ATOM   756  O O   . LYS A 1 149 ? -10.52486 5.91147   -2.40945  1.000 25.82155 ? 149 LYS A O   1 
ATOM   757  C CB  . LYS A 1 149 ? -10.86288 8.03863   -0.36831  1.000 26.62124 ? 149 LYS A CB  1 
ATOM   758  C CG  . LYS A 1 149 ? -11.67885 9.22218   0.16905   1.000 27.40622 ? 149 LYS A CG  1 
ATOM   759  C CD  . LYS A 1 149 ? -10.83298 10.21710  0.93395   1.000 34.82836 ? 149 LYS A CD  1 
ATOM   760  C CE  . LYS A 1 149 ? -11.07432 11.63410  0.44716   1.000 43.32094 ? 149 LYS A CE  1 
ATOM   761  N NZ  . LYS A 1 149 ? -10.38986 12.60018  1.34671   1.000 41.41525 ? 149 LYS A NZ  1 
ATOM   762  N N   . TYR A 1 150 ? -10.81714 4.53489   -0.67624  1.000 24.65047 ? 150 TYR A N   1 
ATOM   763  C CA  . TYR A 1 150 ? -10.07197 3.47227   -1.32070  1.000 24.07277 ? 150 TYR A CA  1 
ATOM   764  C C   . TYR A 1 150 ? -11.00869 2.68213   -2.23445  1.000 28.55004 ? 150 TYR A C   1 
ATOM   765  O O   . TYR A 1 150 ? -12.11979 2.33313   -1.82733  1.000 27.41142 ? 150 TYR A O   1 
ATOM   766  C CB  . TYR A 1 150 ? -9.43505  2.58352   -0.24939  1.000 25.20975 ? 150 TYR A CB  1 
ATOM   767  C CG  . TYR A 1 150 ? -8.16803  3.20379   0.30158   1.000 22.46052 ? 150 TYR A CG  1 
ATOM   768  C CD1 . TYR A 1 150 ? -8.22228  4.32188   1.14132   1.000 23.41905 ? 150 TYR A CD1 1 
ATOM   769  C CD2 . TYR A 1 150 ? -6.91868  2.69052   -0.03183  1.000 25.49598 ? 150 TYR A CD2 1 
ATOM   770  C CE1 . TYR A 1 150 ? -7.04422  4.90898   1.64412   1.000 24.28916 ? 150 TYR A CE1 1 
ATOM   771  C CE2 . TYR A 1 150 ? -5.74794  3.27198   0.45420   1.000 17.97249 ? 150 TYR A CE2 1 
ATOM   772  C CZ  . TYR A 1 150 ? -5.81754  4.37147   1.29325   1.000 22.66151 ? 150 TYR A CZ  1 
ATOM   773  O OH  . TYR A 1 150 ? -4.65409  4.94289   1.77177   1.000 20.97195 ? 150 TYR A OH  1 
ATOM   774  N N   . ARG A 1 151 ? -10.56741 2.43215   -3.47248  1.000 25.62088 ? 151 ARG A N   1 
ATOM   775  C CA  . ARG A 1 151 ? -11.26278 1.55434   -4.40445  1.000 29.44673 ? 151 ARG A CA  1 
ATOM   776  C C   . ARG A 1 151 ? -10.64616 0.17045   -4.38599  1.000 29.62593 ? 151 ARG A C   1 
ATOM   777  O O   . ARG A 1 151 ? -9.43231  0.01990   -4.24441  1.000 22.81440 ? 151 ARG A O   1 
ATOM   778  C CB  . ARG A 1 151 ? -11.23651 2.06798   -5.85337  1.000 30.97509 ? 151 ARG A CB  1 
ATOM   779  C CG  . ARG A 1 151 ? -11.44598 3.55163   -6.03462  1.000 42.03028 ? 151 ARG A CG  1 
ATOM   780  C CD  . ARG A 1 151 ? -11.53469 3.94215   -7.52786  1.000 51.23685 ? 151 ARG A CD  1 
ATOM   781  N NE  . ARG A 1 151 ? -10.25284 4.04505   -8.22221  1.000 54.21592 ? 151 ARG A NE  1 
ATOM   782  C CZ  . ARG A 1 151 ? -10.11168 4.00372   -9.54306  1.000 55.43723 ? 151 ARG A CZ  1 
ATOM   783  N NH1 . ARG A 1 151 ? -11.15833 3.90060   -10.34843 1.000 55.45331 ? 151 ARG A NH1 1 
ATOM   784  N NH2 . ARG A 1 151 ? -8.89306  4.09890   -10.07225 1.000 47.17262 ? 151 ARG A NH2 1 
ATOM   785  N N   . LYS A 1 152 ? -11.50147 -0.84177  -4.56418  1.000 26.08087 ? 152 LYS A N   1 
ATOM   786  C CA  . LYS A 1 152 ? -11.05348 -2.22585  -4.63844  1.000 24.04877 ? 152 LYS A CA  1 
ATOM   787  C C   . LYS A 1 152 ? -10.38561 -2.46268  -5.98325  1.000 28.74883 ? 152 LYS A C   1 
ATOM   788  O O   . LYS A 1 152 ? -10.95979 -2.13352  -7.02645  1.000 29.91243 ? 152 LYS A O   1 
ATOM   789  C CB  . LYS A 1 152 ? -12.24931 -3.16524  -4.48115  1.000 29.15957 ? 152 LYS A CB  1 
ATOM   790  C CG  . LYS A 1 152 ? -12.88780 -3.11197  -3.10781  1.000 29.92892 ? 152 LYS A CG  1 
ATOM   791  C CD  . LYS A 1 152 ? -14.31507 -3.67868  -3.15250  1.000 38.94850 ? 152 LYS A CD  1 
ATOM   792  C CE  . LYS A 1 152 ? -14.95225 -3.68388  -1.77033  1.000 35.79317 ? 152 LYS A CE  1 
ATOM   793  N NZ  . LYS A 1 152 ? -15.72037 -4.92865  -1.49973  1.000 50.90899 ? 152 LYS A NZ  1 
ATOM   794  N N   . ILE A 1 153 ? -9.16853  -3.01477  -5.96754  1.000 22.16061 ? 153 ILE A N   1 
ATOM   795  C CA  . ILE A 1 153 ? -8.51761  -3.50208  -7.17726  1.000 22.17051 ? 153 ILE A CA  1 
ATOM   796  C C   . ILE A 1 153 ? -8.85079  -4.98842  -7.27400  1.000 29.34072 ? 153 ILE A C   1 
ATOM   797  O O   . ILE A 1 153 ? -8.64474  -5.73188  -6.30662  1.000 27.13208 ? 153 ILE A O   1 
ATOM   798  C CB  . ILE A 1 153 ? -6.98810  -3.29298  -7.11060  1.000 24.24723 ? 153 ILE A CB  1 
ATOM   799  C CG1 . ILE A 1 153 ? -6.62085  -1.82194  -6.89478  1.000 25.25297 ? 153 ILE A CG1 1 
ATOM   800  C CG2 . ILE A 1 153 ? -6.29506  -3.82554  -8.37565  1.000 23.45530 ? 153 ILE A CG2 1 
ATOM   801  C CD1 . ILE A 1 153 ? -5.09403  -1.58719  -6.74195  1.000 24.09737 ? 153 ILE A CD1 1 
ATOM   802  N N   . LYS A 1 154 ? -9.39667  -5.43202  -8.41291  1.000 26.06797 ? 154 LYS A N   1 
ATOM   803  C CA  . LYS A 1 154 ? -9.72006  -6.84908  -8.56094  1.000 28.72081 ? 154 LYS A CA  1 
ATOM   804  C C   . LYS A 1 154 ? -9.12105  -7.46180  -9.82189  1.000 29.70569 ? 154 LYS A C   1 
ATOM   805  O O   . LYS A 1 154 ? -8.85864  -6.78646  -10.81803 1.000 27.63006 ? 154 LYS A O   1 
ATOM   806  C CB  . LYS A 1 154 ? -11.23458 -7.11889  -8.50894  1.000 31.77312 ? 154 LYS A CB  1 
ATOM   807  C CG  . LYS A 1 154 ? -11.85459 -6.62021  -7.19966  1.000 38.19807 ? 154 LYS A CG  1 
ATOM   808  C CD  . LYS A 1 154 ? -13.29560 -6.19622  -7.28409  1.000 32.11826 ? 154 LYS A CD  1 
ATOM   809  C CE  . LYS A 1 154 ? -14.23861 -7.34739  -6.97057  1.000 41.86360 ? 154 LYS A CE  1 
ATOM   810  N NZ  . LYS A 1 154 ? -14.22204 -8.44076  -7.98266  1.000 54.40157 ? 154 LYS A NZ  1 
ATOM   811  N N   . ARG A 1 155 ? -8.86089  -8.76020  -9.72138  1.000 33.67141 ? 155 ARG A N   1 
ATOM   812  C CA  . ARG A 1 155 ? -8.41435  -9.60420  -10.82124 1.000 35.26137 ? 155 ARG A CA  1 
ATOM   813  C C   . ARG A 1 155 ? -9.21958  -10.88865 -10.72418 1.000 36.00639 ? 155 ARG A C   1 
ATOM   814  O O   . ARG A 1 155 ? -9.24634  -11.51753 -9.66309  1.000 32.66160 ? 155 ARG A O   1 
ATOM   815  C CB  . ARG A 1 155 ? -6.92043  -9.90997  -10.71495 1.000 32.08048 ? 155 ARG A CB  1 
ATOM   816  C CG  . ARG A 1 155 ? -6.04049  -8.69309  -10.78641 1.000 34.34846 ? 155 ARG A CG  1 
ATOM   817  C CD  . ARG A 1 155 ? -6.16264  -7.99220  -12.12796 1.000 40.05874 ? 155 ARG A CD  1 
ATOM   818  N NE  . ARG A 1 155 ? -5.20936  -8.55393  -13.07662 1.000 43.99259 ? 155 ARG A NE  1 
ATOM   819  C CZ  . ARG A 1 155 ? -5.51061  -8.95067  -14.30468 1.000 45.14123 ? 155 ARG A CZ  1 
ATOM   820  N NH1 . ARG A 1 155 ? -6.74597  -8.86370  -14.77818 1.000 50.95120 ? 155 ARG A NH1 1 
ATOM   821  N NH2 . ARG A 1 155 ? -4.54939  -9.45043  -15.07527 1.000 52.11851 ? 155 ARG A NH2 1 
ATOM   822  N N   . ASP A 1 156 ? -9.90377  -11.25444 -11.80370 1.000 41.38554 ? 156 ASP A N   1 
ATOM   823  C CA  . ASP A 1 156 ? -10.72056 -12.46560 -11.82303 1.000 40.03591 ? 156 ASP A CA  1 
ATOM   824  C C   . ASP A 1 156 ? -11.73534 -12.47262 -10.68084 1.000 39.42186 ? 156 ASP A C   1 
ATOM   825  O O   . ASP A 1 156 ? -11.95592 -13.49509 -10.03120 1.000 47.93041 ? 156 ASP A O   1 
ATOM   826  C CB  . ASP A 1 156 ? -9.83497  -13.70946 -11.76952 1.000 45.91532 ? 156 ASP A CB  1 
ATOM   827  C CG  . ASP A 1 156 ? -8.96812  -13.84461 -13.00028 1.000 55.15573 ? 156 ASP A CG  1 
ATOM   828  O OD1 . ASP A 1 156 ? -7.72122  -13.93147 -12.86202 1.000 52.06354 ? 156 ASP A OD1 1 
ATOM   829  O OD2 . ASP A 1 156 ? -9.53927  -13.82884 -14.11258 1.000 58.75768 ? 156 ASP A OD2 1 
ATOM   830  N N   . GLY A 1 157 ? -12.34074 -11.31761 -10.41791 1.000 40.17776 ? 157 GLY A N   1 
ATOM   831  C CA  . GLY A 1 157 ? -13.36222 -11.20638 -9.39654  1.000 41.02325 ? 157 GLY A CA  1 
ATOM   832  C C   . GLY A 1 157 ? -12.88958 -11.28332 -7.96019  1.000 38.62966 ? 157 GLY A C   1 
ATOM   833  O O   . GLY A 1 157 ? -13.72822 -11.39921 -7.06538  1.000 47.95974 ? 157 GLY A O   1 
ATOM   834  N N   . GLU A 1 158 ? -11.58190 -11.22472 -7.69887  1.000 39.12421 ? 158 GLU A N   1 
ATOM   835  C CA  . GLU A 1 158 ? -11.04351 -11.32423 -6.34222  1.000 37.72230 ? 158 GLU A CA  1 
ATOM   836  C C   . GLU A 1 158 ? -10.29970 -10.03517 -5.99926  1.000 34.41832 ? 158 GLU A C   1 
ATOM   837  O O   . GLU A 1 158 ? -9.64219  -9.44374  -6.86007  1.000 29.82537 ? 158 GLU A O   1 
ATOM   838  C CB  . GLU A 1 158 ? -10.11492 -12.55570 -6.20888  1.000 41.64497 ? 158 GLU A CB  1 
ATOM   839  C CG  . GLU A 1 158 ? -9.11218  -12.52927 -5.04273  1.000 43.69962 ? 158 GLU A CG  1 
ATOM   840  C CD  . GLU A 1 158 ? -8.31070  -13.83022 -4.89557  1.000 50.08708 ? 158 GLU A CD  1 
ATOM   841  O OE1 . GLU A 1 158 ? -8.92273  -14.92462 -4.93066  1.000 54.98615 ? 158 GLU A OE1 1 
ATOM   842  O OE2 . GLU A 1 158 ? -7.07494  -13.76499 -4.71176  1.000 47.41809 ? 158 GLU A OE2 1 
ATOM   843  N N   . ILE A 1 159 ? -10.43605 -9.57653  -4.75572  1.000 29.44580 ? 159 ILE A N   1 
ATOM   844  C CA  . ILE A 1 159 ? -9.74622  -8.35743  -4.32892  1.000 30.29674 ? 159 ILE A CA  1 
ATOM   845  C C   . ILE A 1 159 ? -8.25521  -8.63831  -4.20845  1.000 24.51548 ? 159 ILE A C   1 
ATOM   846  O O   . ILE A 1 159 ? -7.83998  -9.47279  -3.40039  1.000 28.79214 ? 159 ILE A O   1 
ATOM   847  C CB  . ILE A 1 159 ? -10.30350 -7.84254  -2.99659  1.000 27.14780 ? 159 ILE A CB  1 
ATOM   848  C CG1 . ILE A 1 159 ? -11.76559 -7.43347  -3.14769  1.000 30.41721 ? 159 ILE A CG1 1 
ATOM   849  C CG2 . ILE A 1 159 ? -9.44477  -6.67065  -2.47932  1.000 33.08157 ? 159 ILE A CG2 1 
ATOM   850  C CD1 . ILE A 1 159 ? -12.40586 -7.03133  -1.86291  1.000 33.48124 ? 159 ILE A CD1 1 
ATOM   851  N N   . VAL A 1 160 ? -7.44501  -7.94600  -5.01216  1.000 25.07322 ? 160 VAL A N   1 
ATOM   852  C CA  . VAL A 1 160 ? -5.99511  -8.04060  -4.88425  1.000 24.31160 ? 160 VAL A CA  1 
ATOM   853  C C   . VAL A 1 160 ? -5.38775  -6.84121  -4.14947  1.000 24.77243 ? 160 VAL A C   1 
ATOM   854  O O   . VAL A 1 160 ? -4.20671  -6.89625  -3.76633  1.000 21.13138 ? 160 VAL A O   1 
ATOM   855  C CB  . VAL A 1 160 ? -5.30883  -8.20014  -6.26028  1.000 23.58733 ? 160 VAL A CB  1 
ATOM   856  C CG1 . VAL A 1 160 ? -5.61755  -9.56726  -6.88150  1.000 28.90017 ? 160 VAL A CG1 1 
ATOM   857  C CG2 . VAL A 1 160 ? -5.68555  -7.04197  -7.19985  1.000 26.07274 ? 160 VAL A CG2 1 
ATOM   858  N N   . GLY A 1 161 ? -6.14459  -5.76827  -3.93993  1.000 25.26868 ? 161 GLY A N   1 
ATOM   859  C CA  . GLY A 1 161 ? -5.60057  -4.62348  -3.22324  1.000 26.14697 ? 161 GLY A CA  1 
ATOM   860  C C   . GLY A 1 161 ? -6.63676  -3.52303  -3.14223  1.000 25.42456 ? 161 GLY A C   1 
ATOM   861  O O   . GLY A 1 161 ? -7.74273  -3.63868  -3.68437  1.000 22.74175 ? 161 GLY A O   1 
ATOM   862  N N   . TYR A 1 162 ? -6.25869  -2.45340  -2.43715  1.000 23.55276 ? 162 TYR A N   1 
ATOM   863  C CA  . TYR A 1 162 ? -7.08444  -1.26607  -2.23600  1.000 21.69025 ? 162 TYR A CA  1 
ATOM   864  C C   . TYR A 1 162 ? -6.25522  -0.04322  -2.60861  1.000 24.75349 ? 162 TYR A C   1 
ATOM   865  O O   . TYR A 1 162 ? -5.10476  0.07459   -2.16722  1.000 21.20247 ? 162 TYR A O   1 
ATOM   866  C CB  . TYR A 1 162 ? -7.56468  -1.13621  -0.78109  1.000 20.29790 ? 162 TYR A CB  1 
ATOM   867  C CG  . TYR A 1 162 ? -8.40612  -2.27255  -0.24710  1.000 21.02741 ? 162 TYR A CG  1 
ATOM   868  C CD1 . TYR A 1 162 ? -9.79234  -2.30428  -0.46867  1.000 26.06313 ? 162 TYR A CD1 1 
ATOM   869  C CD2 . TYR A 1 162 ? -7.83844  -3.28177  0.51437   1.000 20.56522 ? 162 TYR A CD2 1 
ATOM   870  C CE1 . TYR A 1 162 ? -10.59205 -3.34245  0.04518   1.000 25.75660 ? 162 TYR A CE1 1 
ATOM   871  C CE2 . TYR A 1 162 ? -8.62094  -4.32652  1.03928   1.000 23.88707 ? 162 TYR A CE2 1 
ATOM   872  C CZ  . TYR A 1 162 ? -9.99501  -4.34482  0.79118   1.000 28.36147 ? 162 TYR A CZ  1 
ATOM   873  O OH  . TYR A 1 162 ? -10.75525 -5.36394  1.30949   1.000 25.91568 ? 162 TYR A OH  1 
ATOM   874  N N   . SER A 1 163 ? -6.84344  0.87707   -3.38579  1.000 20.51395 ? 163 SER A N   1 
ATOM   875  C CA  . SER A 1 163 ? -6.12767  2.00701   -3.98838  1.000 23.04129 ? 163 SER A CA  1 
ATOM   876  C C   . SER A 1 163 ? -6.77730  3.35322   -3.66500  1.000 21.22365 ? 163 SER A C   1 
ATOM   877  O O   . SER A 1 163 ? -7.98165  3.54193   -3.89428  1.000 24.63207 ? 163 SER A O   1 
ATOM   878  C CB  . SER A 1 163 ? -6.08042  1.85967   -5.50963  1.000 22.03673 ? 163 SER A CB  1 
ATOM   879  O OG  . SER A 1 163 ? -5.80499  3.10456   -6.13171  1.000 23.73368 ? 163 SER A OG  1 
ATOM   880  N N   . HIS A 1 164 ? -5.96803  4.31570   -3.21377  1.000 21.58321 ? 164 HIS A N   1 
ATOM   881  C CA  . HIS A 1 164 ? -6.41936  5.69651   -3.04503  1.000 23.53246 ? 164 HIS A CA  1 
ATOM   882  C C   . HIS A 1 164 ? -5.52772  6.57481   -3.91124  1.000 24.33078 ? 164 HIS A C   1 
ATOM   883  O O   . HIS A 1 164 ? -4.33135  6.73585   -3.62889  1.000 21.01884 ? 164 HIS A O   1 
ATOM   884  C CB  . HIS A 1 164 ? -6.37634  6.13299   -1.57163  1.000 19.51995 ? 164 HIS A CB  1 
ATOM   885  C CG  . HIS A 1 164 ? -6.83643  7.54546   -1.34663  1.000 26.34006 ? 164 HIS A CG  1 
ATOM   886  N ND1 . HIS A 1 164 ? -6.62127  8.22942   -0.16482  1.000 21.79532 ? 164 HIS A ND1 1 
ATOM   887  C CD2 . HIS A 1 164 ? -7.51119  8.39714   -2.15376  1.000 25.38131 ? 164 HIS A CD2 1 
ATOM   888  C CE1 . HIS A 1 164 ? -7.15396  9.43572   -0.25192  1.000 25.53327 ? 164 HIS A CE1 1 
ATOM   889  N NE2 . HIS A 1 164 ? -7.69377  9.56778   -1.45202  1.000 24.21205 ? 164 HIS A NE2 1 
ATOM   890  N N   . TYR A 1 165 ? -6.09561  7.12865   -4.97664  1.000 20.74786 ? 165 TYR A N   1 
ATOM   891  C CA  . TYR A 1 165 ? -5.39037  8.05160   -5.84767  1.000 22.37603 ? 165 TYR A CA  1 
ATOM   892  C C   . TYR A 1 165 ? -5.88325  9.47217   -5.58634  1.000 26.71066 ? 165 TYR A C   1 
ATOM   893  O O   . TYR A 1 165 ? -7.08343  9.68996   -5.38071  1.000 28.29522 ? 165 TYR A O   1 
ATOM   894  C CB  . TYR A 1 165 ? -5.59659  7.66917   -7.32089  1.000 26.46096 ? 165 TYR A CB  1 
ATOM   895  C CG  . TYR A 1 165 ? -4.99881  8.63835   -8.31892  1.000 26.03564 ? 165 TYR A CG  1 
ATOM   896  C CD1 . TYR A 1 165 ? -5.73083  9.71559   -8.78826  1.000 31.86134 ? 165 TYR A CD1 1 
ATOM   897  C CD2 . TYR A 1 165 ? -3.70041  8.47244   -8.79381  1.000 27.94181 ? 165 TYR A CD2 1 
ATOM   898  C CE1 . TYR A 1 165 ? -5.19087  10.61769  -9.70005  1.000 34.31482 ? 165 TYR A CE1 1 
ATOM   899  C CE2 . TYR A 1 165 ? -3.15087  9.36092   -9.69937  1.000 28.94058 ? 165 TYR A CE2 1 
ATOM   900  C CZ  . TYR A 1 165 ? -3.91265  10.43287  -10.15562 1.000 37.62896 ? 165 TYR A CZ  1 
ATOM   901  O OH  . TYR A 1 165 ? -3.38553  11.31971  -11.06507 1.000 41.52259 ? 165 TYR A OH  1 
ATOM   902  N N   . PHE A 1 166 ? -4.95713  10.43354  -5.57900  1.000 26.29993 ? 166 PHE A N   1 
ATOM   903  C CA  . PHE A 1 166 ? -5.33264  11.84041  -5.48616  1.000 25.23559 ? 166 PHE A CA  1 
ATOM   904  C C   . PHE A 1 166 ? -4.24731  12.68883  -6.12815  1.000 29.36742 ? 166 PHE A C   1 
ATOM   905  O O   . PHE A 1 166 ? -3.07367  12.30320  -6.16673  1.000 27.97593 ? 166 PHE A O   1 
ATOM   906  C CB  . PHE A 1 166 ? -5.61310  12.29004  -4.03965  1.000 30.50630 ? 166 PHE A CB  1 
ATOM   907  C CG  . PHE A 1 166 ? -4.48220  12.04359  -3.04705  1.000 27.92673 ? 166 PHE A CG  1 
ATOM   908  C CD1 . PHE A 1 166 ? -4.38591  10.84137  -2.35882  1.000 24.94513 ? 166 PHE A CD1 1 
ATOM   909  C CD2 . PHE A 1 166 ? -3.56949  13.04748  -2.74926  1.000 27.92121 ? 166 PHE A CD2 1 
ATOM   910  C CE1 . PHE A 1 166 ? -3.38198  10.62972  -1.42367  1.000 25.16626 ? 166 PHE A CE1 1 
ATOM   911  C CE2 . PHE A 1 166 ? -2.55145  12.84506  -1.81539  1.000 29.25030 ? 166 PHE A CE2 1 
ATOM   912  C CZ  . PHE A 1 166 ? -2.46215  11.64208  -1.14599  1.000 23.80304 ? 166 PHE A CZ  1 
ATOM   913  N N   . GLU A 1 167 ? -4.66090  13.83089  -6.67361  1.000 33.94044 ? 167 GLU A N   1 
ATOM   914  C CA  . GLU A 1 167 ? -3.75108  14.77018  -7.30791  1.000 34.03713 ? 167 GLU A CA  1 
ATOM   915  C C   . GLU A 1 167 ? -3.31841  15.84165  -6.32173  1.000 36.67502 ? 167 GLU A C   1 
ATOM   916  O O   . GLU A 1 167 ? -4.05195  16.20353  -5.40014  1.000 33.39861 ? 167 GLU A O   1 
ATOM   917  C CB  . GLU A 1 167 ? -4.38098  15.43552  -8.53871  1.000 37.80112 ? 167 GLU A CB  1 
ATOM   918  C CG  . GLU A 1 167 ? -4.74492  14.45492  -9.63586  1.000 47.59016 ? 167 GLU A CG  1 
ATOM   919  C CD  . GLU A 1 167 ? -5.59290  15.07011  -10.74995 1.000 55.03739 ? 167 GLU A CD  1 
ATOM   920  O OE1 . GLU A 1 167 ? -5.82323  14.37593  -11.76510 1.000 58.17490 ? 167 GLU A OE1 1 
ATOM   921  O OE2 . GLU A 1 167 ? -6.02764  16.23312  -10.61146 1.000 52.02801 ? 167 GLU A OE2 1 
ATOM   922  N N   . LEU A 1 168 ? -2.10948  16.33033  -6.51982  1.000 35.97662 ? 168 LEU A N   1 
ATOM   923  C CA  . LEU A 1 168 ? -1.59113  17.40992  -5.69362  1.000 45.09155 ? 168 LEU A CA  1 
ATOM   924  C C   . LEU A 1 168 ? -1.87836  18.75127  -6.36824  1.000 50.03786 ? 168 LEU A C   1 
ATOM   925  O O   . LEU A 1 168 ? -1.74867  18.86650  -7.59029  1.000 49.23170 ? 168 LEU A O   1 
ATOM   926  C CB  . LEU A 1 168 ? -0.08397  17.24762  -5.49897  1.000 42.35513 ? 168 LEU A CB  1 
ATOM   927  C CG  . LEU A 1 168 ? 0.34931   15.96507  -4.78327  1.000 36.29538 ? 168 LEU A CG  1 
ATOM   928  C CD1 . LEU A 1 168 ? 1.83168   16.01419  -4.43322  1.000 38.00708 ? 168 LEU A CD1 1 
ATOM   929  C CD2 . LEU A 1 168 ? -0.50006  15.72344  -3.54262  1.000 36.49321 ? 168 LEU A CD2 1 
ATOM   930  N N   . PRO A 1 169 ? -2.26464  19.77925  -5.61403  1.000 54.07415 ? 169 PRO A N   1 
ATOM   931  C CA  . PRO A 1 169 ? -2.47741  21.09698  -6.22848  1.000 57.58975 ? 169 PRO A CA  1 
ATOM   932  C C   . PRO A 1 169 ? -1.20095  21.61171  -6.88627  1.000 62.58683 ? 169 PRO A C   1 
ATOM   933  O O   . PRO A 1 169 ? -0.09353  21.39527  -6.38689  1.000 58.94683 ? 169 PRO A O   1 
ATOM   934  C CB  . PRO A 1 169 ? -2.90428  21.97699  -5.04800  1.000 58.71462 ? 169 PRO A CB  1 
ATOM   935  C CG  . PRO A 1 169 ? -2.39172  21.27370  -3.83319  1.000 55.38124 ? 169 PRO A CG  1 
ATOM   936  C CD  . PRO A 1 169 ? -2.42744  19.80780  -4.15054  1.000 50.13272 ? 169 PRO A CD  1 
ATOM   937  N N   . HIS A 1 170 ? -1.37143  22.29830  -8.02656  1.000 64.56165 ? 170 HIS A N   1 
ATOM   938  C CA  . HIS A 1 170 ? -0.23648  22.70014  -8.85594  1.000 62.74499 ? 170 HIS A CA  1 
ATOM   939  C C   . HIS A 1 170 ? 0.74157   23.60595  -8.11611  1.000 65.35210 ? 170 HIS A C   1 
ATOM   940  O O   . HIS A 1 170 ? 1.91876   23.66461  -8.49159  1.000 64.76108 ? 170 HIS A O   1 
ATOM   941  C CB  . HIS A 1 170 ? -0.72786  23.38957  -10.13097 1.000 61.72943 ? 170 HIS A CB  1 
ATOM   942  N N   . GLU A 1 171 ? 0.29184   24.29738  -7.06499  1.000 63.70907 ? 171 GLU A N   1 
ATOM   943  C CA  . GLU A 1 171 ? 1.18291   25.16952  -6.30676  1.000 64.98435 ? 171 GLU A CA  1 
ATOM   944  C C   . GLU A 1 171 ? 2.25601   24.39769  -5.54479  1.000 66.03494 ? 171 GLU A C   1 
ATOM   945  O O   . GLU A 1 171 ? 3.26394   24.99446  -5.14697  1.000 65.48506 ? 171 GLU A O   1 
ATOM   946  C CB  . GLU A 1 171 ? 0.37387   26.02918  -5.33367  1.000 57.08105 ? 171 GLU A CB  1 
ATOM   947  N N   . TYR A 1 172 ? 2.07205   23.09321  -5.34080  1.000 63.04681 ? 172 TYR A N   1 
ATOM   948  C CA  . TYR A 1 172 ? 2.96270   22.32183  -4.48189  1.000 62.18189 ? 172 TYR A CA  1 
ATOM   949  C C   . TYR A 1 172 ? 4.27263   22.00520  -5.19350  1.000 60.40157 ? 172 TYR A C   1 
ATOM   950  O O   . TYR A 1 172 ? 4.27813   21.58219  -6.35558  1.000 60.80169 ? 172 TYR A O   1 
ATOM   951  C CB  . TYR A 1 172 ? 2.28427   21.02578  -4.03204  1.000 62.17064 ? 172 TYR A CB  1 
ATOM   952  N N   . ASN A 1 173 ? 5.38163   22.21658  -4.48891  1.000 52.38630 ? 173 ASN A N   1 
ATOM   953  C CA  . ASN A 1 173 ? 6.69502   21.77000  -4.92322  1.000 57.21914 ? 173 ASN A CA  1 
ATOM   954  C C   . ASN A 1 173 ? 7.17884   20.55081  -4.14312  1.000 58.04813 ? 173 ASN A C   1 
ATOM   955  O O   . ASN A 1 173 ? 8.26587   20.03417  -4.42813  1.000 52.94110 ? 173 ASN A O   1 
ATOM   956  C CB  . ASN A 1 173 ? 7.70699   22.91532  -4.79352  1.000 57.62375 ? 173 ASN A CB  1 
ATOM   957  N N   . SER A 1 174 ? 6.39702   20.08342  -3.17052  1.000 57.25227 ? 174 SER A N   1 
ATOM   958  C CA  . SER A 1 174 ? 6.74598   18.93949  -2.33443  1.000 53.98645 ? 174 SER A CA  1 
ATOM   959  C C   . SER A 1 174 ? 5.51766   18.57557  -1.50631  1.000 50.47890 ? 174 SER A C   1 
ATOM   960  O O   . SER A 1 174 ? 4.54600   19.33141  -1.43702  1.000 53.30972 ? 174 SER A O   1 
ATOM   961  C CB  . SER A 1 174 ? 7.95661   19.24082  -1.43656  1.000 48.48126 ? 174 SER A CB  1 
ATOM   962  O OG  . SER A 1 174 ? 7.63320   20.18963  -0.43750  1.000 52.01405 ? 174 SER A OG  1 
ATOM   963  N N   . ILE A 1 175 ? 5.57066   17.40749  -0.87436  1.000 47.39479 ? 175 ILE A N   1 
ATOM   964  C CA  . ILE A 1 175 ? 4.48131   16.95419  -0.01307  1.000 41.91782 ? 175 ILE A CA  1 
ATOM   965  C C   . ILE A 1 175 ? 5.04911   16.06554  1.08631   1.000 39.48332 ? 175 ILE A C   1 
ATOM   966  O O   . ILE A 1 175 ? 5.88911   15.19551  0.82994   1.000 34.45311 ? 175 ILE A O   1 
ATOM   967  C CB  . ILE A 1 175 ? 3.38334   16.21056  -0.80360  1.000 39.55918 ? 175 ILE A CB  1 
ATOM   968  C CG1 . ILE A 1 175 ? 2.27306   15.75350  0.14710   1.000 47.27996 ? 175 ILE A CG1 1 
ATOM   969  C CG2 . ILE A 1 175 ? 3.96941   15.06523  -1.62794  1.000 45.77767 ? 175 ILE A CG2 1 
ATOM   970  C CD1 . ILE A 1 175 ? 1.14906   14.97737  -0.51345  1.000 44.53099 ? 175 ILE A CD1 1 
ATOM   971  N N   . SER A 1 176 ? 4.59830   16.30396  2.31443   1.000 38.85090 ? 176 SER A N   1 
ATOM   972  C CA  . SER A 1 176 ? 4.89057   15.43737  3.45051   1.000 36.82891 ? 176 SER A CA  1 
ATOM   973  C C   . SER A 1 176 ? 3.65235   14.61173  3.77196   1.000 25.80454 ? 176 SER A C   1 
ATOM   974  O O   . SER A 1 176 ? 2.56218   15.16203  3.92306   1.000 31.21774 ? 176 SER A O   1 
ATOM   975  C CB  . SER A 1 176 ? 5.30934   16.24835  4.67546   1.000 36.14658 ? 176 SER A CB  1 
ATOM   976  O OG  . SER A 1 176 ? 6.11320   15.45115  5.53960   1.000 49.97469 ? 176 SER A OG  1 
ATOM   977  N N   . LEU A 1 177 ? 3.82837   13.29730  3.88959   1.000 27.41287 ? 177 LEU A N   1 
ATOM   978  C CA  . LEU A 1 177 ? 2.69700   12.38609  3.88143   1.000 28.81492 ? 177 LEU A CA  1 
ATOM   979  C C   . LEU A 1 177 ? 2.99878   11.17154  4.75064   1.000 23.00777 ? 177 LEU A C   1 
ATOM   980  O O   . LEU A 1 177 ? 4.10578   10.62507  4.70170   1.000 24.34033 ? 177 LEU A O   1 
ATOM   981  C CB  . LEU A 1 177 ? 2.39522   11.96301  2.43772   1.000 32.39545 ? 177 LEU A CB  1 
ATOM   982  C CG  . LEU A 1 177 ? 1.26635   11.01016  2.10168   1.000 35.24557 ? 177 LEU A CG  1 
ATOM   983  C CD1 . LEU A 1 177 ? 0.69411   11.41672  0.74036   1.000 41.25858 ? 177 LEU A CD1 1 
ATOM   984  C CD2 . LEU A 1 177 ? 1.76848   9.58878   2.05437   1.000 34.51977 ? 177 LEU A CD2 1 
ATOM   985  N N   . ALA A 1 178 ? 2.00265   10.74528  5.53245   1.000 22.55057 ? 178 ALA A N   1 
ATOM   986  C CA  . ALA A 1 178 ? 2.11374   9.52053   6.31597   1.000 22.37010 ? 178 ALA A CA  1 
ATOM   987  C C   . ALA A 1 178 ? 0.80616   8.74065   6.24619   1.000 19.54888 ? 178 ALA A C   1 
ATOM   988  O O   . ALA A 1 178 ? -0.27265  9.33249   6.32847   1.000 19.56904 ? 178 ALA A O   1 
ATOM   989  C CB  . ALA A 1 178 ? 2.46865   9.83302   7.78018   1.000 21.68325 ? 178 ALA A CB  1 
ATOM   990  N N   . VAL A 1 179 ? 0.89264   7.40603   6.12835   1.000 17.88903 ? 179 VAL A N   1 
ATOM   991  C CA  . VAL A 1 179 ? -0.31274  6.57397   6.10276   1.000 16.64468 ? 179 VAL A CA  1 
ATOM   992  C C   . VAL A 1 179 ? -0.05234  5.32012   6.92711   1.000 20.94030 ? 179 VAL A C   1 
ATOM   993  O O   . VAL A 1 179 ? 1.09153   4.85951   7.04911   1.000 21.22218 ? 179 VAL A O   1 
ATOM   994  C CB  . VAL A 1 179 ? -0.73051  6.25596   4.63689   1.000 21.28603 ? 179 VAL A CB  1 
ATOM   995  C CG1 . VAL A 1 179 ? 0.27154   5.28538   3.98989   1.000 25.20558 ? 179 VAL A CG1 1 
ATOM   996  C CG2 . VAL A 1 179 ? -2.19080  5.72755   4.53747   1.000 25.13306 ? 179 VAL A CG2 1 
ATOM   997  N N   . SER A 1 180 ? -1.11580  4.78844   7.53414   1.000 18.19327 ? 180 SER A N   1 
ATOM   998  C CA  . SER A 1 180 ? -1.02637  3.67975   8.47375   1.000 18.63646 ? 180 SER A CA  1 
ATOM   999  C C   . SER A 1 180 ? -2.26486  2.80086   8.35812   1.000 17.81447 ? 180 SER A C   1 
ATOM   1000 O O   . SER A 1 180 ? -3.37417  3.31020   8.18868   1.000 17.84953 ? 180 SER A O   1 
ATOM   1001 C CB  . SER A 1 180 ? -0.88859  4.20259   9.92388   1.000 17.82784 ? 180 SER A CB  1 
ATOM   1002 O OG  . SER A 1 180 ? -0.95351  3.13431   10.86189  1.000 21.76084 ? 180 SER A OG  1 
ATOM   1003 N N   . GLY A 1 181 ? -2.07831  1.49097   8.48505   1.000 17.60917 ? 181 GLY A N   1 
ATOM   1004 C CA  . GLY A 1 181 ? -3.20443  0.55985   8.44626   1.000 15.73932 ? 181 GLY A CA  1 
ATOM   1005 C C   . GLY A 1 181 ? -2.92100  -0.65039  9.30595   1.000 17.82711 ? 181 GLY A C   1 
ATOM   1006 O O   . GLY A 1 181 ? -1.76430  -1.02307  9.51158   1.000 20.08765 ? 181 GLY A O   1 
ATOM   1007 N N   . VAL A 1 182 ? -3.98867  -1.26552  9.81466   1.000 18.67686 ? 182 VAL A N   1 
ATOM   1008 C CA  . VAL A 1 182 ? -3.92003  -2.39637  10.73608  1.000 15.25220 ? 182 VAL A CA  1 
ATOM   1009 C C   . VAL A 1 182 ? -4.48453  -3.63620  10.04924  1.000 19.39258 ? 182 VAL A C   1 
ATOM   1010 O O   . VAL A 1 182 ? -5.49282  -3.54793  9.34371   1.000 18.09050 ? 182 VAL A O   1 
ATOM   1011 C CB  . VAL A 1 182 ? -4.71098  -2.07966  12.02551  1.000 17.41093 ? 182 VAL A CB  1 
ATOM   1012 C CG1 . VAL A 1 182 ? -4.68585  -3.27634  13.01457  1.000 20.38563 ? 182 VAL A CG1 1 
ATOM   1013 C CG2 . VAL A 1 182 ? -4.15651  -0.81710  12.69383  1.000 22.55713 ? 182 VAL A CG2 1 
ATOM   1014 N N   . HIS A 1 183 ? -3.84790  -4.79262  10.28105  1.000 20.84191 ? 183 HIS A N   1 
ATOM   1015 C CA  . HIS A 1 183 ? -4.31843  -6.07221  9.74534   1.000 17.56475 ? 183 HIS A CA  1 
ATOM   1016 C C   . HIS A 1 183 ? -5.76538  -6.32098  10.16034  1.000 22.87323 ? 183 HIS A C   1 
ATOM   1017 O O   . HIS A 1 183 ? -6.16346  -6.04207  11.29369  1.000 23.82680 ? 183 HIS A O   1 
ATOM   1018 C CB  . HIS A 1 183 ? -3.41316  -7.20751  10.24367  1.000 22.73643 ? 183 HIS A CB  1 
ATOM   1019 C CG  . HIS A 1 183 ? -3.60648  -8.51659  9.53699   1.000 24.27464 ? 183 HIS A CG  1 
ATOM   1020 N ND1 . HIS A 1 183 ? -4.76799  -9.25407  9.63055   1.000 23.01138 ? 183 HIS A ND1 1 
ATOM   1021 C CD2 . HIS A 1 183 ? -2.77954  -9.21699  8.71993   1.000 22.31189 ? 183 HIS A CD2 1 
ATOM   1022 C CE1 . HIS A 1 183 ? -4.65671  -10.34245 8.88878   1.000 27.47061 ? 183 HIS A CE1 1 
ATOM   1023 N NE2 . HIS A 1 183 ? -3.45247  -10.35438 8.34039   1.000 24.03793 ? 183 HIS A NE2 1 
ATOM   1024 N N   . LYS A 1 184 ? -6.55289  -6.87263  9.24275   1.000 22.43743 ? 184 LYS A N   1 
ATOM   1025 C CA  . LYS A 1 184 ? -7.98993  -7.00761  9.46679   1.000 22.68107 ? 184 LYS A CA  1 
ATOM   1026 C C   . LYS A 1 184 ? -8.37337  -8.15121  10.39133  1.000 29.92835 ? 184 LYS A C   1 
ATOM   1027 O O   . LYS A 1 184 ? -9.55931  -8.26789  10.72716  1.000 31.62202 ? 184 LYS A O   1 
ATOM   1028 C CB  . LYS A 1 184 ? -8.70440  -7.17893  8.11809   1.000 23.12436 ? 184 LYS A CB  1 
ATOM   1029 C CG  . LYS A 1 184 ? -8.40138  -8.48827  7.40177   1.000 26.07558 ? 184 LYS A CG  1 
ATOM   1030 C CD  . LYS A 1 184 ? -9.05979  -8.44989  6.01366   1.000 30.74224 ? 184 LYS A CD  1 
ATOM   1031 C CE  . LYS A 1 184 ? -9.39701  -9.81919  5.48395   1.000 41.37524 ? 184 LYS A CE  1 
ATOM   1032 N NZ  . LYS A 1 184 ? -8.81870  -9.97174  4.13342   1.000 44.37682 ? 184 LYS A NZ  1 
ATOM   1033 N N   . ASN A 1 185 ? -7.43109  -9.00121  10.79319  1.000 29.70001 ? 185 ASN A N   1 
ATOM   1034 C CA  . ASN A 1 185 ? -7.80021  -10.15911 11.59816  1.000 33.11760 ? 185 ASN A CA  1 
ATOM   1035 C C   . ASN A 1 185 ? -8.54796  -9.69939  12.84627  1.000 38.47768 ? 185 ASN A C   1 
ATOM   1036 O O   . ASN A 1 185 ? -8.16302  -8.69561  13.46523  1.000 33.45893 ? 185 ASN A O   1 
ATOM   1037 C CB  . ASN A 1 185 ? -6.56969  -10.98194 11.99598  1.000 31.24236 ? 185 ASN A CB  1 
ATOM   1038 C CG  . ASN A 1 185 ? -6.93810  -12.23175 12.79836  1.000 40.23101 ? 185 ASN A CG  1 
ATOM   1039 O OD1 . ASN A 1 185 ? -7.33263  -12.14283 13.96560  1.000 38.24079 ? 185 ASN A OD1 1 
ATOM   1040 N ND2 . ASN A 1 185 ? -6.81962  -13.39898 12.17151  1.000 34.64930 ? 185 ASN A ND2 1 
ATOM   1041 N N   . PRO A 1 186 ? -9.62397  -10.39688 13.22944  1.000 40.76486 ? 186 PRO A N   1 
ATOM   1042 C CA  . PRO A 1 186 ? -10.46048 -9.92805  14.34696  1.000 41.56013 ? 186 PRO A CA  1 
ATOM   1043 C C   . PRO A 1 186 ? -9.70874  -9.74332  15.65873  1.000 43.37500 ? 186 PRO A C   1 
ATOM   1044 O O   . PRO A 1 186 ? -10.19136 -9.01380  16.53299  1.000 42.67832 ? 186 PRO A O   1 
ATOM   1045 C CB  . PRO A 1 186 ? -11.51900 -11.03645 14.46869  1.000 47.07663 ? 186 PRO A CB  1 
ATOM   1046 C CG  . PRO A 1 186 ? -11.63340 -11.59360 13.07750  1.000 45.21716 ? 186 PRO A CG  1 
ATOM   1047 C CD  . PRO A 1 186 ? -10.22399 -11.55480 12.53543  1.000 42.92900 ? 186 PRO A CD  1 
ATOM   1048 N N   . SER A 1 187 ? -8.56097  -10.38798 15.83963  1.000 37.21687 ? 187 SER A N   1 
ATOM   1049 C CA  . SER A 1 187 ? -7.83296  -10.29341 17.09550  1.000 46.25470 ? 187 SER A CA  1 
ATOM   1050 C C   . SER A 1 187 ? -6.85897  -9.12265  17.12575  1.000 42.61975 ? 187 SER A C   1 
ATOM   1051 O O   . SER A 1 187 ? -6.10230  -8.98583  18.09560  1.000 44.67815 ? 187 SER A O   1 
ATOM   1052 C CB  . SER A 1 187 ? -7.09205  -11.60388 17.36384  1.000 47.05432 ? 187 SER A CB  1 
ATOM   1053 O OG  . SER A 1 187 ? -7.95785  -12.53060 17.99997  1.000 51.31011 ? 187 SER A OG  1 
ATOM   1054 N N   . SER A 1 188 ? -6.87494  -8.27188  16.09511  1.000 34.50570 ? 188 SER A N   1 
ATOM   1055 C CA  . SER A 1 188 ? -5.91030  -7.17836  16.00553  1.000 37.92324 ? 188 SER A CA  1 
ATOM   1056 C C   . SER A 1 188 ? -6.05262  -6.20524  17.16824  1.000 42.41030 ? 188 SER A C   1 
ATOM   1057 O O   . SER A 1 188 ? -5.05561  -5.67466  17.67004  1.000 40.16837 ? 188 SER A O   1 
ATOM   1058 C CB  . SER A 1 188 ? -6.07022  -6.45283  14.67184  1.000 36.49298 ? 188 SER A CB  1 
ATOM   1059 O OG  . SER A 1 188 ? -5.47920  -7.21348  13.62465  1.000 33.67079 ? 188 SER A OG  1 
ATOM   1060 N N   . TYR A 1 189 ? -7.28167  -5.96062  17.61866  1.000 39.90015 ? 189 TYR A N   1 
ATOM   1061 C CA  . TYR A 1 189 ? -7.51661  -5.02264  18.70691  1.000 45.62560 ? 189 TYR A CA  1 
ATOM   1062 C C   . TYR A 1 189 ? -7.65692  -5.72442  20.05643  1.000 47.33352 ? 189 TYR A C   1 
ATOM   1063 O O   . TYR A 1 189 ? -8.27203  -5.17568  20.97637  1.000 54.37673 ? 189 TYR A O   1 
ATOM   1064 C CB  . TYR A 1 189 ? -8.72994  -4.14740  18.38394  1.000 41.39037 ? 189 TYR A CB  1 
ATOM   1065 C CG  . TYR A 1 189 ? -8.37525  -3.05547  17.38204  1.000 41.95685 ? 189 TYR A CG  1 
ATOM   1066 C CD1 . TYR A 1 189 ? -8.42633  -3.28802  15.99894  1.000 41.42375 ? 189 TYR A CD1 1 
ATOM   1067 C CD2 . TYR A 1 189 ? -7.93739  -1.80813  17.82012  1.000 40.15163 ? 189 TYR A CD2 1 
ATOM   1068 C CE1 . TYR A 1 189 ? -8.07346  -2.28297  15.08482  1.000 35.76592 ? 189 TYR A CE1 1 
ATOM   1069 C CE2 . TYR A 1 189 ? -7.57890  -0.80714  16.92236  1.000 36.31276 ? 189 TYR A CE2 1 
ATOM   1070 C CZ  . TYR A 1 189 ? -7.65128  -1.04598  15.56502  1.000 37.13420 ? 189 TYR A CZ  1 
ATOM   1071 O OH  . TYR A 1 189 ? -7.30349  -0.03479  14.69727  1.000 36.42849 ? 189 TYR A OH  1 
ATOM   1072 N N   . ASN A 1 190 ? -7.05216  -6.91281  20.19730  1.000 44.64511 ? 190 ASN A N   1 
ATOM   1073 C CA  . ASN A 1 190 ? -7.08311  -7.70192  21.42743  1.000 53.64728 ? 190 ASN A CA  1 
ATOM   1074 C C   . ASN A 1 190 ? -5.67781  -8.00306  21.94284  1.000 56.03921 ? 190 ASN A C   1 
ATOM   1075 O O   . ASN A 1 190 ? -5.34158  -9.16733  22.18999  1.000 54.26871 ? 190 ASN A O   1 
ATOM   1076 C CB  . ASN A 1 190 ? -7.82503  -9.01729  21.19349  1.000 50.36256 ? 190 ASN A CB  1 
ATOM   1077 C CG  . ASN A 1 190 ? -9.24155  -8.98066  21.70264  1.000 57.69478 ? 190 ASN A CG  1 
ATOM   1078 O OD1 . ASN A 1 190 ? -9.53982  -9.46941  22.79789  1.000 58.25599 ? 190 ASN A OD1 1 
ATOM   1079 N ND2 . ASN A 1 190 ? -10.13294 -8.39964  20.90875  1.000 55.13701 ? 190 ASN A ND2 1 
ATOM   1080 N N   . VAL A 1 191 ? -4.85505  -6.96985  22.11254  1.000 53.39390 ? 191 VAL A N   1 
ATOM   1081 C CA  . VAL A 1 191 ? -3.46511  -7.14936  22.52052  1.000 56.41894 ? 191 VAL A CA  1 
ATOM   1082 C C   . VAL A 1 191 ? -3.35788  -7.15226  24.04611  1.000 56.82809 ? 191 VAL A C   1 
ATOM   1083 O O   . VAL A 1 191 ? -2.70994  -8.01953  24.63608  1.000 56.42625 ? 191 VAL A O   1 
ATOM   1084 C CB  . VAL A 1 191 ? -2.56322  -6.05221  21.91376  1.000 51.18724 ? 191 VAL A CB  1 
ATOM   1085 C CG1 . VAL A 1 191 ? -1.15743  -6.13798  22.48682  1.000 48.78836 ? 191 VAL A CG1 1 
ATOM   1086 C CG2 . VAL A 1 191 ? -2.55083  -6.12894  20.38833  1.000 48.85201 ? 191 VAL A CG2 1 
ATOM   1087 N N   . HIS A 1 195 ? -1.93460  -12.71197 21.37354  1.000 59.87515 ? 195 HIS A N   1 
ATOM   1088 C CA  . HIS A 1 195 ? -0.58020  -12.17838 21.24457  1.000 47.56946 ? 195 HIS A CA  1 
ATOM   1089 C C   . HIS A 1 195 ? -0.25376  -11.02206 22.22689  1.000 47.18370 ? 195 HIS A C   1 
ATOM   1090 O O   . HIS A 1 195 ? -1.14401  -10.33608 22.73027  1.000 46.98334 ? 195 HIS A O   1 
ATOM   1091 C CB  . HIS A 1 195 ? -0.33395  -11.79125 19.77053  1.000 47.33294 ? 195 HIS A CB  1 
ATOM   1092 C CG  . HIS A 1 195 ? -1.08301  -10.57608 19.30613  1.000 52.21911 ? 195 HIS A CG  1 
ATOM   1093 N ND1 . HIS A 1 195 ? -2.46057  -10.52860 19.24583  1.000 52.80033 ? 195 HIS A ND1 1 
ATOM   1094 C CD2 . HIS A 1 195 ? -0.64793  -9.38031  18.84049  1.000 48.90836 ? 195 HIS A CD2 1 
ATOM   1095 C CE1 . HIS A 1 195 ? -2.84031  -9.34979  18.78404  1.000 47.71624 ? 195 HIS A CE1 1 
ATOM   1096 N NE2 . HIS A 1 195 ? -1.75998  -8.63389  18.53165  1.000 48.81836 ? 195 HIS A NE2 1 
ATOM   1097 N N   . ASN A 1 196 ? 1.04471   -10.85602 22.49758  1.000 41.62913 ? 196 ASN A N   1 
ATOM   1098 C CA  . ASN A 1 196 ? 1.60141   -9.98645  23.52869  1.000 37.06689 ? 196 ASN A CA  1 
ATOM   1099 C C   . ASN A 1 196 ? 2.05829   -8.68108  22.87709  1.000 33.55387 ? 196 ASN A C   1 
ATOM   1100 O O   . ASN A 1 196 ? 2.40232   -8.65141  21.69309  1.000 28.84328 ? 196 ASN A O   1 
ATOM   1101 C CB  . ASN A 1 196 ? 2.77011   -10.70605 24.22584  1.000 32.57004 ? 196 ASN A CB  1 
ATOM   1102 C CG  . ASN A 1 196 ? 3.31365   -9.96675  25.45970  1.000 43.97888 ? 196 ASN A CG  1 
ATOM   1103 O OD1 . ASN A 1 196 ? 3.86729   -8.87039  25.36599  1.000 40.53493 ? 196 ASN A OD1 1 
ATOM   1104 N ND2 . ASN A 1 196 ? 3.17529   -10.59375 26.62597  1.000 44.12759 ? 196 ASN A ND2 1 
ATOM   1105 N N   . VAL A 1 197 ? 2.04029   -7.59135  23.64734  1.000 24.78592 ? 197 VAL A N   1 
ATOM   1106 C CA  . VAL A 1 197 ? 2.38288   -6.30058  23.05343  1.000 22.78479 ? 197 VAL A CA  1 
ATOM   1107 C C   . VAL A 1 197 ? 3.84399   -6.28217  22.59876  1.000 19.93660 ? 197 VAL A C   1 
ATOM   1108 O O   . VAL A 1 197 ? 4.20527   -5.55039  21.67134  1.000 20.65607 ? 197 VAL A O   1 
ATOM   1109 C CB  . VAL A 1 197 ? 2.09054   -5.16449  24.05401  1.000 28.76775 ? 197 VAL A CB  1 
ATOM   1110 C CG1 . VAL A 1 197 ? 2.95342   -5.28976  25.29270  1.000 32.36538 ? 197 VAL A CG1 1 
ATOM   1111 C CG2 . VAL A 1 197 ? 2.29042   -3.80466  23.40562  1.000 28.65944 ? 197 VAL A CG2 1 
ATOM   1112 N N   . MET A 1 198 ? 4.71253   -7.05354  23.25641  1.000 23.80850 ? 198 MET A N   1 
ATOM   1113 C CA  . MET A 1 198 ? 6.12300   -7.04741  22.87218  1.000 19.68062 ? 198 MET A CA  1 
ATOM   1114 C C   . MET A 1 198 ? 6.29176   -7.63748  21.47657  1.000 22.26877 ? 198 MET A C   1 
ATOM   1115 O O   . MET A 1 198 ? 7.23293   -7.28627  20.75719  1.000 19.19312 ? 198 MET A O   1 
ATOM   1116 C CB  . MET A 1 198 ? 6.92846   -7.82615  23.90140  1.000 24.68841 ? 198 MET A CB  1 
ATOM   1117 C CG  . MET A 1 198 ? 8.45632   -7.73558  23.76284  1.000 30.84313 ? 198 MET A CG  1 
ATOM   1118 S SD  . MET A 1 198 ? 9.07818   -6.02451  23.64762  1.000 33.65473 ? 198 MET A SD  1 
ATOM   1119 C CE  . MET A 1 198 ? 8.39563   -5.31004  25.17015  1.000 22.60112 ? 198 MET A CE  1 
ATOM   1120 N N   . ASP A 1 199 ? 5.38636   -8.53941  21.08321  1.000 20.59640 ? 199 ASP A N   1 
ATOM   1121 C CA  . ASP A 1 199 ? 5.39107   -9.06702  19.71791  1.000 21.59912 ? 199 ASP A CA  1 
ATOM   1122 C C   . ASP A 1 199 ? 5.15280   -7.96232  18.69911  1.000 19.42267 ? 199 ASP A C   1 
ATOM   1123 O O   . ASP A 1 199 ? 5.78940   -7.93757  17.64050  1.000 18.71053 ? 199 ASP A O   1 
ATOM   1124 C CB  . ASP A 1 199 ? 4.30609   -10.12192 19.54538  1.000 23.92033 ? 199 ASP A CB  1 
ATOM   1125 C CG  . ASP A 1 199 ? 4.55005   -11.35655 20.36112  1.000 30.92714 ? 199 ASP A CG  1 
ATOM   1126 O OD1 . ASP A 1 199 ? 5.69033   -11.54245 20.84065  1.000 32.48669 ? 199 ASP A OD1 1 
ATOM   1127 O OD2 . ASP A 1 199 ? 3.59422   -12.16460 20.48292  1.000 28.58703 ? 199 ASP A OD2 1 
ATOM   1128 N N   . VAL A 1 200 ? 4.21848   -7.05633  18.99227  1.000 19.85794 ? 200 VAL A N   1 
ATOM   1129 C CA  . VAL A 1 200 ? 3.97070   -5.94418  18.08317  1.000 19.53732 ? 200 VAL A CA  1 
ATOM   1130 C C   . VAL A 1 200 ? 5.15058   -4.97723  18.09336  1.000 19.46666 ? 200 VAL A C   1 
ATOM   1131 O O   . VAL A 1 200 ? 5.55696   -4.47830  17.03863  1.000 21.38598 ? 200 VAL A O   1 
ATOM   1132 C CB  . VAL A 1 200 ? 2.63421   -5.24411  18.41096  1.000 15.91649 ? 200 VAL A CB  1 
ATOM   1133 C CG1 . VAL A 1 200 ? 2.30640   -4.22275  17.33837  1.000 20.13522 ? 200 VAL A CG1 1 
ATOM   1134 C CG2 . VAL A 1 200 ? 1.50617   -6.25859  18.51878  1.000 22.42605 ? 200 VAL A CG2 1 
ATOM   1135 N N   . PHE A 1 201 ? 5.74123   -4.70904  19.27228  1.000 20.60207 ? 201 PHE A N   1 
ATOM   1136 C CA  . PHE A 1 201 ? 6.95986   -3.89545  19.29783  1.000 18.55891 ? 201 PHE A CA  1 
ATOM   1137 C C   . PHE A 1 201 ? 8.05969   -4.48664  18.42452  1.000 19.94943 ? 201 PHE A C   1 
ATOM   1138 O O   . PHE A 1 201 ? 8.73295   -3.74966  17.68817  1.000 21.65290 ? 201 PHE A O   1 
ATOM   1139 C CB  . PHE A 1 201 ? 7.48233   -3.70739  20.72401  1.000 19.47678 ? 201 PHE A CB  1 
ATOM   1140 C CG  . PHE A 1 201 ? 6.79869   -2.60147  21.46892  1.000 18.86555 ? 201 PHE A CG  1 
ATOM   1141 C CD1 . PHE A 1 201 ? 6.95658   -1.28254  21.06725  1.000 19.01250 ? 201 PHE A CD1 1 
ATOM   1142 C CD2 . PHE A 1 201 ? 6.01300   -2.87412  22.57107  1.000 21.01914 ? 201 PHE A CD2 1 
ATOM   1143 C CE1 . PHE A 1 201 ? 6.32269   -0.26224  21.74354  1.000 22.48949 ? 201 PHE A CE1 1 
ATOM   1144 C CE2 . PHE A 1 201 ? 5.38184   -1.84269  23.26361  1.000 22.60543 ? 201 PHE A CE2 1 
ATOM   1145 C CZ  . PHE A 1 201 ? 5.54564   -0.54354  22.84524  1.000 20.06527 ? 201 PHE A CZ  1 
ATOM   1146 N N   . GLN A 1 202 ? 8.25714   -5.81274  18.46968  1.000 20.23315 ? 202 GLN A N   1 
ATOM   1147 C CA  . GLN A 1 202 ? 9.26493   -6.40822  17.59551  1.000 18.49416 ? 202 GLN A CA  1 
ATOM   1148 C C   . GLN A 1 202 ? 8.89700   -6.23493  16.12926  1.000 22.68769 ? 202 GLN A C   1 
ATOM   1149 O O   . GLN A 1 202 ? 9.77506   -6.00991  15.28396  1.000 19.27658 ? 202 GLN A O   1 
ATOM   1150 C CB  . GLN A 1 202 ? 9.46883   -7.89047  17.92596  1.000 20.15769 ? 202 GLN A CB  1 
ATOM   1151 C CG  . GLN A 1 202 ? 10.19181  -8.11994  19.26275  1.000 19.56925 ? 202 GLN A CG  1 
ATOM   1152 C CD  . GLN A 1 202 ? 10.86140  -9.49232  19.34682  1.000 20.31745 ? 202 GLN A CD  1 
ATOM   1153 O OE1 . GLN A 1 202 ? 12.04133  -9.64451  19.02545  1.000 25.43734 ? 202 GLN A OE1 1 
ATOM   1154 N NE2 . GLN A 1 202 ? 10.10680  -10.48527 19.76226  1.000 14.93071 ? 202 GLN A NE2 1 
ATOM   1155 N N   . SER A 1 203 ? 7.59971   -6.33608  15.80075  1.000 24.12274 ? 203 SER A N   1 
ATOM   1156 C CA  . SER A 1 203 ? 7.18156   -6.16737  14.40841  1.000 22.94466 ? 203 SER A CA  1 
ATOM   1157 C C   . SER A 1 203 ? 7.60304   -4.82067  13.85162  1.000 23.06527 ? 203 SER A C   1 
ATOM   1158 O O   . SER A 1 203 ? 7.89157   -4.71242  12.65504  1.000 24.78309 ? 203 SER A O   1 
ATOM   1159 C CB  . SER A 1 203 ? 5.66144   -6.33781  14.27599  1.000 21.86893 ? 203 SER A CB  1 
ATOM   1160 O OG  . SER A 1 203 ? 4.98974   -5.15449  14.69002  1.000 24.91658 ? 203 SER A OG  1 
ATOM   1161 N N   . CYS A 1 204 ? 7.63945   -3.77976  14.69001  1.000 22.49991 ? 204 CYS A N   1 
ATOM   1162 C CA  . CYS A 1 204 ? 8.08359   -2.46959  14.22443  1.000 26.10497 ? 204 CYS A CA  1 
ATOM   1163 C C   . CYS A 1 204 ? 9.53802   -2.50367  13.78573  1.000 25.55763 ? 204 CYS A C   1 
ATOM   1164 O O   . CYS A 1 204 ? 9.91978   -1.83338  12.82283  1.000 25.26386 ? 204 CYS A O   1 
ATOM   1165 C CB  . CYS A 1 204 ? 7.92807   -1.41977  15.32414  1.000 27.05163 ? 204 CYS A CB  1 
ATOM   1166 S SG  . CYS A 1 204 ? 6.23685   -1.12822  15.81450  1.000 31.86615 ? 204 CYS A SG  1 
ATOM   1167 N N   . ASP A 1 205 ? 10.37736  -3.22336  14.52147  1.000 22.95865 ? 205 ASP A N   1 
ATOM   1168 C CA  . ASP A 1 205 ? 11.77838  -3.32395  14.13589  1.000 24.27949 ? 205 ASP A CA  1 
ATOM   1169 C C   . ASP A 1 205 ? 11.96437  -4.19059  12.90831  1.000 20.91747 ? 205 ASP A C   1 
ATOM   1170 O O   . ASP A 1 205 ? 12.93580  -4.00196  12.17134  1.000 22.21190 ? 205 ASP A O   1 
ATOM   1171 C CB  . ASP A 1 205 ? 12.59381  -3.88879  15.29056  1.000 21.88448 ? 205 ASP A CB  1 
ATOM   1172 C CG  . ASP A 1 205 ? 12.84868  -2.85774  16.37260  1.000 28.28832 ? 205 ASP A CG  1 
ATOM   1173 O OD1 . ASP A 1 205 ? 13.08728  -1.66656  16.04852  1.000 42.45316 ? 205 ASP A OD1 1 
ATOM   1174 O OD2 . ASP A 1 205 ? 12.77190  -3.22474  17.53853  1.000 33.14520 ? 205 ASP A OD2 1 
ATOM   1175 N N   . LEU A 1 206 ? 11.09449  -5.18100  12.70879  1.000 18.90011 ? 206 LEU A N   1 
ATOM   1176 C CA  . LEU A 1 206 ? 11.30967  -6.16384  11.65258  1.000 19.73689 ? 206 LEU A CA  1 
ATOM   1177 C C   . LEU A 1 206 ? 10.73384  -5.74011  10.30562  1.000 23.23154 ? 206 LEU A C   1 
ATOM   1178 O O   . LEU A 1 206 ? 11.00326  -6.41638  9.30587   1.000 22.61681 ? 206 LEU A O   1 
ATOM   1179 C CB  . LEU A 1 206 ? 10.72171  -7.52926  12.04818  1.000 17.00054 ? 206 LEU A CB  1 
ATOM   1180 C CG  . LEU A 1 206 ? 11.38275  -8.24054  13.24659  1.000 24.40230 ? 206 LEU A CG  1 
ATOM   1181 C CD1 . LEU A 1 206 ? 10.44744  -9.33284  13.84391  1.000 20.52381 ? 206 LEU A CD1 1 
ATOM   1182 C CD2 . LEU A 1 206 ? 12.75424  -8.80608  12.85160  1.000 20.93796 ? 206 LEU A CD2 1 
ATOM   1183 N N   . ALA A 1 207 ? 9.97511   -4.64451  10.25761  1.000 19.03911 ? 207 ALA A N   1 
ATOM   1184 C CA  . ALA A 1 207 ? 9.44991   -4.12417  9.00023   1.000 22.65824 ? 207 ALA A CA  1 
ATOM   1185 C C   . ALA A 1 207 ? 10.57702  -3.78247  8.03697   1.000 22.58201 ? 207 ALA A C   1 
ATOM   1186 O O   . ALA A 1 207 ? 11.55329  -3.12148  8.41406   1.000 25.82179 ? 207 ALA A O   1 
ATOM   1187 C CB  . ALA A 1 207 ? 8.60173   -2.87549  9.26439   1.000 22.22879 ? 207 ALA A CB  1 
ATOM   1188 N N   . LEU A 1 208 ? 10.42605  -4.23007  6.78536   1.000 18.12282 ? 208 LEU A N   1 
ATOM   1189 C CA  . LEU A 1 208 ? 11.38332  -4.01270  5.70700   1.000 22.17701 ? 208 LEU A CA  1 
ATOM   1190 C C   . LEU A 1 208 ? 10.84723  -2.94979  4.75698   1.000 22.83946 ? 208 LEU A C   1 
ATOM   1191 O O   . LEU A 1 208 ? 9.68595   -3.02320  4.34027   1.000 21.39765 ? 208 LEU A O   1 
ATOM   1192 C CB  . LEU A 1 208 ? 11.60274  -5.31004  4.93167   1.000 23.12572 ? 208 LEU A CB  1 
ATOM   1193 C CG  . LEU A 1 208 ? 12.35249  -6.41801  5.68630   1.000 28.02542 ? 208 LEU A CG  1 
ATOM   1194 C CD1 . LEU A 1 208 ? 12.48064  -7.67482  4.80199   1.000 28.57175 ? 208 LEU A CD1 1 
ATOM   1195 C CD2 . LEU A 1 208 ? 13.69587  -5.93327  6.14454   1.000 29.40527 ? 208 LEU A CD2 1 
ATOM   1196 N N   . ARG A 1 209 ? 11.69033  -1.98142  4.40330   1.000 21.47519 ? 209 ARG A N   1 
ATOM   1197 C CA  . ARG A 1 209 ? 11.32127  -0.87085  3.52975   1.000 21.14215 ? 209 ARG A CA  1 
ATOM   1198 C C   . ARG A 1 209 ? 12.10004  -0.95598  2.22428   1.000 32.62596 ? 209 ARG A C   1 
ATOM   1199 O O   . ARG A 1 209 ? 13.29571  -1.28122  2.21913   1.000 27.12341 ? 209 ARG A O   1 
ATOM   1200 C CB  . ARG A 1 209 ? 11.59691  0.48013   4.20682   1.000 28.32669 ? 209 ARG A CB  1 
ATOM   1201 C CG  . ARG A 1 209 ? 11.24575  1.73298   3.37422   1.000 27.21420 ? 209 ARG A CG  1 
ATOM   1202 C CD  . ARG A 1 209 ? 11.73119  2.99459   4.10366   1.000 31.06632 ? 209 ARG A CD  1 
ATOM   1203 N NE  . ARG A 1 209 ? 11.58729  4.24596   3.36570   1.000 36.29701 ? 209 ARG A NE  1 
ATOM   1204 C CZ  . ARG A 1 209 ? 12.49211  4.77301   2.54691   1.000 41.10684 ? 209 ARG A CZ  1 
ATOM   1205 N NH1 . ARG A 1 209 ? 13.58524  4.11029   2.18931   1.000 36.45794 ? 209 ARG A NH1 1 
ATOM   1206 N NH2 . ARG A 1 209 ? 12.29231  5.99799   2.06616   1.000 41.20937 ? 209 ARG A NH2 1 
ATOM   1207 N N   . PHE A 1 210 ? 11.43019  -0.64359  1.11910   1.000 23.68058 ? 210 PHE A N   1 
ATOM   1208 C CA  . PHE A 1 210 ? 12.07825  -0.63281  -0.19213  1.000 31.25710 ? 210 PHE A CA  1 
ATOM   1209 C C   . PHE A 1 210 ? 11.69964  0.64577   -0.91903  1.000 27.27905 ? 210 PHE A C   1 
ATOM   1210 O O   . PHE A 1 210 ? 10.55337  1.08771   -0.84284  1.000 23.55477 ? 210 PHE A O   1 
ATOM   1211 C CB  . PHE A 1 210 ? 11.69864  -1.86224  -1.03250  1.000 26.05829 ? 210 PHE A CB  1 
ATOM   1212 C CG  . PHE A 1 210 ? 11.94941  -3.18022  -0.32193  1.000 31.44653 ? 210 PHE A CG  1 
ATOM   1213 C CD1 . PHE A 1 210 ? 13.23577  -3.70093  -0.23627  1.000 36.54228 ? 210 PHE A CD1 1 
ATOM   1214 C CD2 . PHE A 1 210 ? 10.90658  -3.90798  0.23745   1.000 28.88058 ? 210 PHE A CD2 1 
ATOM   1215 C CE1 . PHE A 1 210 ? 13.47749  -4.90767  0.40240   1.000 38.97050 ? 210 PHE A CE1 1 
ATOM   1216 C CE2 . PHE A 1 210 ? 11.15003  -5.13966  0.89081   1.000 31.47943 ? 210 PHE A CE2 1 
ATOM   1217 C CZ  . PHE A 1 210 ? 12.43552  -5.62637  0.96626   1.000 33.30799 ? 210 PHE A CZ  1 
ATOM   1218 N N   . CYS A 1 211 ? 12.67436  1.27501   -1.56922  1.000 23.38126 ? 211 CYS A N   1 
ATOM   1219 C CA  . CYS A 1 211 ? 12.43257  2.51503   -2.30580  1.000 21.58607 ? 211 CYS A CA  1 
ATOM   1220 C C   . CYS A 1 211 ? 13.10777  2.40222   -3.66446  1.000 31.42957 ? 211 CYS A C   1 
ATOM   1221 O O   . CYS A 1 211 ? 14.28401  2.03488   -3.73736  1.000 31.59768 ? 211 CYS A O   1 
ATOM   1222 C CB  . CYS A 1 211 ? 12.95959  3.73350   -1.53778  1.000 27.62931 ? 211 CYS A CB  1 
ATOM   1223 S SG  . CYS A 1 211 ? 12.83038  5.32821   -2.42807  1.000 41.89600 ? 211 CYS A SG  1 
ATOM   1224 N N   . ASN A 1 212 ? 12.35893  2.67169   -4.73784  1.000 31.00074 ? 212 ASN A N   1 
ATOM   1225 C CA  . ASN A 1 212 ? 12.90965  2.64373   -6.09155  1.000 34.31813 ? 212 ASN A CA  1 
ATOM   1226 C C   . ASN A 1 212 ? 12.28843  3.77864   -6.89780  1.000 32.20597 ? 212 ASN A C   1 
ATOM   1227 O O   . ASN A 1 212 ? 11.16892  4.20910   -6.61325  1.000 28.44275 ? 212 ASN A O   1 
ATOM   1228 C CB  . ASN A 1 212 ? 12.66243  1.29929   -6.83988  1.000 33.31748 ? 212 ASN A CB  1 
ATOM   1229 C CG  . ASN A 1 212 ? 12.89986  0.03881   -5.97279  1.000 48.39394 ? 212 ASN A CG  1 
ATOM   1230 O OD1 . ASN A 1 212 ? 11.97680  -0.49474  -5.33910  1.000 39.72677 ? 212 ASN A OD1 1 
ATOM   1231 N ND2 . ASN A 1 212 ? 14.14382  -0.43894  -5.95620  1.000 44.76378 ? 212 ASN A ND2 1 
ATOM   1232 N N   . ARG A 1 213 ? 13.01741  4.26905   -7.90726  1.000 35.76370 ? 213 ARG A N   1 
ATOM   1233 C CA  . ARG A 1 213 ? 12.46663  5.23701   -8.85609  1.000 38.27275 ? 213 ARG A CA  1 
ATOM   1234 C C   . ARG A 1 213 ? 12.61842  4.70453   -10.27633 1.000 38.82804 ? 213 ARG A C   1 
ATOM   1235 O O   . ARG A 1 213 ? 13.64780  4.11471   -10.62334 1.000 37.80196 ? 213 ARG A O   1 
ATOM   1236 C CB  . ARG A 1 213 ? 13.10528  6.64637   -8.76128  1.000 36.96398 ? 213 ARG A CB  1 
ATOM   1237 C CG  . ARG A 1 213 ? 12.47710  7.59893   -9.81818  1.000 41.64455 ? 213 ARG A CG  1 
ATOM   1238 C CD  . ARG A 1 213 ? 12.44626  9.11072   -9.52577  1.000 46.59007 ? 213 ARG A CD  1 
ATOM   1239 N NE  . ARG A 1 213 ? 13.73101  9.78918   -9.43672  1.000 50.36711 ? 213 ARG A NE  1 
ATOM   1240 C CZ  . ARG A 1 213 ? 14.02677  10.91331  -10.07981 1.000 53.92230 ? 213 ARG A CZ  1 
ATOM   1241 N NH1 . ARG A 1 213 ? 13.17315  11.47806  -10.92014 1.000 54.25787 ? 213 ARG A NH1 1 
ATOM   1242 N NH2 . ARG A 1 213 ? 15.20165  11.49486  -9.86226  1.000 50.58067 ? 213 ARG A NH2 1 
ATOM   1243 N N   . TYR A 1 214 ? 11.58006  4.90387   -11.08503 1.000 33.67006 ? 214 TYR A N   1 
ATOM   1244 C CA  . TYR A 1 214 ? 11.52427  4.39099   -12.44581 1.000 36.65313 ? 214 TYR A CA  1 
ATOM   1245 C C   . TYR A 1 214 ? 11.30614  5.54741   -13.41516 1.000 32.68632 ? 214 TYR A C   1 
ATOM   1246 O O   . TYR A 1 214 ? 10.70640  6.56836   -13.06363 1.000 35.19399 ? 214 TYR A O   1 
ATOM   1247 C CB  . TYR A 1 214 ? 10.41127  3.35811   -12.58204 1.000 34.04268 ? 214 TYR A CB  1 
ATOM   1248 C CG  . TYR A 1 214 ? 10.72436  2.11256   -11.81541 1.000 37.89926 ? 214 TYR A CG  1 
ATOM   1249 C CD1 . TYR A 1 214 ? 11.41521  1.05980   -12.39176 1.000 37.62901 ? 214 TYR A CD1 1 
ATOM   1250 C CD2 . TYR A 1 214 ? 10.36914  2.00925   -10.47904 1.000 38.25694 ? 214 TYR A CD2 1 
ATOM   1251 C CE1 . TYR A 1 214 ? 11.71430  -0.08183  -11.65436 1.000 43.23896 ? 214 TYR A CE1 1 
ATOM   1252 C CE2 . TYR A 1 214 ? 10.66126  0.87629   -9.73735  1.000 38.85741 ? 214 TYR A CE2 1 
ATOM   1253 C CZ  . TYR A 1 214 ? 11.33295  -0.16057  -10.32466 1.000 39.66623 ? 214 TYR A CZ  1 
ATOM   1254 O OH  . TYR A 1 214 ? 11.62157  -1.27892  -9.56805  1.000 42.18619 ? 214 TYR A OH  1 
ATOM   1255 N N   . TRP A 1 215 ? 11.82190  5.37935   -14.63785 1.000 37.87638 ? 215 TRP A N   1 
ATOM   1256 C CA  . TRP A 1 215 ? 11.83055  6.45937   -15.61964 1.000 39.75335 ? 215 TRP A CA  1 
ATOM   1257 C C   . TRP A 1 215 ? 10.43065  6.76703   -16.13516 1.000 39.31987 ? 215 TRP A C   1 
ATOM   1258 O O   . TRP A 1 215 ? 10.12544  7.92750   -16.44794 1.000 36.86202 ? 215 TRP A O   1 
ATOM   1259 C CB  . TRP A 1 215 ? 12.76359  6.09456   -16.78276 1.000 42.56858 ? 215 TRP A CB  1 
ATOM   1260 N N   . ALA A 1 216 ? 9.56978   5.75438   -16.22389 1.000 38.79274 ? 216 ALA A N   1 
ATOM   1261 C CA  . ALA A 1 216 ? 8.21071   5.94685   -16.70940 1.000 37.38402 ? 216 ALA A CA  1 
ATOM   1262 C C   . ALA A 1 216 ? 7.32337   4.87183   -16.10132 1.000 34.51045 ? 216 ALA A C   1 
ATOM   1263 O O   . ALA A 1 216 ? 7.80795   3.83968   -15.64472 1.000 34.54204 ? 216 ALA A O   1 
ATOM   1264 C CB  . ALA A 1 216 ? 8.15947   5.90745   -18.23820 1.000 31.09777 ? 216 ALA A CB  1 
ATOM   1265 N N   . GLU A 1 217 ? 6.01336   5.12755   -16.07809 1.000 30.50897 ? 217 GLU A N   1 
ATOM   1266 C CA  . GLU A 1 217 ? 5.10298   4.13636   -15.50711 1.000 38.08801 ? 217 GLU A CA  1 
ATOM   1267 C C   . GLU A 1 217 ? 5.21345   2.79911   -16.23597 1.000 39.28180 ? 217 GLU A C   1 
ATOM   1268 O O   . GLU A 1 217 ? 5.10695   1.73590   -15.61518 1.000 38.86114 ? 217 GLU A O   1 
ATOM   1269 C CB  . GLU A 1 217 ? 3.65713   4.64167   -15.53195 1.000 36.76596 ? 217 GLU A CB  1 
ATOM   1270 C CG  . GLU A 1 217 ? 2.67162   3.63868   -14.89736 1.000 34.59760 ? 217 GLU A CG  1 
ATOM   1271 C CD  . GLU A 1 217 ? 1.31413   4.22899   -14.56507 1.000 36.87500 ? 217 GLU A CD  1 
ATOM   1272 O OE1 . GLU A 1 217 ? 0.56904   4.52239   -15.51931 1.000 35.57933 ? 217 GLU A OE1 1 
ATOM   1273 O OE2 . GLU A 1 217 ? 0.94319   4.33590   -13.37596 1.000 34.56431 ? 217 GLU A OE2 1 
ATOM   1274 N N   . LEU A 1 218 ? 5.43179   2.83266   -17.55703 1.000 40.05581 ? 218 LEU A N   1 
ATOM   1275 C CA  . LEU A 1 218 ? 5.59791   1.60146   -18.32964 1.000 34.91989 ? 218 LEU A CA  1 
ATOM   1276 C C   . LEU A 1 218 ? 6.69380   0.72178   -17.74481 1.000 38.14192 ? 218 LEU A C   1 
ATOM   1277 O O   . LEU A 1 218 ? 6.56416   -0.50907  -17.69564 1.000 35.15740 ? 218 LEU A O   1 
ATOM   1278 C CB  . LEU A 1 218 ? 5.94492   1.94260   -19.78471 1.000 45.02503 ? 218 LEU A CB  1 
ATOM   1279 C CG  . LEU A 1 218 ? 6.32455   0.74947   -20.66889 1.000 45.72257 ? 218 LEU A CG  1 
ATOM   1280 C CD1 . LEU A 1 218 ? 5.07897   -0.03153  -20.97422 1.000 40.95046 ? 218 LEU A CD1 1 
ATOM   1281 C CD2 . LEU A 1 218 ? 7.05390   1.13874   -21.95428 1.000 48.13673 ? 218 LEU A CD2 1 
ATOM   1282 N N   . GLU A 1 219 ? 7.79772   1.33714   -17.31717 1.000 34.40023 ? 219 GLU A N   1 
ATOM   1283 C CA  . GLU A 1 219 ? 8.91658   0.56697   -16.78222 1.000 39.94467 ? 219 GLU A CA  1 
ATOM   1284 C C   . GLU A 1 219 ? 8.62957   0.07384   -15.35859 1.000 33.84302 ? 219 GLU A C   1 
ATOM   1285 O O   . GLU A 1 219 ? 8.97996   -1.06008  -15.00847 1.000 36.03382 ? 219 GLU A O   1 
ATOM   1286 C CB  . GLU A 1 219 ? 10.17960  1.42203   -16.84710 1.000 39.30572 ? 219 GLU A CB  1 
ATOM   1287 C CG  . GLU A 1 219 ? 11.41515  0.81934   -16.23365 1.000 45.59761 ? 219 GLU A CG  1 
ATOM   1288 C CD  . GLU A 1 219 ? 12.45569  1.88128   -15.91966 1.000 56.48375 ? 219 GLU A CD  1 
ATOM   1289 O OE1 . GLU A 1 219 ? 13.65017  1.64520   -16.20655 1.000 64.55723 ? 219 GLU A OE1 1 
ATOM   1290 O OE2 . GLU A 1 219 ? 12.08136  2.95712   -15.39772 1.000 55.78230 ? 219 GLU A OE2 1 
ATOM   1291 N N   . LEU A 1 220 ? 7.98329   0.90340   -14.53446 1.000 31.12136 ? 220 LEU A N   1 
ATOM   1292 C CA  . LEU A 1 220 ? 7.43959   0.42715   -13.26223 1.000 28.37105 ? 220 LEU A CA  1 
ATOM   1293 C C   . LEU A 1 220 ? 6.57483   -0.80754  -13.46503 1.000 34.21430 ? 220 LEU A C   1 
ATOM   1294 O O   . LEU A 1 220 ? 6.78651   -1.84611  -12.83272 1.000 35.00795 ? 220 LEU A O   1 
ATOM   1295 C CB  . LEU A 1 220 ? 6.62394   1.53569   -12.60108 1.000 32.26559 ? 220 LEU A CB  1 
ATOM   1296 C CG  . LEU A 1 220 ? 6.02343   1.22660   -11.22520 1.000 31.62948 ? 220 LEU A CG  1 
ATOM   1297 C CD1 . LEU A 1 220 ? 7.02541   1.42412   -10.08159 1.000 31.90689 ? 220 LEU A CD1 1 
ATOM   1298 C CD2 . LEU A 1 220 ? 4.74544   2.03628   -11.02478 1.000 27.33615 ? 220 LEU A CD2 1 
ATOM   1299 N N   . VAL A 1 221 ? 5.60668   -0.72152  -14.37674 1.000 34.09624 ? 221 VAL A N   1 
ATOM   1300 C CA  . VAL A 1 221 ? 4.66381   -1.81803  -14.54796 1.000 26.96890 ? 221 VAL A CA  1 
ATOM   1301 C C   . VAL A 1 221 ? 5.37935   -3.08484  -15.01432 1.000 32.75012 ? 221 VAL A C   1 
ATOM   1302 O O   . VAL A 1 221 ? 5.11079   -4.18369  -14.51383 1.000 34.89715 ? 221 VAL A O   1 
ATOM   1303 C CB  . VAL A 1 221 ? 3.54960   -1.39365  -15.51799 1.000 31.41631 ? 221 VAL A CB  1 
ATOM   1304 C CG1 . VAL A 1 221 ? 2.78637   -2.59539  -15.98070 1.000 37.30662 ? 221 VAL A CG1 1 
ATOM   1305 C CG2 . VAL A 1 221 ? 2.62089   -0.39409  -14.84204 1.000 32.88866 ? 221 VAL A CG2 1 
ATOM   1306 N N   . ASN A 1 222 ? 6.30641   -2.95666  -15.96792 1.000 34.04720 ? 222 ASN A N   1 
ATOM   1307 C CA  . ASN A 1 222 ? 6.93573   -4.14566  -16.54628 1.000 35.10152 ? 222 ASN A CA  1 
ATOM   1308 C C   . ASN A 1 222 ? 8.08651   -4.68669  -15.69495 1.000 33.93402 ? 222 ASN A C   1 
ATOM   1309 O O   . ASN A 1 222 ? 8.33907   -5.89633  -15.70841 1.000 38.27646 ? 222 ASN A O   1 
ATOM   1310 C CB  . ASN A 1 222 ? 7.45167   -3.85224  -17.96757 1.000 36.45640 ? 222 ASN A CB  1 
ATOM   1311 C CG  . ASN A 1 222 ? 6.33355   -3.70925  -18.99665 1.000 36.32163 ? 222 ASN A CG  1 
ATOM   1312 O OD1 . ASN A 1 222 ? 5.15456   -3.92512  -18.70267 1.000 34.83491 ? 222 ASN A OD1 1 
ATOM   1313 N ND2 . ASN A 1 222 ? 6.70984   -3.36720  -20.22367 1.000 37.38447 ? 222 ASN A ND2 1 
ATOM   1314 N N   . HIS A 1 223 ? 8.81506   -3.83355  -14.97592 1.000 29.83006 ? 223 HIS A N   1 
ATOM   1315 C CA  . HIS A 1 223 ? 9.94524   -4.30435  -14.18784 1.000 38.95150 ? 223 HIS A CA  1 
ATOM   1316 C C   . HIS A 1 223 ? 9.70787   -4.30851  -12.68043 1.000 33.49970 ? 223 HIS A C   1 
ATOM   1317 O O   . HIS A 1 223 ? 10.56393  -4.81472  -11.95154 1.000 33.20430 ? 223 HIS A O   1 
ATOM   1318 C CB  . HIS A 1 223 ? 11.19777  -3.46987  -14.49977 1.000 40.76929 ? 223 HIS A CB  1 
ATOM   1319 C CG  . HIS A 1 223 ? 11.68284  -3.64491  -15.90557 1.000 44.15198 ? 223 HIS A CG  1 
ATOM   1320 N ND1 . HIS A 1 223 ? 11.90115  -4.88645  -16.46208 1.000 42.84745 ? 223 HIS A ND1 1 
ATOM   1321 C CD2 . HIS A 1 223 ? 11.94988  -2.74262  -16.87862 1.000 48.93415 ? 223 HIS A CD2 1 
ATOM   1322 C CE1 . HIS A 1 223 ? 12.28990  -4.74178  -17.71650 1.000 49.02659 ? 223 HIS A CE1 1 
ATOM   1323 N NE2 . HIS A 1 223 ? 12.33098  -3.45089  -17.99244 1.000 48.21973 ? 223 HIS A NE2 1 
ATOM   1324 N N   . TYR A 1 224 ? 8.58462   -3.77913  -12.19588 1.000 30.52359 ? 224 TYR A N   1 
ATOM   1325 C CA  . TYR A 1 224 ? 8.32580   -3.78386  -10.75569 1.000 31.73013 ? 224 TYR A CA  1 
ATOM   1326 C C   . TYR A 1 224 ? 6.97726   -4.43285  -10.43540 1.000 26.86076 ? 224 TYR A C   1 
ATOM   1327 O O   . TYR A 1 224 ? 6.94062   -5.41290  -9.67912  1.000 27.54617 ? 224 TYR A O   1 
ATOM   1328 C CB  . TYR A 1 224 ? 8.40887   -2.35311  -10.18765 1.000 27.28887 ? 224 TYR A CB  1 
ATOM   1329 C CG  . TYR A 1 224 ? 8.15462   -2.24683  -8.66901  1.000 27.84029 ? 224 TYR A CG  1 
ATOM   1330 C CD1 . TYR A 1 224 ? 9.16415   -2.54654  -7.76267  1.000 26.20699 ? 224 TYR A CD1 1 
ATOM   1331 C CD2 . TYR A 1 224 ? 6.92359   -1.79653  -8.15632  1.000 30.01578 ? 224 TYR A CD2 1 
ATOM   1332 C CE1 . TYR A 1 224 ? 8.95416   -2.45328  -6.37246  1.000 29.08677 ? 224 TYR A CE1 1 
ATOM   1333 C CE2 . TYR A 1 224 ? 6.70476   -1.70414  -6.76368  1.000 23.00730 ? 224 TYR A CE2 1 
ATOM   1334 C CZ  . TYR A 1 224 ? 7.73621   -2.02698  -5.88753  1.000 21.65071 ? 224 TYR A CZ  1 
ATOM   1335 O OH  . TYR A 1 224 ? 7.57404   -1.93535  -4.51276  1.000 23.45705 ? 224 TYR A OH  1 
ATOM   1336 N N   . ILE A 1 225 ? 5.87132   -3.92899  -11.01261 1.000 25.92383 ? 225 ILE A N   1 
ATOM   1337 C CA  . ILE A 1 225 ? 4.53524   -4.46997  -10.70251 1.000 23.85648 ? 225 ILE A CA  1 
ATOM   1338 C C   . ILE A 1 225 ? 4.38307   -5.91622  -11.18484 1.000 29.86120 ? 225 ILE A C   1 
ATOM   1339 O O   . ILE A 1 225 ? 4.06173   -6.81651  -10.39880 1.000 26.98203 ? 225 ILE A O   1 
ATOM   1340 C CB  . ILE A 1 225 ? 3.42476   -3.58049  -11.29052 1.000 25.80136 ? 225 ILE A CB  1 
ATOM   1341 C CG1 . ILE A 1 225 ? 3.44556   -2.17199  -10.68635 1.000 25.54317 ? 225 ILE A CG1 1 
ATOM   1342 C CG2 . ILE A 1 225 ? 2.07929   -4.21420  -11.06091 1.000 24.71340 ? 225 ILE A CG2 1 
ATOM   1343 C CD1 . ILE A 1 225 ? 3.31115   -2.17132  -9.13488  1.000 24.98317 ? 225 ILE A CD1 1 
ATOM   1344 N N   . SER A 1 226 ? 4.54243   -6.15725  -12.49771 1.000 27.95053 ? 226 SER A N   1 
ATOM   1345 C CA  . SER A 1 226 ? 4.26108   -7.49539  -13.02627 1.000 30.32829 ? 226 SER A CA  1 
ATOM   1346 C C   . SER A 1 226 ? 5.19910   -8.57082  -12.50439 1.000 25.72849 ? 226 SER A C   1 
ATOM   1347 O O   . SER A 1 226 ? 4.70242   -9.63880  -12.10854 1.000 35.03527 ? 226 SER A O   1 
ATOM   1348 C CB  . SER A 1 226 ? 4.26630   -7.50660  -14.56708 1.000 32.29072 ? 226 SER A CB  1 
ATOM   1349 O OG  . SER A 1 226 ? 3.16027   -6.79693  -15.08321 1.000 32.73000 ? 226 SER A OG  1 
ATOM   1350 N N   . PRO A 1 227 ? 6.52641   -8.39666  -12.49207 1.000 25.93905 ? 227 PRO A N   1 
ATOM   1351 C CA  . PRO A 1 227 ? 7.39373   -9.50994  -12.06514 1.000 26.32199 ? 227 PRO A CA  1 
ATOM   1352 C C   . PRO A 1 227 ? 7.23379   -9.88033  -10.59856 1.000 34.41645 ? 227 PRO A C   1 
ATOM   1353 O O   . PRO A 1 227 ? 7.52041   -11.02934 -10.23020 1.000 33.46551 ? 227 PRO A O   1 
ATOM   1354 C CB  . PRO A 1 227 ? 8.80622   -8.98259  -12.33687 1.000 28.89997 ? 227 PRO A CB  1 
ATOM   1355 C CG  . PRO A 1 227 ? 8.62738   -7.85903  -13.28236 1.000 31.24212 ? 227 PRO A CG  1 
ATOM   1356 C CD  . PRO A 1 227 ? 7.32496   -7.24107  -12.92336 1.000 29.40264 ? 227 PRO A CD  1 
ATOM   1357 N N   . ASN A 1 228 ? 6.79444   -8.94787  -9.75240  1.000 32.65499 ? 228 ASN A N   1 
ATOM   1358 C CA  . ASN A 1 228 ? 6.57854   -9.21029  -8.33200  1.000 27.68131 ? 228 ASN A CA  1 
ATOM   1359 C C   . ASN A 1 228 ? 5.14866   -9.59528  -7.98638  1.000 29.97978 ? 228 ASN A C   1 
ATOM   1360 O O   . ASN A 1 228 ? 4.86692   -9.84431  -6.80619  1.000 29.44693 ? 228 ASN A O   1 
ATOM   1361 C CB  . ASN A 1 228 ? 6.99398   -7.98888  -7.51114  1.000 23.51458 ? 228 ASN A CB  1 
ATOM   1362 C CG  . ASN A 1 228 ? 8.48331   -7.74646  -7.57888  1.000 38.52411 ? 228 ASN A CG  1 
ATOM   1363 O OD1 . ASN A 1 228 ? 9.26459   -8.62855  -7.22158  1.000 42.25870 ? 228 ASN A OD1 1 
ATOM   1364 N ND2 . ASN A 1 228 ? 8.89027   -6.55987  -8.02827  1.000 34.58787 ? 228 ASN A ND2 1 
ATOM   1365 N N   . ALA A 1 229 ? 4.24834   -9.64679  -8.97553  1.000 25.21138 ? 229 ALA A N   1 
ATOM   1366 C CA  . ALA A 1 229 ? 2.83188   -9.96251  -8.76022  1.000 27.44043 ? 229 ALA A CA  1 
ATOM   1367 C C   . ALA A 1 229 ? 2.16596   -9.00972  -7.74940  1.000 28.78926 ? 229 ALA A C   1 
ATOM   1368 O O   . ALA A 1 229 ? 1.34911   -9.42072  -6.92375  1.000 27.25994 ? 229 ALA A O   1 
ATOM   1369 C CB  . ALA A 1 229 ? 2.66405   -11.41930 -8.32978  1.000 31.19262 ? 229 ALA A CB  1 
ATOM   1370 N N   . TYR A 1 230 ? 2.49572   -7.73424  -7.82148  1.000 23.60940 ? 230 TYR A N   1 
ATOM   1371 C CA  . TYR A 1 230 ? 1.91377   -6.72277  -6.93954  1.000 23.88580 ? 230 TYR A CA  1 
ATOM   1372 C C   . TYR A 1 230 ? 0.58568   -6.20952  -7.50342  1.000 21.78093 ? 230 TYR A C   1 
ATOM   1373 O O   . TYR A 1 230 ? 0.38514   -6.21799  -8.71861  1.000 24.25904 ? 230 TYR A O   1 
ATOM   1374 C CB  . TYR A 1 230 ? 2.88195   -5.54656  -6.77604  1.000 22.29694 ? 230 TYR A CB  1 
ATOM   1375 C CG  . TYR A 1 230 ? 4.15953   -5.82844  -5.97738  1.000 23.93381 ? 230 TYR A CG  1 
ATOM   1376 C CD1 . TYR A 1 230 ? 4.24512   -6.89565  -5.08256  1.000 25.98177 ? 230 TYR A CD1 1 
ATOM   1377 C CD2 . TYR A 1 230 ? 5.25420   -5.00017  -6.10740  1.000 23.11994 ? 230 TYR A CD2 1 
ATOM   1378 C CE1 . TYR A 1 230 ? 5.41664   -7.11898  -4.32924  1.000 24.41373 ? 230 TYR A CE1 1 
ATOM   1379 C CE2 . TYR A 1 230 ? 6.40013   -5.20828  -5.37927  1.000 28.20838 ? 230 TYR A CE2 1 
ATOM   1380 C CZ  . TYR A 1 230 ? 6.47901   -6.25574  -4.49025  1.000 25.35959 ? 230 TYR A CZ  1 
ATOM   1381 O OH  . TYR A 1 230 ? 7.66211   -6.43693  -3.79630  1.000 29.93855 ? 230 TYR A OH  1 
ATOM   1382 N N   . PRO A 1 231 ? -0.33566  -5.74799  -6.64907  1.000 25.43492 ? 231 PRO A N   1 
ATOM   1383 C CA  . PRO A 1 231 ? -1.55364  -5.08639  -7.14341  1.000 17.91932 ? 231 PRO A CA  1 
ATOM   1384 C C   . PRO A 1 231 ? -1.26596  -3.66149  -7.58824  1.000 21.13324 ? 231 PRO A C   1 
ATOM   1385 O O   . PRO A 1 231 ? -0.45380  -2.94568  -6.98508  1.000 23.25655 ? 231 PRO A O   1 
ATOM   1386 C CB  . PRO A 1 231 ? -2.47879  -5.06130  -5.91957  1.000 19.16180 ? 231 PRO A CB  1 
ATOM   1387 C CG  . PRO A 1 231 ? -1.58592  -5.29622  -4.72078  1.000 27.73802 ? 231 PRO A CG  1 
ATOM   1388 C CD  . PRO A 1 231 ? -0.18811  -5.60735  -5.18897  1.000 24.64524 ? 231 PRO A CD  1 
ATOM   1389 N N   . TYR A 1 232 ? -1.97802  -3.22660  -8.62810  1.000 17.62035 ? 232 TYR A N   1 
ATOM   1390 C CA  . TYR A 1 232 ? -1.70772  -1.90116  -9.17235  1.000 21.74587 ? 232 TYR A CA  1 
ATOM   1391 C C   . TYR A 1 232 ? -2.87197  -1.44855  -10.04072 1.000 25.90778 ? 232 TYR A C   1 
ATOM   1392 O O   . TYR A 1 232 ? -3.67518  -2.25573  -10.51298 1.000 25.85398 ? 232 TYR A O   1 
ATOM   1393 C CB  . TYR A 1 232 ? -0.39460  -1.88070  -9.98420  1.000 22.88804 ? 232 TYR A CB  1 
ATOM   1394 C CG  . TYR A 1 232 ? 0.12402   -0.48432  -10.30881 1.000 25.20321 ? 232 TYR A CG  1 
ATOM   1395 C CD1 . TYR A 1 232 ? 0.47458   0.40763   -9.29400  1.000 21.52503 ? 232 TYR A CD1 1 
ATOM   1396 C CD2 . TYR A 1 232 ? 0.27604   -0.06461  -11.63514 1.000 25.32465 ? 232 TYR A CD2 1 
ATOM   1397 C CE1 . TYR A 1 232 ? 0.94340   1.68309   -9.59085  1.000 23.22783 ? 232 TYR A CE1 1 
ATOM   1398 C CE2 . TYR A 1 232 ? 0.76633   1.21707   -11.94157 1.000 24.67251 ? 232 TYR A CE2 1 
ATOM   1399 C CZ  . TYR A 1 232 ? 1.07627   2.08790   -10.91495 1.000 25.23377 ? 232 TYR A CZ  1 
ATOM   1400 O OH  . TYR A 1 232 ? 1.55584   3.35692   -11.19902 1.000 19.05484 ? 232 TYR A OH  1 
ATOM   1401 N N   . LEU A 1 233 ? -2.95030  -0.12750  -10.23637 1.000 27.10342 ? 233 LEU A N   1 
ATOM   1402 C CA  . LEU A 1 233 ? -3.91483  0.48389   -11.14872 1.000 24.46882 ? 233 LEU A CA  1 
ATOM   1403 C C   . LEU A 1 233 ? -3.14627  1.55684   -11.91406 1.000 27.02301 ? 233 LEU A C   1 
ATOM   1404 O O   . LEU A 1 233 ? -2.65394  2.50608   -11.29579 1.000 25.36906 ? 233 LEU A O   1 
ATOM   1405 C CB  . LEU A 1 233 ? -5.08246  1.08191   -10.35708 1.000 29.48750 ? 233 LEU A CB  1 
ATOM   1406 C CG  . LEU A 1 233 ? -6.54677  1.10340   -10.77972 1.000 41.08025 ? 233 LEU A CG  1 
ATOM   1407 C CD1 . LEU A 1 233 ? -6.94253  -0.09731  -11.62707 1.000 31.11023 ? 233 LEU A CD1 1 
ATOM   1408 C CD2 . LEU A 1 233 ? -7.42316  1.17255   -9.52442  1.000 38.27406 ? 233 LEU A CD2 1 
ATOM   1409 N N   . ASP A 1 234 ? -2.98164  1.39948   -13.23333 1.000 23.55160 ? 234 ASP A N   1 
ATOM   1410 C CA  . ASP A 1 234 ? -2.13987  2.33845   -13.96595 1.000 25.54457 ? 234 ASP A CA  1 
ATOM   1411 C C   . ASP A 1 234 ? -2.93931  3.55010   -14.46324 1.000 29.82636 ? 234 ASP A C   1 
ATOM   1412 O O   . ASP A 1 234 ? -4.12023  3.73265   -14.15119 1.000 27.59333 ? 234 ASP A O   1 
ATOM   1413 C CB  . ASP A 1 234 ? -1.37992  1.62835   -15.09001 1.000 25.32816 ? 234 ASP A CB  1 
ATOM   1414 C CG  . ASP A 1 234 ? -2.25938  1.25274   -16.30360 1.000 32.78484 ? 234 ASP A CG  1 
ATOM   1415 O OD1 . ASP A 1 234 ? -3.43412  1.67238   -16.40129 1.000 28.06820 ? 234 ASP A OD1 1 
ATOM   1416 O OD2 . ASP A 1 234 ? -1.76034  0.47748   -17.15465 1.000 34.92820 ? 234 ASP A OD2 1 
ATOM   1417 N N   . ILE A 1 235 ? -2.26746  4.39320   -15.25543 1.000 27.59121 ? 235 ILE A N   1 
ATOM   1418 C CA  . ILE A 1 235 ? -2.79271  5.68286   -15.69739 1.000 31.53392 ? 235 ILE A CA  1 
ATOM   1419 C C   . ILE A 1 235 ? -4.00838  5.50131   -16.59892 1.000 29.16557 ? 235 ILE A C   1 
ATOM   1420 O O   . ILE A 1 235 ? -4.87174  6.38724   -16.68276 1.000 33.66170 ? 235 ILE A O   1 
ATOM   1421 C CB  . ILE A 1 235 ? -1.66978  6.46165   -16.40881 1.000 32.78703 ? 235 ILE A CB  1 
ATOM   1422 C CG1 . ILE A 1 235 ? -2.06985  7.89768   -16.71335 1.000 46.28425 ? 235 ILE A CG1 1 
ATOM   1423 C CG2 . ILE A 1 235 ? -1.29236  5.79231   -17.70996 1.000 29.28647 ? 235 ILE A CG2 1 
ATOM   1424 C CD1 . ILE A 1 235 ? -0.98592  8.90093   -16.33445 1.000 44.13019 ? 235 ILE A CD1 1 
ATOM   1425 N N   . ASN A 1 236 ? -4.10051  4.36884   -17.28938 1.000 31.54459 ? 236 ASN A N   1 
ATOM   1426 C CA  . ASN A 1 236 ? -5.25623  4.07576   -18.12628 1.000 31.47616 ? 236 ASN A CA  1 
ATOM   1427 C C   . ASN A 1 236 ? -6.30584  3.25430   -17.39136 1.000 31.61593 ? 236 ASN A C   1 
ATOM   1428 O O   . ASN A 1 236 ? -7.20258  2.69401   -18.03027 1.000 29.45089 ? 236 ASN A O   1 
ATOM   1429 C CB  . ASN A 1 236 ? -4.81323  3.36766   -19.41466 1.000 27.44707 ? 236 ASN A CB  1 
ATOM   1430 C CG  . ASN A 1 236 ? -3.94266  4.25816   -20.29364 1.000 34.93595 ? 236 ASN A CG  1 
ATOM   1431 O OD1 . ASN A 1 236 ? -4.25812  5.43017   -20.50766 1.000 31.43770 ? 236 ASN A OD1 1 
ATOM   1432 N ND2 . ASN A 1 236 ? -2.84336  3.70429   -20.80807 1.000 32.78044 ? 236 ASN A ND2 1 
ATOM   1433 N N   . ASN A 1 237 ? -6.21133  3.16756   -16.06187 1.000 31.26825 ? 237 ASN A N   1 
ATOM   1434 C CA  . ASN A 1 237 ? -7.14251  2.41603   -15.22190 1.000 26.88360 ? 237 ASN A CA  1 
ATOM   1435 C C   . ASN A 1 237 ? -7.09836  0.91135   -15.47442 1.000 31.62494 ? 237 ASN A C   1 
ATOM   1436 O O   . ASN A 1 237 ? -8.09333  0.20998   -15.22390 1.000 30.84357 ? 237 ASN A O   1 
ATOM   1437 C CB  . ASN A 1 237 ? -8.58275  2.92357   -15.38380 1.000 34.17251 ? 237 ASN A CB  1 
ATOM   1438 C CG  . ASN A 1 237 ? -8.87395  4.14048   -14.52537 1.000 41.82946 ? 237 ASN A CG  1 
ATOM   1439 O OD1 . ASN A 1 237 ? -8.50601  4.19364   -13.34972 1.000 40.30407 ? 237 ASN A OD1 1 
ATOM   1440 N ND2 . ASN A 1 237 ? -9.52368  5.13154   -15.11675 1.000 38.98268 ? 237 ASN A ND2 1 
ATOM   1441 N N   . HIS A 1 238 ? -5.97753  0.39122   -15.96854 1.000 28.31557 ? 238 HIS A N   1 
ATOM   1442 C CA  . HIS A 1 238 ? -5.82069  -1.04567  -16.10293 1.000 25.42821 ? 238 HIS A CA  1 
ATOM   1443 C C   . HIS A 1 238 ? -5.36645  -1.61350  -14.76173 1.000 31.51429 ? 238 HIS A C   1 
ATOM   1444 O O   . HIS A 1 238 ? -4.50922  -1.03072  -14.08408 1.000 25.26267 ? 238 HIS A O   1 
ATOM   1445 C CB  . HIS A 1 238 ? -4.81370  -1.38194  -17.20643 1.000 28.07042 ? 238 HIS A CB  1 
ATOM   1446 C CG  . HIS A 1 238 ? -5.38617  -1.33449  -18.59476 1.000 42.81943 ? 238 HIS A CG  1 
ATOM   1447 N ND1 . HIS A 1 238 ? -6.16435  -0.28595  -19.04703 1.000 42.43108 ? 238 HIS A ND1 1 
ATOM   1448 C CD2 . HIS A 1 238 ? -5.30524  -2.21107  -19.62732 1.000 40.74910 ? 238 HIS A CD2 1 
ATOM   1449 C CE1 . HIS A 1 238 ? -6.52447  -0.51163  -20.29869 1.000 39.98638 ? 238 HIS A CE1 1 
ATOM   1450 N NE2 . HIS A 1 238 ? -6.01717  -1.67319  -20.67491 1.000 46.31712 ? 238 HIS A NE2 1 
ATOM   1451 N N   . SER A 1 239 ? -5.97253  -2.73974  -14.37345 1.000 29.84073 ? 239 SER A N   1 
ATOM   1452 C CA  . SER A 1 239 ? -5.69860  -3.40980  -13.11082 1.000 29.51240 ? 239 SER A CA  1 
ATOM   1453 C C   . SER A 1 239 ? -4.59110  -4.44088  -13.25748 1.000 27.95426 ? 239 SER A C   1 
ATOM   1454 O O   . SER A 1 239 ? -4.49095  -5.12666  -14.27737 1.000 27.23036 ? 239 SER A O   1 
ATOM   1455 C CB  . SER A 1 239 ? -6.95335  -4.11084  -12.59951 1.000 29.99784 ? 239 SER A CB  1 
ATOM   1456 O OG  . SER A 1 239 ? -7.87105  -3.16608  -12.10474 1.000 32.46608 ? 239 SER A OG  1 
ATOM   1457 N N   . TYR A 1 240 ? -3.78945  -4.58630  -12.20933 1.000 28.10286 ? 240 TYR A N   1 
ATOM   1458 C CA  . TYR A 1 240 ? -2.75289  -5.60706  -12.17452 1.000 26.79031 ? 240 TYR A CA  1 
ATOM   1459 C C   . TYR A 1 240 ? -2.80327  -6.33964  -10.84493 1.000 26.60921 ? 240 TYR A C   1 
ATOM   1460 O O   . TYR A 1 240 ? -3.28424  -5.82245  -9.83209  1.000 24.57170 ? 240 TYR A O   1 
ATOM   1461 C CB  . TYR A 1 240 ? -1.34800  -5.02489  -12.36880 1.000 26.70622 ? 240 TYR A CB  1 
ATOM   1462 C CG  . TYR A 1 240 ? -1.17123  -4.16032  -13.59354 1.000 30.38863 ? 240 TYR A CG  1 
ATOM   1463 C CD1 . TYR A 1 240 ? -1.73919  -2.89106  -13.67609 1.000 27.76971 ? 240 TYR A CD1 1 
ATOM   1464 C CD2 . TYR A 1 240 ? -0.42109  -4.61687  -14.67346 1.000 34.46085 ? 240 TYR A CD2 1 
ATOM   1465 C CE1 . TYR A 1 240 ? -1.56997  -2.10849  -14.79977 1.000 28.11248 ? 240 TYR A CE1 1 
ATOM   1466 C CE2 . TYR A 1 240 ? -0.26208  -3.84508  -15.80884 1.000 33.04996 ? 240 TYR A CE2 1 
ATOM   1467 C CZ  . TYR A 1 240 ? -0.82748  -2.59152  -15.86634 1.000 32.74922 ? 240 TYR A CZ  1 
ATOM   1468 O OH  . TYR A 1 240 ? -0.63808  -1.81862  -17.00210 1.000 34.57021 ? 240 TYR A OH  1 
ATOM   1469 N N   . GLY A 1 241 ? -2.26672  -7.54655  -10.84830 1.000 25.17983 ? 241 GLY A N   1 
ATOM   1470 C CA  . GLY A 1 241 ? -2.26072  -8.31475  -9.62426  1.000 27.71162 ? 241 GLY A CA  1 
ATOM   1471 C C   . GLY A 1 241 ? -2.54191  -9.76608  -9.93997  1.000 35.76132 ? 241 GLY A C   1 
ATOM   1472 O O   . GLY A 1 241 ? -2.81245  -10.13026 -11.09143 1.000 28.53505 ? 241 GLY A O   1 
ATOM   1473 N N   . VAL A 1 242 ? -2.47261  -10.61423 -8.93034  1.000 27.81990 ? 242 VAL A N   1 
ATOM   1474 C CA  . VAL A 1 242 ? -2.59787  -12.04716 -9.14997  1.000 35.30753 ? 242 VAL A CA  1 
ATOM   1475 C C   . VAL A 1 242 ? -3.56740  -12.56423 -8.10445  1.000 35.18697 ? 242 VAL A C   1 
ATOM   1476 O O   . VAL A 1 242 ? -3.33720  -12.38131 -6.90595  1.000 32.18277 ? 242 VAL A O   1 
ATOM   1477 C CB  . VAL A 1 242 ? -1.23437  -12.75896 -9.06289  1.000 34.17724 ? 242 VAL A CB  1 
ATOM   1478 C CG1 . VAL A 1 242 ? -1.41652  -14.26824 -8.93577  1.000 38.69792 ? 242 VAL A CG1 1 
ATOM   1479 C CG2 . VAL A 1 242 ? -0.36299  -12.40169 -10.26821 1.000 33.73953 ? 242 VAL A CG2 1 
ATOM   1480 N N   . ALA A 1 243 ? -4.66428  -13.17296 -8.55357  1.000 39.02101 ? 243 ALA A N   1 
ATOM   1481 C CA  . ALA A 1 243 ? -5.67108  -13.67550 -7.63279  1.000 42.23431 ? 243 ALA A CA  1 
ATOM   1482 C C   . ALA A 1 243 ? -5.25043  -15.02915 -7.06615  1.000 50.49972 ? 243 ALA A C   1 
ATOM   1483 O O   . ALA A 1 243 ? -4.66170  -15.85849 -7.76645  1.000 47.11263 ? 243 ALA A O   1 
ATOM   1484 C CB  . ALA A 1 243 ? -7.02537  -13.78468 -8.33170  1.000 40.95179 ? 243 ALA A CB  1 
ATOM   1485 N N   . LEU A 1 244 ? -5.52510  -15.23219 -5.78076  1.000 46.03509 ? 244 LEU A N   1 
ATOM   1486 C CA  . LEU A 1 244 ? -5.24708  -16.50666 -5.13445  1.000 52.31189 ? 244 LEU A CA  1 
ATOM   1487 C C   . LEU A 1 244 ? -6.24965  -17.56714 -5.57795  1.000 48.96655 ? 244 LEU A C   1 
ATOM   1488 O O   . LEU A 1 244 ? -5.86269  -18.63732 -6.04709  1.000 51.96216 ? 244 LEU A O   1 
ATOM   1489 C CB  . LEU A 1 244 ? -5.27917  -16.35335 -3.61640  1.000 47.78635 ? 244 LEU A CB  1 
ATOM   1490 C CG  . LEU A 1 244 ? -3.95592  -16.46226 -2.85585  1.000 55.08489 ? 244 LEU A CG  1 
ATOM   1491 C CD1 . LEU A 1 244 ? -3.06108  -15.25482 -3.09095  1.000 51.91447 ? 244 LEU A CD1 1 
ATOM   1492 C CD2 . LEU A 1 244 ? -4.23847  -16.63508 -1.36411  1.000 50.66133 ? 244 LEU A CD2 1 
HETATM 1493 O O   . HOH B 2 .   ? -5.75380  1.67846   15.72630  1.000 28.96632 ? 301 HOH A O   1 
HETATM 1494 O O   . HOH B 2 .   ? -2.43812  -8.72931  -3.88366  1.000 23.79979 ? 302 HOH A O   1 
HETATM 1495 O O   . HOH B 2 .   ? -9.93959  -3.52571  -10.63138 1.000 30.12619 ? 303 HOH A O   1 
HETATM 1496 O O   . HOH B 2 .   ? 1.40475   -1.85689  -5.31651  1.000 22.47278 ? 304 HOH A O   1 
HETATM 1497 O O   . HOH B 2 .   ? 1.85947   33.46436  10.24059  1.000 27.92476 ? 305 HOH A O   1 
HETATM 1498 O O   . HOH B 2 .   ? 4.83323   -3.51072  12.15859  1.000 29.84349 ? 306 HOH A O   1 
HETATM 1499 O O   . HOH B 2 .   ? -12.15175 -9.11216  -11.91602 1.000 42.92536 ? 307 HOH A O   1 
HETATM 1500 O O   . HOH B 2 .   ? -2.94367  -6.59977  14.21263  1.000 28.91172 ? 308 HOH A O   1 
HETATM 1501 O O   . HOH B 2 .   ? -0.30387  -9.50217  10.94542  1.000 25.44511 ? 309 HOH A O   1 
HETATM 1502 O O   . HOH B 2 .   ? -7.68774  12.57182  1.26799   1.000 40.27700 ? 310 HOH A O   1 
HETATM 1503 O O   . HOH B 2 .   ? -11.21009 -3.90762  5.27723   1.000 27.07367 ? 311 HOH A O   1 
HETATM 1504 O O   . HOH B 2 .   ? 8.82977   -4.03139  -3.02509  1.000 24.97956 ? 312 HOH A O   1 
HETATM 1505 O O   . HOH B 2 .   ? 7.93814   12.24422  7.84343   1.000 29.07226 ? 313 HOH A O   1 
HETATM 1506 O O   . HOH B 2 .   ? -7.82083  4.70243   -7.14097  1.000 32.64198 ? 314 HOH A O   1 
HETATM 1507 O O   . HOH B 2 .   ? -8.93880  -12.50247 9.26563   1.000 40.49584 ? 315 HOH A O   1 
HETATM 1508 O O   . HOH B 2 .   ? -5.23376  7.69247   2.15487   1.000 25.56486 ? 316 HOH A O   1 
HETATM 1509 O O   . HOH B 2 .   ? 6.88500   -9.18897  13.22613  1.000 25.56631 ? 317 HOH A O   1 
HETATM 1510 O O   . HOH B 2 .   ? -1.29620  -11.05937 4.00240   1.000 31.03608 ? 318 HOH A O   1 
HETATM 1511 O O   . HOH B 2 .   ? 1.16673   -7.67496  -10.94429 1.000 26.25369 ? 319 HOH A O   1 
HETATM 1512 O O   . HOH B 2 .   ? 5.07256   7.54835   -17.06055 1.000 41.47857 ? 320 HOH A O   1 
HETATM 1513 O O   . HOH B 2 .   ? -4.46771  -15.36880 13.57981  1.000 31.68379 ? 321 HOH A O   1 
HETATM 1514 O O   . HOH B 2 .   ? 9.64440   1.25649   9.63194   1.000 42.11440 ? 322 HOH A O   1 
HETATM 1515 O O   . HOH B 2 .   ? -1.42081  -9.19796  -6.57395  1.000 31.30733 ? 323 HOH A O   1 
HETATM 1516 O O   . HOH B 2 .   ? -10.26351 4.49492   7.30859   1.000 23.80416 ? 324 HOH A O   1 
HETATM 1517 O O   . HOH B 2 .   ? 8.19769   -0.01970  11.53941  1.000 28.18144 ? 325 HOH A O   1 
HETATM 1518 O O   . HOH B 2 .   ? 5.16735   -11.93833 16.37164  1.000 26.40227 ? 326 HOH A O   1 
HETATM 1519 O O   . HOH B 2 .   ? 7.08419   -9.97407  16.16261  1.000 22.33857 ? 327 HOH A O   1 
HETATM 1520 O O   . HOH B 2 .   ? -14.25834 -0.21878  -4.73989  1.000 34.19028 ? 328 HOH A O   1 
HETATM 1521 O O   . HOH B 2 .   ? 6.96061   -7.51886  10.96654  1.000 23.83542 ? 329 HOH A O   1 
HETATM 1522 O O   . HOH B 2 .   ? -9.05076  4.82361   10.81030  1.000 25.17619 ? 330 HOH A O   1 
HETATM 1523 O O   . HOH B 2 .   ? 15.35500  2.58981   -7.93826  1.000 37.54905 ? 331 HOH A O   1 
HETATM 1524 O O   . HOH B 2 .   ? 5.48681   -1.13801  11.49271  1.000 34.34382 ? 332 HOH A O   1 
HETATM 1525 O O   . HOH B 2 .   ? 1.91028   -12.91214 4.54305   1.000 31.81907 ? 333 HOH A O   1 
HETATM 1526 O O   . HOH B 2 .   ? -9.17719  4.70457   15.04239  1.000 33.41325 ? 334 HOH A O   1 
HETATM 1527 O O   . HOH B 2 .   ? -8.41498  -4.52703  12.30915  1.000 34.32088 ? 335 HOH A O   1 
HETATM 1528 O O   . HOH B 2 .   ? 5.36158   0.33958   9.64118   1.000 27.16399 ? 336 HOH A O   1 
HETATM 1529 O O   . HOH B 2 .   ? -13.36559 6.74999   5.70539   1.000 27.13788 ? 337 HOH A O   1 
HETATM 1530 O O   . HOH B 2 .   ? 15.40089  0.08981   -1.16791  1.000 37.98871 ? 338 HOH A O   1 
HETATM 1531 O O   . HOH B 2 .   ? -4.79146  13.65242  5.52883   1.000 33.48872 ? 339 HOH A O   1 
HETATM 1532 O O   . HOH B 2 .   ? -9.10336  6.10110   -5.11272  1.000 30.75012 ? 340 HOH A O   1 
HETATM 1533 O O   . HOH B 2 .   ? -3.01125  -9.86368  1.98171   1.000 30.12211 ? 341 HOH A O   1 
# 
